data_7SCK
#
_entry.id   7SCK
#
_cell.length_a   1.00
_cell.length_b   1.00
_cell.length_c   1.00
_cell.angle_alpha   90.00
_cell.angle_beta   90.00
_cell.angle_gamma   90.00
#
_symmetry.space_group_name_H-M   'P 1'
#
loop_
_entity.id
_entity.type
_entity.pdbx_description
1 polymer Exostosin-1
2 polymer Exostosin-2
3 branched beta-D-mannopyranose-(1-4)-2-acetamido-2-deoxy-beta-D-glucopyranose-(1-4)-2-acetamido-2-deoxy-beta-D-glucopyranose
4 branched 'beta-D-glucopyranuronic acid-(1-4)-2-acetamido-2-deoxy-alpha-D-glucopyranose-(1-4)-beta-D-glucopyranuronic acid-(1-4)-2-acetamido-2-deoxy-alpha-D-glucopyranose'
5 non-polymer "URIDINE-5'-DIPHOSPHATE"
6 non-polymer 2-acetamido-2-deoxy-beta-D-glucopyranose
7 non-polymer 'MANGANESE (II) ION'
#
loop_
_entity_poly.entity_id
_entity_poly.type
_entity_poly.pdbx_seq_one_letter_code
_entity_poly.pdbx_strand_id
1 'polypeptide(L)'
;GFRASRSHSRREEHSGRNGLHHPSPDHFWPRFPDALRPFVPWDQLENEDSSVHISPRQKRDANSSIYKGKKCRMESCFDF
TLCKKNGFKVYVYPQQKGEKIAESYQNILAAIEGSRFYTSDPSQACLFVLSLDTLDRDQLSPQYVHNLRSKVQSLHLWNN
GRNHLIFNLYSGTWPDYTEDVGFDIGQAMLAKASISTENFRPNFDVSIPLFSKDHPRTGGERGFLKFNTIPPLRKYMLVF
KGKRYLTGIGSDTRNALYHVHNGEDVVLLTTCKHGKDWQKHKDSRCDRDNTEYEKYDYREMLHNATFCLVPRGRRLGSFR
FLEALQAACVPVMLSNGWELPFSEVINWNQAAVIGDERLLLQIPSTIRSIHQDKILALRQQTQFLWEAYFSSVEKIVLTT
LEIIQDRIFKHISRNSLIWNKHPGGLFVLPQYSSYLGDFPYYYANLGLKPPSKFTAVIHAVTPLVSQSQPVLKLLVAAAK
SQYCAQIIVLWNCDKPLPAKHRWPATAVPVVVIEGESKVMSSRFLPYDNIITDAVLSLDEDTVLSTTEVDFAFTVWQSFP
ERIVGYPARSHFWDNSKERWGYTSKWTNDYSMVLTGAAIYHKYYHYLYSHYLPASLKNMVDQLANCEDILMNFLVSAVTK
LPPIKVTQKKQYKETMMGQTSRASRWADPDHFAQRQSCMNTFASWFGYMPLIHSQMRLDPVLFKDQVSILRKKYRDIERL
;
A
2 'polypeptide(L)'
;GWPHSIESSNDWNVEKRSIRDVPVVRLPADSPIPERGDLSCRMHTCFDVYRCGFNPKNKIKVYIYALKKYVDDFGVSVSN
TISREYNELLMAISDSDYYTDDINRACLFVPSIDVLNQNTLRIKETAQAMAQLSRWDRGTNHLLFNMLPGGPPDYNTALD
VPRDRALLAGGGFSTWTYRQGYDVSIPVYSPLSAEVDLPEKGPGPRQYFLLSSQVGLHPEYREDLEALQVKHGESVLVLD
KCTNLSEGVLSVRKRCHKHQVFDYPQVLQEATFCVVLRGARLGQAVLSDVLQAGCVPVVIADSYILPFSEVLDWKRASVV
VPEEKMSDVYSILQSIPQRQIEEMQRQARWFWEAYFQSIKAIALATLQIINDRIYPYAAISYEEWNDPPAVKWGSVSNPL
FLPLIPPQSQGFTAIVLTYDRVESLFRVITEVSKVPSLSKLLVVWNNQNKNPPEDSLWPKIRVPLKVVRTAENKLSNRFF
PYDEIETEAVLAIDDDIIMLTSDELQFGYEVWREFPDRLVGYPGRLHLWDHEMNKWKYESEWTNEVSMVLTGAAFYHKYF
NYLYTYKMPGDIKNWVDAHMNCEDIAMNFLVANVTGKAVIKVTPRKKFKCPECTAIDGLSLDQTHMVERSECINKFASVF
GTMPLKVVEHRADPVLYKDDFPEKLKSFPNIGSL
;
B
#
loop_
_chem_comp.id
_chem_comp.type
_chem_comp.name
_chem_comp.formula
BDP D-saccharide, beta linking 'beta-D-glucopyranuronic acid' 'C6 H10 O7'
BMA D-saccharide, beta linking beta-D-mannopyranose 'C6 H12 O6'
MN non-polymer 'MANGANESE (II) ION' 'Mn 2'
NAG D-saccharide, beta linking 2-acetamido-2-deoxy-beta-D-glucopyranose 'C8 H15 N O6'
NDG D-saccharide, alpha linking 2-acetamido-2-deoxy-alpha-D-glucopyranose 'C8 H15 N O6'
UDP RNA linking URIDINE-5'-DIPHOSPHATE 'C9 H14 N2 O12 P2'
#
# COMPACT_ATOMS: atom_id res chain seq x y z
N SER A 64 -22.32 1.97 28.84
CA SER A 64 -20.95 1.68 29.23
C SER A 64 -20.90 0.80 30.47
N SER A 65 -21.97 0.84 31.26
CA SER A 65 -22.03 0.02 32.47
C SER A 65 -22.33 -1.44 32.13
N ILE A 66 -23.12 -1.67 31.07
CA ILE A 66 -23.46 -3.05 30.70
C ILE A 66 -22.26 -3.77 30.12
N TYR A 67 -21.46 -3.10 29.30
CA TYR A 67 -20.40 -3.72 28.52
C TYR A 67 -19.01 -3.30 29.00
N LYS A 68 -18.81 -3.16 30.31
CA LYS A 68 -17.50 -2.82 30.84
C LYS A 68 -16.73 -4.06 31.31
N GLY A 69 -16.61 -5.05 30.43
CA GLY A 69 -15.94 -6.28 30.81
C GLY A 69 -15.17 -6.94 29.69
N LYS A 70 -15.44 -8.23 29.47
CA LYS A 70 -14.87 -8.94 28.35
C LYS A 70 -15.32 -8.35 27.02
N LYS A 71 -16.44 -7.63 27.01
CA LYS A 71 -16.97 -6.98 25.81
C LYS A 71 -16.49 -5.53 25.70
N CYS A 72 -15.33 -5.21 26.23
CA CYS A 72 -14.86 -3.83 26.23
C CYS A 72 -14.54 -3.36 24.83
N ARG A 73 -14.85 -2.09 24.56
CA ARG A 73 -14.57 -1.44 23.30
C ARG A 73 -13.89 -0.11 23.57
N MET A 74 -13.35 0.49 22.51
CA MET A 74 -12.65 1.77 22.66
C MET A 74 -13.60 2.91 22.99
N GLU A 75 -14.89 2.78 22.68
CA GLU A 75 -15.83 3.86 23.00
C GLU A 75 -16.45 3.71 24.39
N SER A 76 -16.24 2.59 25.07
CA SER A 76 -16.72 2.40 26.43
C SER A 76 -15.58 2.29 27.44
N CYS A 77 -14.65 1.38 27.24
CA CYS A 77 -13.54 1.19 28.17
C CYS A 77 -12.30 1.97 27.74
N PHE A 78 -12.50 3.26 27.44
CA PHE A 78 -11.41 4.14 27.05
C PHE A 78 -11.88 5.58 27.15
N ASP A 79 -11.15 6.41 27.90
CA ASP A 79 -11.55 7.81 28.13
C ASP A 79 -10.96 8.66 27.01
N PHE A 80 -11.82 9.14 26.11
CA PHE A 80 -11.34 9.93 24.98
C PHE A 80 -10.87 11.31 25.40
N THR A 81 -11.42 11.84 26.50
CA THR A 81 -11.16 13.22 26.90
C THR A 81 -9.72 13.45 27.33
N LEU A 82 -8.93 12.41 27.56
CA LEU A 82 -7.57 12.60 28.03
C LEU A 82 -6.63 13.07 26.91
N CYS A 83 -6.86 12.66 25.66
CA CYS A 83 -6.04 13.16 24.56
C CYS A 83 -6.51 14.54 24.11
N LYS A 84 -7.75 14.61 23.62
CA LYS A 84 -8.51 15.86 23.39
C LYS A 84 -7.69 16.93 22.66
N LYS A 85 -6.68 16.52 21.90
CA LYS A 85 -5.84 17.47 21.18
C LYS A 85 -5.01 16.70 20.17
N ASN A 86 -4.27 17.44 19.35
CA ASN A 86 -3.35 16.82 18.42
C ASN A 86 -2.22 16.07 19.14
N GLY A 87 -1.99 16.40 20.41
CA GLY A 87 -1.00 15.68 21.19
C GLY A 87 -1.52 14.39 21.77
N PHE A 88 -1.09 13.26 21.19
CA PHE A 88 -1.45 11.93 21.67
C PHE A 88 -0.19 11.31 22.26
N LYS A 89 -0.11 11.27 23.57
CA LYS A 89 1.10 10.87 24.27
C LYS A 89 0.88 9.57 25.05
N VAL A 90 1.97 8.83 25.23
CA VAL A 90 1.96 7.55 25.93
C VAL A 90 2.93 7.64 27.09
N TYR A 91 2.49 7.18 28.26
CA TYR A 91 3.27 7.25 29.49
C TYR A 91 3.69 5.85 29.92
N VAL A 92 4.92 5.72 30.40
CA VAL A 92 5.49 4.46 30.85
C VAL A 92 5.82 4.57 32.32
N TYR A 93 5.36 3.61 33.11
CA TYR A 93 5.58 3.65 34.55
C TYR A 93 7.07 3.50 34.85
N PRO A 94 7.54 4.11 35.94
CA PRO A 94 8.94 3.94 36.32
C PRO A 94 9.24 2.51 36.78
N GLN A 95 10.49 2.11 36.60
CA GLN A 95 10.96 0.79 37.01
C GLN A 95 11.48 0.85 38.45
N GLN A 96 11.27 -0.24 39.18
CA GLN A 96 11.47 -0.27 40.62
C GLN A 96 12.86 -0.75 41.03
N LYS A 97 13.72 -1.12 40.09
CA LYS A 97 15.09 -1.56 40.37
C LYS A 97 15.12 -2.76 41.32
N GLY A 98 14.07 -3.59 41.30
CA GLY A 98 14.02 -4.74 42.16
C GLY A 98 13.36 -5.95 41.54
N GLU A 99 13.06 -5.87 40.25
CA GLU A 99 12.38 -6.95 39.55
C GLU A 99 13.17 -7.35 38.31
N LYS A 100 13.25 -8.65 38.07
CA LYS A 100 13.84 -9.14 36.83
C LYS A 100 12.96 -8.74 35.66
N ILE A 101 13.60 -8.29 34.57
CA ILE A 101 12.90 -7.85 33.38
C ILE A 101 13.47 -8.60 32.18
N ALA A 102 12.59 -9.19 31.39
CA ALA A 102 13.06 -9.86 30.18
C ALA A 102 13.53 -8.83 29.16
N GLU A 103 14.44 -9.27 28.29
CA GLU A 103 15.02 -8.37 27.31
C GLU A 103 13.99 -7.93 26.28
N SER A 104 12.99 -8.77 26.00
CA SER A 104 11.99 -8.41 24.99
C SER A 104 11.07 -7.30 25.49
N TYR A 105 10.58 -7.40 26.72
CA TYR A 105 9.77 -6.33 27.27
C TYR A 105 10.58 -5.06 27.47
N GLN A 106 11.87 -5.20 27.78
CA GLN A 106 12.73 -4.03 27.87
C GLN A 106 12.89 -3.37 26.52
N ASN A 107 12.99 -4.17 25.46
CA ASN A 107 13.07 -3.61 24.11
C ASN A 107 11.78 -2.87 23.75
N ILE A 108 10.63 -3.45 24.12
CA ILE A 108 9.36 -2.77 23.87
C ILE A 108 9.31 -1.44 24.61
N LEU A 109 9.72 -1.44 25.88
CA LEU A 109 9.72 -0.22 26.68
C LEU A 109 10.67 0.83 26.10
N ALA A 110 11.86 0.40 25.67
CA ALA A 110 12.81 1.34 25.10
C ALA A 110 12.29 1.91 23.79
N ALA A 111 11.60 1.10 22.99
CA ALA A 111 11.03 1.58 21.75
C ALA A 111 9.94 2.62 22.00
N ILE A 112 9.10 2.40 23.02
CA ILE A 112 8.10 3.39 23.36
C ILE A 112 8.75 4.66 23.89
N GLU A 113 9.75 4.53 24.76
CA GLU A 113 10.38 5.70 25.37
C GLU A 113 11.12 6.54 24.34
N GLY A 114 11.76 5.91 23.37
CA GLY A 114 12.42 6.64 22.31
C GLY A 114 11.51 7.17 21.24
N SER A 115 10.22 6.89 21.32
CA SER A 115 9.27 7.32 20.31
C SER A 115 8.84 8.77 20.55
N ARG A 116 8.09 9.30 19.58
CA ARG A 116 7.48 10.62 19.70
C ARG A 116 6.21 10.61 20.53
N PHE A 117 5.68 9.43 20.87
CA PHE A 117 4.50 9.31 21.71
C PHE A 117 4.82 9.32 23.20
N TYR A 118 6.09 9.41 23.58
CA TYR A 118 6.51 9.25 24.97
C TYR A 118 6.50 10.60 25.69
N THR A 119 5.90 10.61 26.88
CA THR A 119 5.93 11.77 27.76
C THR A 119 6.14 11.28 29.18
N SER A 120 6.66 12.18 30.02
CA SER A 120 6.96 11.86 31.41
C SER A 120 5.88 12.32 32.37
N ASP A 121 4.80 12.93 31.87
CA ASP A 121 3.76 13.49 32.72
C ASP A 121 2.52 12.61 32.67
N PRO A 122 2.16 11.94 33.76
CA PRO A 122 0.93 11.13 33.74
C PRO A 122 -0.34 11.92 33.49
N SER A 123 -0.33 13.23 33.78
CA SER A 123 -1.53 14.03 33.56
C SER A 123 -1.77 14.28 32.08
N GLN A 124 -0.71 14.53 31.32
CA GLN A 124 -0.88 14.90 29.91
C GLN A 124 -1.20 13.69 29.04
N ALA A 125 -0.63 12.54 29.35
CA ALA A 125 -0.75 11.37 28.48
C ALA A 125 -2.17 10.79 28.55
N CYS A 126 -2.53 10.05 27.50
CA CYS A 126 -3.77 9.29 27.48
C CYS A 126 -3.54 7.82 27.15
N LEU A 127 -2.31 7.33 27.36
CA LEU A 127 -2.00 5.91 27.20
C LEU A 127 -0.89 5.57 28.17
N PHE A 128 -1.12 4.58 29.03
CA PHE A 128 -0.16 4.21 30.06
C PHE A 128 0.39 2.81 29.79
N VAL A 129 1.69 2.66 29.97
CA VAL A 129 2.38 1.39 29.75
C VAL A 129 3.00 0.93 31.06
N LEU A 130 2.69 -0.29 31.47
CA LEU A 130 3.24 -0.84 32.70
C LEU A 130 4.72 -1.15 32.52
N SER A 131 5.46 -1.00 33.63
CA SER A 131 6.87 -1.40 33.67
C SER A 131 7.04 -2.82 34.16
N LEU A 132 5.98 -3.46 34.65
CA LEU A 132 6.03 -4.86 35.04
C LEU A 132 6.01 -5.73 33.78
N ASP A 133 6.75 -6.83 33.83
CA ASP A 133 6.89 -7.72 32.68
C ASP A 133 5.65 -8.59 32.58
N THR A 134 4.78 -8.27 31.63
CA THR A 134 3.60 -9.08 31.34
C THR A 134 3.75 -9.90 30.06
N LEU A 135 4.97 -10.01 29.53
CA LEU A 135 5.17 -10.71 28.26
C LEU A 135 4.90 -12.20 28.40
N ASP A 136 5.46 -12.82 29.44
CA ASP A 136 5.34 -14.25 29.65
C ASP A 136 4.48 -14.50 30.88
N ARG A 137 3.37 -15.20 30.70
CA ARG A 137 2.48 -15.55 31.79
C ARG A 137 2.47 -17.05 32.06
N ASP A 138 3.40 -17.79 31.46
CA ASP A 138 3.51 -19.22 31.73
C ASP A 138 4.20 -19.43 33.07
N GLN A 139 3.49 -20.06 34.01
CA GLN A 139 4.02 -20.22 35.36
C GLN A 139 5.32 -21.01 35.35
N LEU A 140 5.49 -21.91 34.40
CA LEU A 140 6.71 -22.71 34.32
C LEU A 140 7.85 -21.98 33.63
N SER A 141 7.60 -20.80 33.04
CA SER A 141 8.64 -20.08 32.33
C SER A 141 9.59 -19.39 33.31
N PRO A 142 10.88 -19.32 32.96
CA PRO A 142 11.84 -18.66 33.86
C PRO A 142 11.64 -17.15 33.98
N GLN A 143 10.98 -16.51 33.01
CA GLN A 143 10.79 -15.07 33.00
C GLN A 143 9.43 -14.66 33.57
N TYR A 144 8.64 -15.62 34.06
CA TYR A 144 7.40 -15.30 34.73
C TYR A 144 7.67 -14.59 36.05
N VAL A 145 6.89 -13.55 36.34
CA VAL A 145 7.05 -12.77 37.56
C VAL A 145 5.87 -13.09 38.46
N HIS A 146 6.18 -13.47 39.70
CA HIS A 146 5.16 -13.91 40.65
C HIS A 146 4.56 -12.71 41.37
N ASN A 147 3.35 -12.92 41.88
CA ASN A 147 2.62 -11.91 42.66
C ASN A 147 2.48 -10.62 41.86
N LEU A 148 1.81 -10.74 40.71
CA LEU A 148 1.59 -9.60 39.83
C LEU A 148 0.24 -8.96 40.02
N ARG A 149 -0.78 -9.71 40.45
CA ARG A 149 -2.11 -9.14 40.65
C ARG A 149 -2.08 -8.08 41.73
N SER A 150 -1.54 -8.43 42.90
CA SER A 150 -1.43 -7.44 43.99
C SER A 150 -0.42 -6.36 43.66
N LYS A 151 0.59 -6.67 42.85
CA LYS A 151 1.61 -5.69 42.53
C LYS A 151 1.10 -4.65 41.54
N VAL A 152 0.13 -4.99 40.71
CA VAL A 152 -0.45 -4.02 39.79
C VAL A 152 -1.67 -3.33 40.40
N GLN A 153 -2.40 -4.01 41.28
CA GLN A 153 -3.52 -3.36 41.96
C GLN A 153 -3.05 -2.28 42.93
N SER A 154 -1.81 -2.36 43.39
CA SER A 154 -1.26 -1.35 44.30
C SER A 154 -0.77 -0.11 43.59
N LEU A 155 -0.77 -0.10 42.24
CA LEU A 155 -0.34 1.07 41.51
C LEU A 155 -1.39 2.18 41.59
N HIS A 156 -0.92 3.41 41.83
CA HIS A 156 -1.83 4.53 42.03
C HIS A 156 -2.49 4.96 40.73
N LEU A 157 -1.80 4.81 39.60
CA LEU A 157 -2.28 5.28 38.31
C LEU A 157 -3.08 4.23 37.57
N TRP A 158 -3.35 3.08 38.19
CA TRP A 158 -3.98 1.97 37.48
C TRP A 158 -5.37 2.35 36.99
N ASN A 159 -6.21 2.84 37.90
CA ASN A 159 -7.57 3.27 37.56
C ASN A 159 -8.32 2.17 36.83
N ASN A 160 -8.20 0.96 37.36
CA ASN A 160 -8.75 -0.25 36.75
C ASN A 160 -8.19 -0.49 35.36
N GLY A 161 -7.04 0.10 35.05
CA GLY A 161 -6.44 0.03 33.73
C GLY A 161 -7.33 0.62 32.66
N ARG A 162 -7.55 1.93 32.69
CA ARG A 162 -8.50 2.52 31.76
C ARG A 162 -7.84 2.94 30.45
N ASN A 163 -6.66 3.55 30.52
CA ASN A 163 -5.92 3.92 29.32
C ASN A 163 -4.59 3.20 29.29
N HIS A 164 -4.60 1.90 29.54
CA HIS A 164 -3.40 1.10 29.67
C HIS A 164 -3.25 0.11 28.53
N LEU A 165 -2.04 0.04 27.99
CA LEU A 165 -1.67 -0.95 26.98
C LEU A 165 -0.74 -1.96 27.63
N ILE A 166 -1.14 -3.23 27.62
CA ILE A 166 -0.40 -4.32 28.24
C ILE A 166 0.15 -5.21 27.15
N PHE A 167 1.48 -5.30 27.06
CA PHE A 167 2.13 -6.15 26.08
C PHE A 167 2.28 -7.56 26.62
N ASN A 168 1.80 -8.54 25.86
CA ASN A 168 1.83 -9.94 26.28
C ASN A 168 2.20 -10.80 25.09
N LEU A 169 3.08 -11.78 25.31
CA LEU A 169 3.53 -12.67 24.25
C LEU A 169 3.14 -14.12 24.46
N TYR A 170 3.08 -14.59 25.70
CA TYR A 170 2.72 -15.96 26.00
C TYR A 170 1.69 -16.00 27.12
N SER A 171 0.84 -17.03 27.10
CA SER A 171 -0.12 -17.22 28.17
C SER A 171 -0.50 -18.69 28.23
N GLY A 172 -0.85 -19.13 29.43
CA GLY A 172 -1.35 -20.47 29.63
C GLY A 172 -0.30 -21.40 30.22
N THR A 173 -0.78 -22.39 30.97
CA THR A 173 0.07 -23.41 31.57
C THR A 173 0.10 -24.65 30.69
N TRP A 174 0.68 -25.73 31.21
CA TRP A 174 0.85 -26.94 30.41
C TRP A 174 -0.47 -27.56 29.96
N PRO A 175 -1.47 -27.81 30.81
CA PRO A 175 -2.69 -28.42 30.31
C PRO A 175 -3.71 -27.40 29.83
N ASP A 176 -4.16 -27.52 28.59
CA ASP A 176 -5.19 -26.66 28.01
C ASP A 176 -4.75 -25.19 28.05
N TYR A 177 -3.72 -24.90 27.26
CA TYR A 177 -3.24 -23.53 27.10
C TYR A 177 -4.39 -22.59 26.76
N THR A 178 -4.54 -21.54 27.56
CA THR A 178 -5.61 -20.57 27.36
C THR A 178 -5.06 -19.17 27.60
N GLU A 179 -5.95 -18.19 27.61
CA GLU A 179 -5.58 -16.79 27.80
C GLU A 179 -5.56 -16.39 29.27
N ASP A 180 -4.86 -17.17 30.08
CA ASP A 180 -4.69 -16.86 31.50
C ASP A 180 -3.60 -15.82 31.62
N VAL A 181 -3.99 -14.54 31.58
CA VAL A 181 -3.02 -13.45 31.67
C VAL A 181 -2.41 -13.35 33.05
N GLY A 182 -2.94 -14.09 34.02
CA GLY A 182 -2.46 -14.01 35.40
C GLY A 182 -3.28 -13.09 36.28
N PHE A 183 -3.19 -11.79 36.03
CA PHE A 183 -3.92 -10.82 36.84
C PHE A 183 -5.23 -10.44 36.16
N ASP A 184 -5.97 -9.56 36.82
CA ASP A 184 -7.21 -9.01 36.27
C ASP A 184 -6.87 -7.73 35.52
N ILE A 185 -6.95 -7.80 34.20
CA ILE A 185 -6.59 -6.65 33.36
C ILE A 185 -7.56 -5.49 33.58
N GLY A 186 -8.84 -5.79 33.82
CA GLY A 186 -9.82 -4.76 34.06
C GLY A 186 -10.38 -4.17 32.78
N GLN A 187 -9.96 -2.96 32.45
CA GLN A 187 -10.38 -2.29 31.23
C GLN A 187 -9.24 -2.07 30.24
N ALA A 188 -8.03 -2.47 30.58
CA ALA A 188 -6.88 -2.25 29.71
C ALA A 188 -6.95 -3.14 28.48
N MET A 189 -6.68 -2.55 27.32
CA MET A 189 -6.56 -3.32 26.10
C MET A 189 -5.19 -3.98 26.04
N LEU A 190 -5.18 -5.29 25.81
CA LEU A 190 -3.94 -6.06 25.82
C LEU A 190 -3.49 -6.31 24.38
N ALA A 191 -2.27 -5.91 24.08
CA ALA A 191 -1.66 -6.17 22.77
C ALA A 191 -1.00 -7.55 22.78
N LYS A 192 -1.84 -8.57 22.96
CA LYS A 192 -1.36 -9.93 23.12
C LYS A 192 -0.90 -10.50 21.77
N ALA A 193 0.01 -11.46 21.84
CA ALA A 193 0.62 -11.99 20.62
C ALA A 193 -0.31 -12.98 19.92
N SER A 194 -0.60 -14.12 20.56
CA SER A 194 -1.36 -15.19 19.95
C SER A 194 -2.79 -15.12 20.50
N ILE A 195 -3.65 -14.39 19.80
CA ILE A 195 -5.01 -14.14 20.23
C ILE A 195 -5.94 -14.96 19.34
N SER A 196 -6.80 -15.75 19.97
CA SER A 196 -7.85 -16.44 19.23
C SER A 196 -8.91 -15.45 18.80
N THR A 197 -9.71 -15.86 17.81
CA THR A 197 -10.67 -14.93 17.22
C THR A 197 -11.82 -14.65 18.19
N GLU A 198 -12.24 -15.64 18.96
CA GLU A 198 -13.37 -15.45 19.87
C GLU A 198 -12.98 -14.73 21.15
N ASN A 199 -11.69 -14.52 21.40
CA ASN A 199 -11.22 -13.81 22.58
C ASN A 199 -10.61 -12.46 22.24
N PHE A 200 -10.89 -11.95 21.03
CA PHE A 200 -10.28 -10.73 20.53
C PHE A 200 -11.34 -9.64 20.46
N ARG A 201 -11.11 -8.53 21.14
CA ARG A 201 -11.99 -7.39 21.05
C ARG A 201 -11.68 -6.60 19.78
N PRO A 202 -12.65 -6.43 18.88
CA PRO A 202 -12.31 -5.96 17.52
C PRO A 202 -11.69 -4.56 17.48
N ASN A 203 -12.40 -3.56 17.98
CA ASN A 203 -11.92 -2.19 17.94
C ASN A 203 -11.21 -1.79 19.23
N PHE A 204 -10.85 -2.77 20.05
CA PHE A 204 -10.14 -2.50 21.30
C PHE A 204 -8.76 -3.14 21.34
N ASP A 205 -8.68 -4.46 21.14
CA ASP A 205 -7.39 -5.14 21.25
C ASP A 205 -6.62 -5.03 19.94
N VAL A 206 -5.31 -5.21 20.05
CA VAL A 206 -4.41 -5.22 18.90
C VAL A 206 -3.67 -6.55 18.89
N SER A 207 -3.78 -7.29 17.79
CA SER A 207 -3.10 -8.58 17.65
C SER A 207 -1.69 -8.32 17.15
N ILE A 208 -0.70 -8.58 18.00
CA ILE A 208 0.69 -8.31 17.65
C ILE A 208 1.37 -9.62 17.28
N PRO A 209 2.45 -9.60 16.51
CA PRO A 209 3.15 -10.84 16.19
C PRO A 209 3.89 -11.39 17.41
N LEU A 210 4.17 -12.68 17.35
CA LEU A 210 4.95 -13.35 18.37
C LEU A 210 6.42 -13.32 17.94
N PHE A 211 7.24 -12.64 18.73
CA PHE A 211 8.65 -12.47 18.42
C PHE A 211 9.50 -12.93 19.60
N SER A 212 10.69 -13.42 19.28
CA SER A 212 11.61 -13.94 20.29
C SER A 212 12.37 -12.78 20.94
N LYS A 213 13.36 -13.12 21.76
CA LYS A 213 14.22 -12.12 22.39
C LYS A 213 15.33 -11.64 21.46
N ASP A 214 15.57 -12.33 20.36
CA ASP A 214 16.60 -11.96 19.42
C ASP A 214 16.08 -11.04 18.31
N HIS A 215 14.80 -10.69 18.35
CA HIS A 215 14.24 -9.78 17.36
C HIS A 215 14.93 -8.42 17.47
N PRO A 216 15.37 -7.83 16.37
CA PRO A 216 16.14 -6.59 16.46
C PRO A 216 15.34 -5.47 17.10
N ARG A 217 16.03 -4.65 17.88
CA ARG A 217 15.38 -3.52 18.54
C ARG A 217 14.94 -2.47 17.53
N THR A 218 15.85 -2.05 16.66
CA THR A 218 15.58 -0.98 15.70
C THR A 218 15.99 -1.29 14.27
N GLY A 219 16.80 -2.32 14.03
CA GLY A 219 17.29 -2.60 12.70
C GLY A 219 16.26 -3.27 11.80
N GLY A 220 16.75 -4.10 10.87
CA GLY A 220 15.88 -4.83 9.99
C GLY A 220 16.60 -5.93 9.22
N GLU A 221 15.94 -7.08 9.08
CA GLU A 221 16.51 -8.16 8.30
C GLU A 221 16.46 -7.89 6.79
N ARG A 222 15.68 -6.90 6.36
CA ARG A 222 15.62 -6.48 4.96
C ARG A 222 15.14 -7.59 4.04
N GLY A 223 14.27 -8.46 4.55
CA GLY A 223 13.64 -9.46 3.70
C GLY A 223 14.63 -10.47 3.14
N PHE A 224 14.15 -11.22 2.15
CA PHE A 224 14.99 -12.21 1.49
C PHE A 224 14.88 -12.14 -0.03
N LEU A 225 13.73 -11.69 -0.53
CA LEU A 225 13.46 -11.68 -1.96
C LEU A 225 14.26 -10.56 -2.61
N LYS A 226 15.44 -10.90 -3.12
CA LYS A 226 16.23 -9.95 -3.89
C LYS A 226 16.12 -10.16 -5.39
N PHE A 227 15.47 -11.24 -5.83
CA PHE A 227 15.14 -11.47 -7.22
C PHE A 227 13.63 -11.67 -7.35
N ASN A 228 13.04 -11.05 -8.36
CA ASN A 228 11.63 -11.26 -8.69
C ASN A 228 11.59 -11.84 -10.09
N THR A 229 11.66 -13.16 -10.19
CA THR A 229 11.74 -13.85 -11.46
C THR A 229 10.46 -14.64 -11.71
N ILE A 230 10.06 -14.69 -12.97
CA ILE A 230 8.86 -15.42 -13.35
C ILE A 230 9.27 -16.73 -14.03
N PRO A 231 8.52 -17.82 -13.85
CA PRO A 231 7.34 -17.92 -13.00
C PRO A 231 7.69 -17.88 -11.52
N PRO A 232 6.80 -17.34 -10.70
CA PRO A 232 7.12 -17.14 -9.28
C PRO A 232 7.05 -18.42 -8.46
N LEU A 233 7.72 -19.46 -8.94
CA LEU A 233 7.76 -20.75 -8.26
C LEU A 233 9.21 -21.11 -7.93
N ARG A 234 9.37 -21.98 -6.94
CA ARG A 234 10.66 -22.40 -6.46
C ARG A 234 10.74 -23.93 -6.51
N LYS A 235 11.78 -24.48 -5.86
CA LYS A 235 12.02 -25.91 -5.91
C LYS A 235 10.83 -26.71 -5.38
N TYR A 236 10.35 -26.36 -4.19
CA TYR A 236 9.24 -27.06 -3.58
C TYR A 236 7.98 -26.22 -3.72
N MET A 237 6.90 -26.71 -3.13
CA MET A 237 5.65 -25.97 -3.10
C MET A 237 5.16 -25.72 -1.69
N LEU A 238 5.24 -26.73 -0.81
CA LEU A 238 4.96 -26.58 0.61
C LEU A 238 6.09 -27.20 1.40
N VAL A 239 6.54 -26.50 2.44
CA VAL A 239 7.61 -26.98 3.30
C VAL A 239 7.23 -26.79 4.75
N PHE A 240 7.82 -27.62 5.61
CA PHE A 240 7.60 -27.56 7.04
C PHE A 240 8.64 -28.44 7.71
N LYS A 241 9.24 -27.92 8.79
CA LYS A 241 10.16 -28.71 9.59
C LYS A 241 10.08 -28.21 11.02
N GLY A 242 9.39 -28.96 11.87
CA GLY A 242 9.25 -28.59 13.26
C GLY A 242 8.79 -29.78 14.06
N LYS A 243 8.79 -29.62 15.38
CA LYS A 243 8.51 -30.72 16.27
C LYS A 243 7.03 -31.04 16.31
N ARG A 244 6.73 -32.32 16.52
CA ARG A 244 5.38 -32.80 16.73
C ARG A 244 5.26 -33.33 18.15
N TYR A 245 4.11 -33.10 18.77
CA TYR A 245 3.88 -33.42 20.17
C TYR A 245 2.96 -34.62 20.25
N LEU A 246 3.44 -35.70 20.87
CA LEU A 246 2.64 -36.91 20.96
C LEU A 246 1.59 -36.85 22.06
N THR A 247 1.75 -35.94 23.02
CA THR A 247 0.81 -35.79 24.12
C THR A 247 0.46 -34.32 24.30
N GLY A 248 -0.81 -34.05 24.58
CA GLY A 248 -1.23 -32.69 24.86
C GLY A 248 -2.26 -32.17 23.88
N ILE A 249 -2.25 -30.85 23.66
CA ILE A 249 -3.19 -30.19 22.78
C ILE A 249 -2.42 -29.31 21.81
N GLY A 250 -2.91 -29.24 20.56
CA GLY A 250 -2.32 -28.40 19.55
C GLY A 250 -1.46 -29.10 18.53
N SER A 251 -1.32 -30.42 18.60
CA SER A 251 -0.54 -31.19 17.65
C SER A 251 -1.41 -31.97 16.67
N ASP A 252 -2.72 -31.75 16.69
CA ASP A 252 -3.60 -32.45 15.76
C ASP A 252 -3.26 -32.12 14.31
N THR A 253 -3.03 -30.84 14.03
CA THR A 253 -2.69 -30.44 12.67
C THR A 253 -1.28 -30.83 12.27
N ARG A 254 -0.42 -31.13 13.24
CA ARG A 254 0.95 -31.53 12.93
C ARG A 254 1.12 -33.04 12.82
N ASN A 255 0.19 -33.81 13.38
CA ASN A 255 0.25 -35.26 13.28
C ASN A 255 -0.37 -35.80 11.98
N ALA A 256 -0.97 -34.94 11.16
CA ALA A 256 -1.62 -35.36 9.93
C ALA A 256 -0.88 -34.88 8.68
N LEU A 257 0.36 -34.41 8.83
CA LEU A 257 1.10 -33.91 7.68
C LEU A 257 1.70 -35.04 6.83
N TYR A 258 1.88 -36.23 7.40
CA TYR A 258 2.39 -37.35 6.62
C TYR A 258 1.40 -37.79 5.56
N HIS A 259 0.10 -37.52 5.77
CA HIS A 259 -0.90 -37.81 4.76
C HIS A 259 -0.62 -37.02 3.49
N VAL A 260 -0.28 -35.74 3.64
CA VAL A 260 -0.11 -34.87 2.47
C VAL A 260 1.32 -34.94 1.96
N HIS A 261 2.27 -35.32 2.80
CA HIS A 261 3.66 -35.36 2.38
C HIS A 261 3.83 -36.31 1.19
N ASN A 262 4.49 -35.81 0.14
CA ASN A 262 4.76 -36.62 -1.03
C ASN A 262 6.23 -36.78 -1.34
N GLY A 263 7.07 -35.81 -0.97
CA GLY A 263 8.50 -35.90 -1.11
C GLY A 263 9.07 -35.19 -2.31
N GLU A 264 8.24 -34.88 -3.32
CA GLU A 264 8.73 -34.20 -4.51
C GLU A 264 8.64 -32.69 -4.37
N ASP A 265 7.43 -32.17 -4.11
CA ASP A 265 7.21 -30.74 -3.91
C ASP A 265 6.52 -30.40 -2.61
N VAL A 266 5.87 -31.37 -1.96
CA VAL A 266 5.22 -31.17 -0.66
C VAL A 266 6.05 -31.93 0.36
N VAL A 267 6.97 -31.24 1.03
CA VAL A 267 7.87 -31.84 1.99
C VAL A 267 7.48 -31.36 3.39
N LEU A 268 6.92 -32.26 4.20
CA LEU A 268 6.45 -31.94 5.55
C LEU A 268 7.23 -32.80 6.53
N LEU A 269 8.22 -32.21 7.19
CA LEU A 269 9.10 -32.91 8.09
C LEU A 269 8.73 -32.64 9.54
N THR A 270 8.77 -33.68 10.37
CA THR A 270 8.46 -33.57 11.79
C THR A 270 9.44 -34.41 12.59
N THR A 271 9.62 -34.02 13.85
CA THR A 271 10.37 -34.81 14.82
C THR A 271 9.56 -34.91 16.10
N CYS A 272 9.62 -36.08 16.75
CA CYS A 272 8.89 -36.31 17.99
C CYS A 272 9.69 -35.97 19.23
N LYS A 273 10.97 -35.60 19.08
CA LYS A 273 11.83 -35.33 20.22
C LYS A 273 11.39 -34.03 20.87
N HIS A 274 10.59 -34.12 21.92
CA HIS A 274 10.12 -32.98 22.67
C HIS A 274 10.44 -33.18 24.14
N GLY A 275 11.08 -32.18 24.76
CA GLY A 275 11.42 -32.29 26.16
C GLY A 275 12.48 -33.36 26.39
N LYS A 276 12.29 -34.13 27.47
CA LYS A 276 13.21 -35.19 27.83
C LYS A 276 12.57 -36.57 27.93
N ASP A 277 11.23 -36.66 27.99
CA ASP A 277 10.54 -37.93 28.10
C ASP A 277 9.85 -38.33 26.80
N TRP A 278 10.30 -37.79 25.67
CA TRP A 278 9.65 -38.11 24.40
C TRP A 278 9.85 -39.56 24.01
N GLN A 279 10.92 -40.19 24.48
CA GLN A 279 11.17 -41.59 24.12
C GLN A 279 10.12 -42.51 24.71
N LYS A 280 9.55 -42.15 25.86
CA LYS A 280 8.59 -43.02 26.52
C LYS A 280 7.32 -43.18 25.69
N HIS A 281 6.84 -42.09 25.08
CA HIS A 281 5.57 -42.10 24.39
C HIS A 281 5.70 -42.28 22.89
N LYS A 282 6.90 -42.58 22.38
CA LYS A 282 7.09 -42.71 20.95
C LYS A 282 6.35 -43.93 20.42
N ASP A 283 5.98 -43.88 19.15
CA ASP A 283 5.27 -44.96 18.48
C ASP A 283 6.06 -45.41 17.25
N SER A 284 5.42 -46.24 16.42
CA SER A 284 6.10 -46.79 15.26
C SER A 284 6.48 -45.70 14.27
N ARG A 285 5.61 -44.72 14.07
CA ARG A 285 5.84 -43.73 13.03
C ARG A 285 6.99 -42.79 13.37
N CYS A 286 7.24 -42.57 14.66
CA CYS A 286 8.23 -41.56 15.05
C CYS A 286 9.63 -41.94 14.59
N ASP A 287 9.95 -43.24 14.59
CA ASP A 287 11.28 -43.67 14.16
C ASP A 287 11.53 -43.31 12.70
N ARG A 288 10.54 -43.56 11.83
CA ARG A 288 10.70 -43.22 10.42
C ARG A 288 10.80 -41.72 10.22
N ASP A 289 9.94 -40.96 10.90
CA ASP A 289 9.91 -39.52 10.71
C ASP A 289 11.20 -38.87 11.19
N ASN A 290 11.71 -39.29 12.35
CA ASN A 290 12.90 -38.66 12.91
C ASN A 290 14.12 -38.90 12.03
N THR A 291 14.15 -40.01 11.30
CA THR A 291 15.27 -40.28 10.39
C THR A 291 15.32 -39.25 9.26
N GLU A 292 14.17 -38.89 8.71
CA GLU A 292 14.11 -37.93 7.62
C GLU A 292 14.26 -36.49 8.08
N TYR A 293 14.23 -36.24 9.39
CA TYR A 293 14.28 -34.88 9.90
C TYR A 293 15.62 -34.22 9.59
N GLU A 294 16.72 -34.94 9.80
CA GLU A 294 18.05 -34.35 9.58
C GLU A 294 18.39 -34.21 8.11
N LYS A 295 17.57 -34.75 7.20
CA LYS A 295 17.90 -34.68 5.79
C LYS A 295 17.94 -33.26 5.26
N TYR A 296 17.02 -32.41 5.72
CA TYR A 296 16.84 -31.08 5.16
C TYR A 296 17.09 -30.01 6.21
N ASP A 297 17.67 -28.89 5.78
CA ASP A 297 17.91 -27.75 6.65
C ASP A 297 16.72 -26.80 6.59
N TYR A 298 16.30 -26.31 7.76
CA TYR A 298 15.10 -25.48 7.84
C TYR A 298 15.30 -24.14 7.13
N ARG A 299 16.44 -23.49 7.36
CA ARG A 299 16.68 -22.19 6.73
C ARG A 299 16.80 -22.32 5.22
N GLU A 300 17.45 -23.38 4.75
CA GLU A 300 17.55 -23.61 3.31
C GLU A 300 16.23 -24.09 2.72
N MET A 301 15.31 -24.56 3.56
CA MET A 301 14.04 -25.07 3.07
C MET A 301 13.01 -23.96 2.84
N LEU A 302 12.96 -22.99 3.76
CA LEU A 302 12.03 -21.87 3.59
C LEU A 302 12.40 -21.02 2.39
N HIS A 303 13.68 -20.99 2.02
CA HIS A 303 14.14 -20.20 0.89
C HIS A 303 13.99 -20.91 -0.43
N ASN A 304 13.50 -22.15 -0.44
CA ASN A 304 13.32 -22.92 -1.67
C ASN A 304 11.88 -23.36 -1.87
N ALA A 305 10.93 -22.65 -1.26
CA ALA A 305 9.52 -23.00 -1.37
C ALA A 305 8.72 -21.76 -1.75
N THR A 306 7.78 -21.92 -2.68
CA THR A 306 6.88 -20.82 -2.99
C THR A 306 5.97 -20.52 -1.81
N PHE A 307 5.53 -21.56 -1.10
CA PHE A 307 4.68 -21.41 0.07
C PHE A 307 5.29 -22.14 1.25
N CYS A 308 5.24 -21.50 2.42
CA CYS A 308 5.76 -22.06 3.66
C CYS A 308 4.59 -22.32 4.60
N LEU A 309 4.33 -23.59 4.88
CA LEU A 309 3.28 -23.94 5.83
C LEU A 309 3.64 -23.42 7.21
N VAL A 310 2.67 -22.80 7.88
CA VAL A 310 2.87 -22.27 9.22
C VAL A 310 1.77 -22.84 10.10
N PRO A 311 1.92 -24.05 10.62
CA PRO A 311 0.84 -24.67 11.38
C PRO A 311 0.82 -24.16 12.82
N ARG A 312 -0.09 -24.73 13.60
CA ARG A 312 -0.27 -24.36 15.00
C ARG A 312 0.53 -25.31 15.88
N GLY A 313 1.28 -24.75 16.83
CA GLY A 313 1.98 -25.56 17.82
C GLY A 313 1.13 -25.74 19.06
N ARG A 314 1.72 -25.50 20.23
CA ARG A 314 0.91 -25.50 21.46
C ARG A 314 -0.08 -24.35 21.45
N ARG A 315 0.36 -23.18 20.99
CA ARG A 315 -0.47 -21.99 20.91
C ARG A 315 -0.77 -21.66 19.44
N LEU A 316 -1.70 -20.72 19.24
CA LEU A 316 -2.18 -20.43 17.89
C LEU A 316 -1.06 -19.85 17.02
N GLY A 317 -0.29 -18.91 17.55
CA GLY A 317 0.77 -18.28 16.78
C GLY A 317 2.09 -18.99 16.96
N SER A 318 3.09 -18.52 16.21
CA SER A 318 4.42 -19.11 16.29
C SER A 318 5.42 -18.15 15.66
N PHE A 319 6.71 -18.40 15.93
CA PHE A 319 7.77 -17.65 15.28
C PHE A 319 7.82 -17.93 13.79
N ARG A 320 7.17 -19.00 13.33
CA ARG A 320 7.25 -19.41 11.94
C ARG A 320 6.57 -18.41 11.01
N PHE A 321 5.61 -17.64 11.50
CA PHE A 321 4.91 -16.67 10.65
C PHE A 321 5.86 -15.58 10.18
N LEU A 322 6.63 -15.00 11.11
CA LEU A 322 7.56 -13.94 10.74
C LEU A 322 8.68 -14.45 9.86
N GLU A 323 9.17 -15.66 10.12
CA GLU A 323 10.19 -16.24 9.27
C GLU A 323 9.64 -16.53 7.87
N ALA A 324 8.38 -16.94 7.79
CA ALA A 324 7.75 -17.12 6.48
C ALA A 324 7.64 -15.80 5.73
N LEU A 325 7.22 -14.74 6.42
CA LEU A 325 7.13 -13.44 5.75
C LEU A 325 8.49 -12.97 5.29
N GLN A 326 9.52 -13.15 6.13
CA GLN A 326 10.86 -12.71 5.76
C GLN A 326 11.41 -13.51 4.59
N ALA A 327 11.22 -14.82 4.59
CA ALA A 327 11.78 -15.68 3.57
C ALA A 327 11.09 -15.56 2.22
N ALA A 328 10.13 -14.64 2.09
CA ALA A 328 9.38 -14.33 0.88
C ALA A 328 8.45 -15.44 0.46
N CYS A 329 8.42 -16.57 1.16
CA CYS A 329 7.46 -17.61 0.85
C CYS A 329 6.13 -17.28 1.48
N VAL A 330 5.07 -17.35 0.68
CA VAL A 330 3.74 -16.95 1.12
C VAL A 330 3.28 -17.92 2.19
N PRO A 331 3.00 -17.46 3.41
CA PRO A 331 2.60 -18.39 4.46
C PRO A 331 1.20 -18.94 4.24
N VAL A 332 1.07 -20.25 4.38
CA VAL A 332 -0.22 -20.91 4.38
C VAL A 332 -0.57 -21.27 5.81
N MET A 333 -1.27 -20.39 6.50
CA MET A 333 -1.52 -20.56 7.92
C MET A 333 -2.59 -21.62 8.14
N LEU A 334 -2.27 -22.61 8.98
CA LEU A 334 -3.19 -23.66 9.33
C LEU A 334 -3.65 -23.57 10.78
N SER A 335 -3.44 -22.42 11.41
CA SER A 335 -3.89 -22.18 12.78
C SER A 335 -5.30 -21.61 12.71
N ASN A 336 -6.30 -22.47 12.87
CA ASN A 336 -7.68 -22.02 12.82
C ASN A 336 -7.98 -21.06 13.97
N GLY A 337 -8.77 -20.05 13.68
CA GLY A 337 -9.16 -19.08 14.70
C GLY A 337 -8.01 -18.24 15.21
N TRP A 338 -7.10 -17.84 14.32
CA TRP A 338 -6.01 -16.96 14.68
C TRP A 338 -6.26 -15.59 14.07
N GLU A 339 -6.47 -14.59 14.93
CA GLU A 339 -6.52 -13.21 14.47
C GLU A 339 -5.12 -12.82 14.03
N LEU A 340 -4.93 -12.66 12.73
CA LEU A 340 -3.61 -12.40 12.19
C LEU A 340 -3.07 -11.08 12.73
N PRO A 341 -1.75 -10.93 12.79
CA PRO A 341 -1.17 -9.71 13.36
C PRO A 341 -1.62 -8.47 12.60
N PHE A 342 -2.10 -7.48 13.35
CA PHE A 342 -2.56 -6.20 12.80
C PHE A 342 -3.64 -6.39 11.75
N SER A 343 -4.55 -7.33 12.02
CA SER A 343 -5.60 -7.64 11.05
C SER A 343 -6.61 -6.52 10.91
N GLU A 344 -6.67 -5.59 11.86
CA GLU A 344 -7.62 -4.49 11.76
C GLU A 344 -7.23 -3.51 10.67
N VAL A 345 -5.95 -3.46 10.31
CA VAL A 345 -5.47 -2.52 9.31
C VAL A 345 -4.85 -3.19 8.10
N ILE A 346 -4.44 -4.45 8.20
CA ILE A 346 -3.78 -5.16 7.12
C ILE A 346 -4.75 -6.16 6.52
N ASN A 347 -4.87 -6.17 5.20
CA ASN A 347 -5.62 -7.19 4.48
C ASN A 347 -4.68 -8.36 4.23
N TRP A 348 -4.94 -9.49 4.88
CA TRP A 348 -4.07 -10.65 4.79
C TRP A 348 -4.40 -11.58 3.63
N ASN A 349 -5.48 -11.32 2.90
CA ASN A 349 -5.72 -12.06 1.67
C ASN A 349 -4.71 -11.69 0.59
N GLN A 350 -4.07 -10.53 0.70
CA GLN A 350 -3.12 -10.07 -0.29
C GLN A 350 -1.71 -10.55 -0.04
N ALA A 351 -1.40 -11.06 1.15
CA ALA A 351 -0.04 -11.46 1.49
C ALA A 351 0.08 -12.88 2.02
N ALA A 352 -1.03 -13.60 2.19
CA ALA A 352 -0.95 -14.94 2.74
C ALA A 352 -2.20 -15.71 2.32
N VAL A 353 -2.05 -17.03 2.32
CA VAL A 353 -3.15 -17.94 2.02
C VAL A 353 -3.64 -18.52 3.34
N ILE A 354 -4.93 -18.33 3.62
CA ILE A 354 -5.53 -18.80 4.87
C ILE A 354 -6.16 -20.15 4.60
N GLY A 355 -5.57 -21.20 5.16
CA GLY A 355 -6.08 -22.54 4.97
C GLY A 355 -6.73 -23.09 6.21
N ASP A 356 -7.93 -23.64 6.07
CA ASP A 356 -8.63 -24.21 7.20
C ASP A 356 -7.98 -25.53 7.62
N GLU A 357 -7.99 -25.77 8.93
CA GLU A 357 -7.39 -27.00 9.45
C GLU A 357 -8.20 -28.24 9.06
N ARG A 358 -9.52 -28.10 8.96
CA ARG A 358 -10.34 -29.26 8.62
C ARG A 358 -10.02 -29.77 7.22
N LEU A 359 -9.78 -28.86 6.28
CA LEU A 359 -9.45 -29.23 4.90
C LEU A 359 -7.94 -29.27 4.71
N LEU A 360 -7.29 -30.10 5.54
CA LEU A 360 -5.84 -30.22 5.46
C LEU A 360 -5.41 -31.07 4.26
N LEU A 361 -6.22 -32.06 3.88
CA LEU A 361 -5.86 -32.91 2.75
C LEU A 361 -5.98 -32.18 1.43
N GLN A 362 -6.89 -31.21 1.33
CA GLN A 362 -7.09 -30.47 0.10
C GLN A 362 -6.12 -29.31 -0.07
N ILE A 363 -5.20 -29.11 0.87
CA ILE A 363 -4.27 -27.98 0.79
C ILE A 363 -3.42 -28.01 -0.48
N PRO A 364 -2.80 -29.13 -0.86
CA PRO A 364 -1.99 -29.09 -2.10
C PRO A 364 -2.80 -28.76 -3.34
N SER A 365 -4.05 -29.21 -3.41
CA SER A 365 -4.88 -28.89 -4.58
C SER A 365 -5.19 -27.40 -4.62
N THR A 366 -5.64 -26.83 -3.50
CA THR A 366 -5.92 -25.40 -3.46
C THR A 366 -4.68 -24.58 -3.71
N ILE A 367 -3.52 -25.09 -3.31
CA ILE A 367 -2.26 -24.39 -3.56
C ILE A 367 -1.91 -24.42 -5.04
N ARG A 368 -2.07 -25.57 -5.69
CA ARG A 368 -1.78 -25.66 -7.12
C ARG A 368 -2.74 -24.83 -7.95
N SER A 369 -3.98 -24.65 -7.48
CA SER A 369 -4.93 -23.83 -8.22
C SER A 369 -4.55 -22.36 -8.26
N ILE A 370 -3.62 -21.92 -7.43
CA ILE A 370 -3.24 -20.50 -7.40
C ILE A 370 -2.47 -20.15 -8.66
N HIS A 371 -2.83 -19.04 -9.29
CA HIS A 371 -2.25 -18.63 -10.54
C HIS A 371 -0.92 -17.91 -10.32
N GLN A 372 -0.18 -17.72 -11.41
CA GLN A 372 1.13 -17.09 -11.34
C GLN A 372 1.03 -15.63 -10.88
N ASP A 373 0.06 -14.89 -11.41
CA ASP A 373 -0.09 -13.48 -11.04
C ASP A 373 -0.43 -13.33 -9.56
N LYS A 374 -1.31 -14.18 -9.05
CA LYS A 374 -1.65 -14.15 -7.63
C LYS A 374 -0.41 -14.43 -6.78
N ILE A 375 0.41 -15.40 -7.19
CA ILE A 375 1.61 -15.72 -6.43
C ILE A 375 2.59 -14.56 -6.44
N LEU A 376 2.75 -13.91 -7.60
CA LEU A 376 3.64 -12.76 -7.68
C LEU A 376 3.19 -11.66 -6.74
N ALA A 377 1.88 -11.36 -6.76
CA ALA A 377 1.33 -10.34 -5.87
C ALA A 377 1.52 -10.72 -4.41
N LEU A 378 1.28 -11.99 -4.07
CA LEU A 378 1.39 -12.42 -2.68
C LEU A 378 2.81 -12.31 -2.17
N ARG A 379 3.79 -12.71 -2.99
CA ARG A 379 5.19 -12.60 -2.57
C ARG A 379 5.58 -11.14 -2.35
N GLN A 380 5.23 -10.28 -3.30
CA GLN A 380 5.59 -8.88 -3.14
C GLN A 380 4.90 -8.27 -1.93
N GLN A 381 3.65 -8.65 -1.68
CA GLN A 381 2.91 -8.08 -0.56
C GLN A 381 3.47 -8.55 0.78
N THR A 382 3.87 -9.81 0.89
CA THR A 382 4.43 -10.29 2.14
C THR A 382 5.78 -9.63 2.40
N GLN A 383 6.57 -9.42 1.34
CA GLN A 383 7.83 -8.69 1.53
C GLN A 383 7.58 -7.26 1.99
N PHE A 384 6.58 -6.59 1.41
CA PHE A 384 6.26 -5.24 1.83
C PHE A 384 5.82 -5.21 3.29
N LEU A 385 4.95 -6.14 3.69
CA LEU A 385 4.48 -6.18 5.06
C LEU A 385 5.62 -6.40 6.03
N TRP A 386 6.54 -7.31 5.70
CA TRP A 386 7.70 -7.51 6.55
C TRP A 386 8.51 -6.23 6.67
N GLU A 387 8.86 -5.62 5.54
CA GLU A 387 9.74 -4.45 5.59
C GLU A 387 9.08 -3.24 6.24
N ALA A 388 7.75 -3.21 6.30
CA ALA A 388 7.05 -2.03 6.80
C ALA A 388 6.63 -2.16 8.26
N TYR A 389 6.08 -3.30 8.68
CA TYR A 389 5.44 -3.38 9.98
C TYR A 389 6.05 -4.40 10.94
N PHE A 390 6.65 -5.48 10.45
CA PHE A 390 7.07 -6.56 11.33
C PHE A 390 8.58 -6.73 11.41
N SER A 391 9.36 -5.77 10.91
CA SER A 391 10.80 -5.98 10.78
C SER A 391 11.51 -5.94 12.14
N SER A 392 11.17 -4.98 12.99
CA SER A 392 11.82 -4.82 14.28
C SER A 392 10.77 -4.54 15.35
N VAL A 393 11.22 -4.54 16.61
CA VAL A 393 10.32 -4.35 17.73
C VAL A 393 9.77 -2.92 17.72
N GLU A 394 10.59 -1.95 17.35
CA GLU A 394 10.10 -0.58 17.27
C GLU A 394 8.99 -0.47 16.22
N LYS A 395 9.14 -1.17 15.10
CA LYS A 395 8.08 -1.19 14.10
C LYS A 395 6.78 -1.72 14.67
N ILE A 396 6.85 -2.81 15.43
CA ILE A 396 5.66 -3.43 15.98
C ILE A 396 4.97 -2.49 16.97
N VAL A 397 5.74 -1.91 17.89
CA VAL A 397 5.13 -1.07 18.92
C VAL A 397 4.59 0.22 18.31
N LEU A 398 5.30 0.80 17.33
CA LEU A 398 4.79 1.98 16.66
C LEU A 398 3.51 1.67 15.90
N THR A 399 3.45 0.50 15.26
CA THR A 399 2.23 0.10 14.57
C THR A 399 1.08 -0.04 15.56
N THR A 400 1.33 -0.64 16.71
CA THR A 400 0.29 -0.77 17.72
C THR A 400 -0.21 0.59 18.18
N LEU A 401 0.72 1.50 18.45
CA LEU A 401 0.35 2.82 18.92
C LEU A 401 -0.44 3.59 17.86
N GLU A 402 -0.05 3.46 16.58
CA GLU A 402 -0.75 4.17 15.53
C GLU A 402 -2.12 3.56 15.25
N ILE A 403 -2.27 2.24 15.38
CA ILE A 403 -3.59 1.63 15.26
C ILE A 403 -4.49 2.12 16.38
N ILE A 404 -3.94 2.26 17.59
CA ILE A 404 -4.71 2.85 18.69
C ILE A 404 -5.08 4.29 18.36
N GLN A 405 -4.13 5.05 17.83
CA GLN A 405 -4.33 6.48 17.57
C GLN A 405 -5.43 6.70 16.53
N ASP A 406 -5.47 5.86 15.50
CA ASP A 406 -6.48 6.01 14.46
C ASP A 406 -7.89 5.81 14.97
N ARG A 407 -8.07 5.24 16.16
CA ARG A 407 -9.40 4.96 16.68
C ARG A 407 -9.97 6.11 17.51
N ILE A 408 -9.21 7.18 17.71
CA ILE A 408 -9.69 8.31 18.52
C ILE A 408 -10.43 9.31 17.65
N PHE A 409 -9.73 9.94 16.71
CA PHE A 409 -10.33 10.86 15.75
C PHE A 409 -10.60 10.09 14.47
N LYS A 410 -11.89 9.80 14.22
CA LYS A 410 -12.24 8.98 13.07
C LYS A 410 -12.00 9.70 11.75
N HIS A 411 -12.31 11.00 11.70
CA HIS A 411 -12.09 11.78 10.48
C HIS A 411 -10.61 11.98 10.18
N ILE A 412 -9.73 11.71 11.13
CA ILE A 412 -8.29 11.74 10.91
C ILE A 412 -7.76 10.33 11.09
N SER A 413 -7.72 9.57 9.99
CA SER A 413 -7.32 8.17 10.07
C SER A 413 -6.76 7.76 8.73
N ARG A 414 -6.04 6.65 8.74
CA ARG A 414 -5.46 6.09 7.53
C ARG A 414 -6.45 5.11 6.90
N ASN A 415 -6.82 5.35 5.65
CA ASN A 415 -7.67 4.43 4.93
C ASN A 415 -6.90 3.15 4.60
N SER A 416 -7.65 2.11 4.22
CA SER A 416 -7.04 0.82 3.96
C SER A 416 -6.02 0.86 2.84
N LEU A 417 -6.14 1.81 1.92
CA LEU A 417 -5.15 1.97 0.86
C LEU A 417 -3.82 2.47 1.40
N ILE A 418 -3.79 3.04 2.60
CA ILE A 418 -2.55 3.52 3.18
C ILE A 418 -1.78 2.40 3.85
N TRP A 419 -2.47 1.57 4.63
CA TRP A 419 -1.80 0.46 5.32
C TRP A 419 -1.29 -0.59 4.35
N ASN A 420 -2.09 -0.94 3.34
CA ASN A 420 -1.81 -2.07 2.47
C ASN A 420 -1.12 -1.66 1.19
N LYS A 421 -0.31 -0.61 1.22
CA LYS A 421 0.40 -0.17 0.04
C LYS A 421 1.61 0.64 0.47
N HIS A 422 2.58 0.72 -0.42
CA HIS A 422 3.75 1.54 -0.16
C HIS A 422 3.30 2.99 0.04
N PRO A 423 3.90 3.72 0.99
CA PRO A 423 4.99 3.34 1.90
C PRO A 423 4.55 2.65 3.18
N GLY A 424 3.27 2.73 3.50
CA GLY A 424 2.73 2.12 4.70
C GLY A 424 2.22 3.15 5.68
N GLY A 425 1.53 2.64 6.70
CA GLY A 425 0.86 3.51 7.66
C GLY A 425 1.78 4.24 8.60
N LEU A 426 3.00 3.72 8.82
CA LEU A 426 3.93 4.38 9.72
C LEU A 426 4.34 5.74 9.17
N PHE A 427 4.57 5.82 7.86
CA PHE A 427 5.06 7.05 7.24
C PHE A 427 3.95 7.91 6.65
N VAL A 428 2.70 7.48 6.73
CA VAL A 428 1.57 8.26 6.24
C VAL A 428 0.76 8.68 7.45
N LEU A 429 0.82 9.97 7.79
CA LEU A 429 0.18 10.50 8.99
C LEU A 429 -1.10 11.21 8.60
N PRO A 430 -2.27 10.73 9.02
CA PRO A 430 -3.52 11.39 8.64
C PRO A 430 -3.70 12.78 9.21
N GLN A 431 -2.93 13.16 10.23
CA GLN A 431 -3.06 14.49 10.80
C GLN A 431 -2.65 15.56 9.80
N TYR A 432 -1.85 15.20 8.80
CA TYR A 432 -1.55 16.11 7.70
C TYR A 432 -2.77 16.29 6.82
N SER A 433 -3.26 15.21 6.22
CA SER A 433 -4.46 15.23 5.40
C SER A 433 -4.93 13.80 5.20
N SER A 434 -6.23 13.60 5.31
CA SER A 434 -6.82 12.29 5.05
C SER A 434 -7.13 12.07 3.58
N TYR A 435 -6.87 13.06 2.74
CA TYR A 435 -7.09 12.93 1.30
C TYR A 435 -5.88 12.29 0.66
N LEU A 436 -6.10 11.17 -0.04
CA LEU A 436 -5.00 10.40 -0.61
C LEU A 436 -4.24 11.17 -1.67
N GLY A 437 -4.89 12.11 -2.35
CA GLY A 437 -4.20 12.90 -3.34
C GLY A 437 -3.24 13.92 -2.81
N ASP A 438 -3.26 14.17 -1.50
CA ASP A 438 -2.33 15.08 -0.87
C ASP A 438 -0.99 14.43 -0.55
N PHE A 439 -0.79 13.19 -0.99
CA PHE A 439 0.43 12.44 -0.78
C PHE A 439 1.07 12.10 -2.11
N PRO A 440 2.39 11.97 -2.15
CA PRO A 440 3.07 11.76 -3.44
C PRO A 440 3.15 10.30 -3.84
N TYR A 441 2.38 9.42 -3.20
CA TYR A 441 2.50 8.00 -3.43
C TYR A 441 1.30 7.38 -4.13
N TYR A 442 0.14 8.03 -4.12
CA TYR A 442 -1.10 7.43 -4.58
C TYR A 442 -1.64 8.08 -5.84
N TYR A 443 -0.75 8.65 -6.67
CA TYR A 443 -1.19 9.26 -7.92
C TYR A 443 -1.61 8.20 -8.93
N ALA A 444 -0.86 7.10 -9.02
CA ALA A 444 -1.20 6.05 -9.97
C ALA A 444 -2.46 5.30 -9.53
N ASN A 445 -2.63 5.07 -8.24
CA ASN A 445 -3.79 4.32 -7.77
C ASN A 445 -5.09 5.08 -8.02
N LEU A 446 -5.02 6.40 -8.09
CA LEU A 446 -6.13 7.23 -8.51
C LEU A 446 -5.94 7.58 -9.99
N GLY A 447 -6.81 8.42 -10.52
CA GLY A 447 -6.63 8.90 -11.87
C GLY A 447 -6.08 10.31 -11.90
N LEU A 448 -5.11 10.58 -11.03
CA LEU A 448 -4.62 11.93 -10.82
C LEU A 448 -3.19 12.07 -11.33
N LYS A 449 -2.91 13.25 -11.88
CA LYS A 449 -1.59 13.67 -12.30
C LYS A 449 -1.01 14.63 -11.26
N PRO A 450 0.32 14.72 -11.18
CA PRO A 450 0.91 15.61 -10.19
C PRO A 450 0.50 17.05 -10.45
N PRO A 451 0.34 17.85 -9.39
CA PRO A 451 -0.07 19.25 -9.59
C PRO A 451 0.96 19.99 -10.43
N SER A 452 0.47 20.91 -11.26
CA SER A 452 1.31 21.62 -12.21
C SER A 452 1.90 22.89 -11.63
N LYS A 453 1.66 23.19 -10.36
CA LYS A 453 2.15 24.41 -9.74
C LYS A 453 2.96 24.05 -8.50
N PHE A 454 3.94 24.89 -8.19
CA PHE A 454 4.79 24.68 -7.02
C PHE A 454 5.01 25.99 -6.28
N THR A 455 5.44 25.86 -5.03
CA THR A 455 5.71 27.00 -4.15
C THR A 455 7.19 27.04 -3.81
N ALA A 456 7.80 28.21 -3.95
CA ALA A 456 9.23 28.38 -3.68
C ALA A 456 9.42 28.89 -2.27
N VAL A 457 10.27 28.22 -1.50
CA VAL A 457 10.61 28.60 -0.14
C VAL A 457 12.09 28.94 -0.11
N ILE A 458 12.41 30.18 0.26
CA ILE A 458 13.78 30.66 0.25
C ILE A 458 14.22 30.85 1.70
N HIS A 459 15.31 30.19 2.09
CA HIS A 459 15.84 30.29 3.43
C HIS A 459 16.92 31.36 3.44
N ALA A 460 16.61 32.52 4.03
CA ALA A 460 17.53 33.63 4.10
C ALA A 460 18.09 33.73 5.51
N VAL A 461 19.41 33.74 5.62
CA VAL A 461 20.08 33.93 6.90
C VAL A 461 20.98 35.16 6.93
N THR A 462 21.15 35.84 5.80
CA THR A 462 21.96 37.05 5.72
C THR A 462 21.07 38.26 5.46
N PRO A 463 21.43 39.42 6.00
CA PRO A 463 20.59 40.62 5.80
C PRO A 463 20.65 41.10 4.36
N LEU A 464 19.58 41.78 3.95
CA LEU A 464 19.49 42.35 2.62
C LEU A 464 20.16 43.72 2.64
N VAL A 465 21.42 43.78 2.22
CA VAL A 465 22.18 45.01 2.27
C VAL A 465 22.38 45.64 0.90
N SER A 466 22.49 44.85 -0.17
CA SER A 466 22.71 45.35 -1.51
C SER A 466 21.76 44.68 -2.48
N GLN A 467 21.45 45.37 -3.58
CA GLN A 467 20.54 44.83 -4.57
C GLN A 467 21.16 43.71 -5.39
N SER A 468 22.47 43.49 -5.27
CA SER A 468 23.17 42.47 -6.04
C SER A 468 23.26 41.13 -5.31
N GLN A 469 22.62 41.00 -4.15
CA GLN A 469 22.68 39.76 -3.41
C GLN A 469 21.97 38.64 -4.17
N PRO A 470 22.47 37.40 -4.06
CA PRO A 470 21.88 36.31 -4.85
C PRO A 470 20.44 35.99 -4.48
N VAL A 471 19.96 36.39 -3.30
CA VAL A 471 18.59 36.07 -2.94
C VAL A 471 17.60 36.84 -3.81
N LEU A 472 17.99 38.00 -4.35
CA LEU A 472 17.08 38.78 -5.17
C LEU A 472 16.95 38.20 -6.58
N LYS A 473 18.09 37.93 -7.23
CA LYS A 473 18.05 37.38 -8.58
C LYS A 473 17.41 36.00 -8.60
N LEU A 474 17.47 35.27 -7.49
CA LEU A 474 16.85 33.96 -7.44
C LEU A 474 15.33 34.07 -7.28
N LEU A 475 14.86 35.09 -6.57
CA LEU A 475 13.43 35.25 -6.37
C LEU A 475 12.72 35.55 -7.69
N VAL A 476 13.30 36.43 -8.50
CA VAL A 476 12.71 36.71 -9.81
C VAL A 476 12.86 35.52 -10.75
N ALA A 477 13.94 34.75 -10.60
CA ALA A 477 14.16 33.60 -11.47
C ALA A 477 13.05 32.57 -11.32
N ALA A 478 12.65 32.29 -10.09
CA ALA A 478 11.57 31.33 -9.86
C ALA A 478 10.22 31.89 -10.33
N ALA A 479 10.03 33.22 -10.24
CA ALA A 479 8.76 33.81 -10.63
C ALA A 479 8.51 33.66 -12.13
N LYS A 480 9.53 33.84 -12.95
CA LYS A 480 9.34 33.79 -14.40
C LYS A 480 8.91 32.42 -14.88
N SER A 481 9.09 31.38 -14.07
CA SER A 481 8.67 30.05 -14.45
C SER A 481 7.15 29.98 -14.54
N GLN A 482 6.66 29.26 -15.56
CA GLN A 482 5.23 29.14 -15.79
C GLN A 482 4.54 28.24 -14.78
N TYR A 483 5.30 27.51 -13.97
CA TYR A 483 4.70 26.61 -13.00
C TYR A 483 4.58 27.21 -11.61
N CYS A 484 5.33 28.26 -11.31
CA CYS A 484 5.36 28.79 -9.96
C CYS A 484 4.00 29.37 -9.58
N ALA A 485 3.62 29.18 -8.31
CA ALA A 485 2.41 29.77 -7.76
C ALA A 485 2.68 30.91 -6.80
N GLN A 486 3.71 30.80 -5.97
CA GLN A 486 4.05 31.86 -5.02
C GLN A 486 5.46 31.61 -4.52
N ILE A 487 5.95 32.54 -3.71
CA ILE A 487 7.28 32.48 -3.12
C ILE A 487 7.17 32.83 -1.64
N ILE A 488 7.83 32.03 -0.80
CA ILE A 488 7.93 32.29 0.63
C ILE A 488 9.39 32.53 0.96
N VAL A 489 9.68 33.66 1.59
CA VAL A 489 11.03 34.01 2.00
C VAL A 489 11.09 33.90 3.51
N LEU A 490 11.72 32.83 3.99
CA LEU A 490 11.88 32.61 5.43
C LEU A 490 13.03 33.48 5.91
N TRP A 491 12.70 34.55 6.61
CA TRP A 491 13.70 35.51 7.08
C TRP A 491 14.11 35.12 8.50
N ASN A 492 15.23 34.42 8.59
CA ASN A 492 15.78 34.00 9.89
C ASN A 492 17.03 34.80 10.27
N CYS A 493 17.09 36.06 9.89
CA CYS A 493 18.23 36.90 10.17
C CYS A 493 18.05 37.66 11.47
N ASP A 494 19.16 38.04 12.09
CA ASP A 494 19.11 38.83 13.32
C ASP A 494 18.54 40.21 13.07
N LYS A 495 18.85 40.83 11.93
CA LYS A 495 18.33 42.13 11.60
C LYS A 495 16.84 42.05 11.33
N PRO A 496 16.11 43.17 11.50
CA PRO A 496 14.66 43.15 11.26
C PRO A 496 14.31 42.89 9.79
N LEU A 497 13.01 42.80 9.51
CA LEU A 497 12.56 42.49 8.16
C LEU A 497 12.86 43.64 7.21
N PRO A 498 13.20 43.35 5.95
CA PRO A 498 13.42 44.43 4.99
C PRO A 498 12.11 45.12 4.61
N ALA A 499 12.25 46.27 3.97
CA ALA A 499 11.10 47.04 3.54
C ALA A 499 10.35 46.31 2.43
N LYS A 500 9.06 46.60 2.33
CA LYS A 500 8.21 45.94 1.33
C LYS A 500 8.65 46.29 -0.09
N HIS A 501 9.03 47.55 -0.32
CA HIS A 501 9.48 47.96 -1.65
C HIS A 501 10.78 47.29 -2.05
N ARG A 502 11.52 46.74 -1.09
CA ARG A 502 12.77 46.05 -1.41
C ARG A 502 12.54 44.78 -2.21
N TRP A 503 11.34 44.22 -2.16
CA TRP A 503 11.05 43.00 -2.91
C TRP A 503 10.74 43.36 -4.37
N PRO A 504 11.48 42.83 -5.33
CA PRO A 504 11.19 43.14 -6.74
C PRO A 504 9.83 42.60 -7.14
N ALA A 505 9.20 43.29 -8.10
CA ALA A 505 7.86 42.92 -8.54
C ALA A 505 7.89 41.58 -9.27
N THR A 506 6.92 40.73 -8.96
CA THR A 506 6.82 39.41 -9.57
C THR A 506 5.36 39.12 -9.90
N ALA A 507 5.17 38.24 -10.90
CA ALA A 507 3.83 37.85 -11.29
C ALA A 507 3.12 37.10 -10.18
N VAL A 508 3.82 36.17 -9.52
CA VAL A 508 3.26 35.37 -8.43
C VAL A 508 3.37 36.17 -7.14
N PRO A 509 2.46 35.97 -6.18
CA PRO A 509 2.58 36.69 -4.90
C PRO A 509 3.81 36.23 -4.13
N VAL A 510 4.36 37.15 -3.34
CA VAL A 510 5.50 36.88 -2.48
C VAL A 510 5.08 37.11 -1.04
N VAL A 511 5.30 36.12 -0.19
CA VAL A 511 4.94 36.16 1.22
C VAL A 511 6.20 35.99 2.04
N VAL A 512 6.41 36.87 3.00
CA VAL A 512 7.60 36.86 3.85
C VAL A 512 7.18 36.48 5.26
N ILE A 513 7.86 35.47 5.83
CA ILE A 513 7.58 34.99 7.17
C ILE A 513 8.85 35.13 8.00
N GLU A 514 8.72 35.78 9.16
CA GLU A 514 9.82 35.90 10.10
C GLU A 514 9.77 34.75 11.09
N GLY A 515 10.80 33.91 11.08
CA GLY A 515 10.78 32.71 11.91
C GLY A 515 10.84 33.07 13.39
N GLU A 516 9.90 32.50 14.16
CA GLU A 516 9.91 32.70 15.60
C GLU A 516 11.16 32.09 16.23
N SER A 517 11.54 30.89 15.81
CA SER A 517 12.73 30.21 16.27
C SER A 517 13.69 30.08 15.10
N LYS A 518 14.83 30.76 15.17
CA LYS A 518 15.78 30.81 14.06
C LYS A 518 16.69 29.58 14.06
N VAL A 519 16.07 28.43 13.77
CA VAL A 519 16.76 27.15 13.73
C VAL A 519 16.56 26.53 12.36
N MET A 520 17.50 25.67 11.98
CA MET A 520 17.46 25.06 10.65
C MET A 520 16.24 24.15 10.46
N SER A 521 15.64 23.68 11.54
CA SER A 521 14.44 22.86 11.42
C SER A 521 13.19 23.67 11.12
N SER A 522 13.27 25.01 11.18
CA SER A 522 12.11 25.84 10.86
C SER A 522 11.82 25.84 9.37
N ARG A 523 12.84 25.62 8.54
CA ARG A 523 12.66 25.61 7.09
C ARG A 523 11.84 24.43 6.61
N PHE A 524 11.63 23.42 7.44
CA PHE A 524 10.85 22.24 7.07
C PHE A 524 9.51 22.19 7.80
N LEU A 525 9.05 23.31 8.34
CA LEU A 525 7.77 23.33 9.00
C LEU A 525 6.64 23.30 7.97
N PRO A 526 5.51 22.68 8.30
CA PRO A 526 4.35 22.67 7.40
C PRO A 526 3.59 23.99 7.41
N TYR A 527 4.12 24.97 6.69
CA TYR A 527 3.49 26.28 6.64
C TYR A 527 2.15 26.21 5.93
N ASP A 528 1.17 26.94 6.46
CA ASP A 528 -0.13 27.03 5.81
C ASP A 528 -0.12 27.97 4.61
N ASN A 529 0.97 28.71 4.41
CA ASN A 529 1.08 29.62 3.27
C ASN A 529 1.47 28.92 1.98
N ILE A 530 1.86 27.65 2.03
CA ILE A 530 2.18 26.87 0.84
C ILE A 530 0.89 26.27 0.30
N ILE A 531 0.46 26.72 -0.87
CA ILE A 531 -0.81 26.30 -1.45
C ILE A 531 -0.65 25.21 -2.50
N THR A 532 0.58 24.78 -2.79
CA THR A 532 0.84 23.74 -3.77
C THR A 532 1.49 22.54 -3.10
N ASP A 533 1.18 21.35 -3.61
CA ASP A 533 1.75 20.13 -3.05
C ASP A 533 3.25 20.04 -3.30
N ALA A 534 3.76 20.75 -4.29
CA ALA A 534 5.18 20.74 -4.59
C ALA A 534 5.87 21.94 -3.95
N VAL A 535 7.11 21.72 -3.51
CA VAL A 535 7.91 22.75 -2.87
C VAL A 535 9.28 22.78 -3.53
N LEU A 536 9.68 23.96 -4.00
CA LEU A 536 11.02 24.19 -4.52
C LEU A 536 11.82 24.87 -3.42
N SER A 537 12.62 24.10 -2.69
CA SER A 537 13.37 24.63 -1.57
C SER A 537 14.74 25.11 -2.04
N LEU A 538 15.01 26.39 -1.81
CA LEU A 538 16.27 27.01 -2.21
C LEU A 538 16.89 27.71 -1.02
N ASP A 539 18.22 27.79 -1.04
CA ASP A 539 18.94 28.59 -0.08
C ASP A 539 19.11 30.01 -0.59
N GLU A 540 19.72 30.85 0.23
CA GLU A 540 19.97 32.23 -0.18
C GLU A 540 20.99 32.31 -1.31
N ASP A 541 21.97 31.40 -1.31
CA ASP A 541 23.07 31.42 -2.27
C ASP A 541 22.86 30.44 -3.41
N THR A 542 21.61 30.11 -3.72
CA THR A 542 21.31 29.17 -4.80
C THR A 542 21.17 29.93 -6.13
N VAL A 543 21.98 29.54 -7.11
CA VAL A 543 21.98 30.17 -8.42
C VAL A 543 21.29 29.23 -9.40
N LEU A 544 20.25 29.71 -10.06
CA LEU A 544 19.47 28.90 -10.97
C LEU A 544 19.00 29.75 -12.13
N SER A 545 18.59 29.08 -13.20
CA SER A 545 17.88 29.71 -14.30
C SER A 545 16.45 29.19 -14.33
N THR A 546 15.58 29.92 -15.02
CA THR A 546 14.20 29.51 -15.14
C THR A 546 14.07 28.17 -15.85
N THR A 547 14.94 27.92 -16.84
CA THR A 547 14.89 26.65 -17.56
C THR A 547 15.24 25.49 -16.63
N GLU A 548 16.21 25.68 -15.73
CA GLU A 548 16.57 24.63 -14.78
C GLU A 548 15.41 24.30 -13.86
N VAL A 549 14.71 25.33 -13.36
CA VAL A 549 13.57 25.09 -12.49
C VAL A 549 12.47 24.37 -13.27
N ASP A 550 12.21 24.81 -14.51
CA ASP A 550 11.18 24.17 -15.32
C ASP A 550 11.50 22.71 -15.57
N PHE A 551 12.76 22.41 -15.91
CA PHE A 551 13.16 21.03 -16.15
C PHE A 551 13.03 20.20 -14.89
N ALA A 552 13.48 20.73 -13.75
CA ALA A 552 13.40 19.98 -12.50
C ALA A 552 11.96 19.68 -12.14
N PHE A 553 11.07 20.65 -12.32
CA PHE A 553 9.67 20.39 -11.99
C PHE A 553 9.04 19.40 -12.95
N THR A 554 9.37 19.49 -14.24
CA THR A 554 8.82 18.53 -15.20
C THR A 554 9.29 17.11 -14.88
N VAL A 555 10.57 16.97 -14.52
CA VAL A 555 11.09 15.66 -14.15
C VAL A 555 10.46 15.18 -12.85
N TRP A 556 10.23 16.09 -11.90
CA TRP A 556 9.52 15.73 -10.68
C TRP A 556 8.12 15.22 -10.99
N GLN A 557 7.49 15.75 -12.03
CA GLN A 557 6.13 15.35 -12.36
C GLN A 557 6.03 13.87 -12.69
N SER A 558 7.14 13.22 -13.03
CA SER A 558 7.12 11.77 -13.22
C SER A 558 7.49 11.01 -11.97
N PHE A 559 8.21 11.63 -11.04
CA PHE A 559 8.65 10.99 -9.79
C PHE A 559 8.33 11.90 -8.61
N PRO A 560 7.05 12.01 -8.26
CA PRO A 560 6.68 12.96 -7.20
C PRO A 560 7.10 12.53 -5.80
N GLU A 561 7.27 11.23 -5.56
CA GLU A 561 7.55 10.75 -4.22
C GLU A 561 9.01 10.90 -3.82
N ARG A 562 9.87 11.34 -4.72
CA ARG A 562 11.30 11.45 -4.46
C ARG A 562 11.68 12.90 -4.30
N ILE A 563 12.98 13.13 -4.17
CA ILE A 563 13.55 14.46 -4.15
C ILE A 563 14.30 14.68 -5.46
N VAL A 564 13.94 15.73 -6.18
CA VAL A 564 14.57 16.07 -7.45
C VAL A 564 15.41 17.32 -7.23
N GLY A 565 16.71 17.20 -7.36
CA GLY A 565 17.60 18.32 -7.11
C GLY A 565 18.97 18.11 -7.70
N TYR A 566 19.73 19.19 -7.74
CA TYR A 566 21.05 19.22 -8.39
C TYR A 566 22.18 18.64 -7.54
N PRO A 567 22.42 19.12 -6.30
CA PRO A 567 23.67 18.77 -5.61
C PRO A 567 23.68 17.36 -5.03
N ALA A 568 24.10 16.38 -5.81
CA ALA A 568 24.11 15.01 -5.35
C ALA A 568 25.32 14.74 -4.46
N ARG A 569 25.08 14.06 -3.34
CA ARG A 569 26.13 13.62 -2.41
C ARG A 569 25.92 12.15 -2.09
N SER A 570 27.00 11.46 -1.78
CA SER A 570 26.97 10.02 -1.57
C SER A 570 27.41 9.67 -0.16
N HIS A 571 27.10 8.45 0.25
CA HIS A 571 27.53 7.91 1.53
C HIS A 571 28.27 6.60 1.31
N PHE A 572 28.99 6.17 2.34
CA PHE A 572 29.78 4.95 2.23
C PHE A 572 30.10 4.42 3.62
N TRP A 573 30.70 3.23 3.66
CA TRP A 573 31.14 2.61 4.90
C TRP A 573 32.66 2.59 4.95
N ASP A 574 33.22 3.12 6.02
CA ASP A 574 34.66 3.18 6.22
C ASP A 574 35.04 2.04 7.16
N ASN A 575 35.60 0.96 6.58
CA ASN A 575 36.00 -0.17 7.39
C ASN A 575 37.18 0.17 8.30
N SER A 576 38.01 1.14 7.89
CA SER A 576 39.16 1.52 8.71
C SER A 576 38.72 2.11 10.04
N LYS A 577 37.49 2.61 10.12
CA LYS A 577 36.93 3.13 11.36
C LYS A 577 35.64 2.43 11.76
N GLU A 578 35.14 1.51 10.93
CA GLU A 578 33.92 0.75 11.22
C GLU A 578 32.73 1.67 11.48
N ARG A 579 32.57 2.68 10.61
CA ARG A 579 31.48 3.62 10.75
C ARG A 579 31.12 4.18 9.38
N TRP A 580 29.92 4.73 9.29
CA TRP A 580 29.45 5.33 8.05
C TRP A 580 30.23 6.60 7.74
N GLY A 581 30.28 6.95 6.46
CA GLY A 581 31.03 8.11 6.02
C GLY A 581 30.28 8.89 4.98
N TYR A 582 30.43 10.20 5.05
CA TYR A 582 29.76 11.15 4.16
C TYR A 582 30.75 11.61 3.09
N THR A 583 30.37 11.47 1.83
CA THR A 583 31.20 11.90 0.72
C THR A 583 30.48 12.96 -0.08
N SER A 584 31.21 14.01 -0.45
CA SER A 584 30.69 15.05 -1.31
C SER A 584 31.46 15.20 -2.61
N LYS A 585 32.55 14.47 -2.79
CA LYS A 585 33.32 14.56 -4.02
C LYS A 585 32.54 13.95 -5.18
N TRP A 586 33.00 14.26 -6.39
CA TRP A 586 32.36 13.70 -7.59
C TRP A 586 32.60 12.21 -7.62
N THR A 587 31.58 11.43 -7.29
CA THR A 587 31.66 9.98 -7.31
C THR A 587 30.78 9.44 -8.44
N ASN A 588 31.08 8.20 -8.85
CA ASN A 588 30.30 7.55 -9.89
C ASN A 588 28.92 7.13 -9.43
N ASP A 589 28.52 7.49 -8.21
CA ASP A 589 27.21 7.13 -7.69
C ASP A 589 26.86 8.10 -6.57
N TYR A 590 25.56 8.22 -6.31
CA TYR A 590 25.06 9.14 -5.30
C TYR A 590 23.86 8.51 -4.61
N SER A 591 23.60 8.96 -3.39
CA SER A 591 22.40 8.58 -2.67
C SER A 591 21.75 9.74 -1.94
N MET A 592 22.29 10.95 -2.03
CA MET A 592 21.71 12.11 -1.40
C MET A 592 21.80 13.31 -2.33
N VAL A 593 20.67 13.97 -2.55
CA VAL A 593 20.63 15.26 -3.22
C VAL A 593 20.12 16.27 -2.21
N LEU A 594 20.93 17.31 -1.96
CA LEU A 594 20.66 18.20 -0.85
C LEU A 594 19.40 19.02 -1.08
N THR A 595 18.80 19.47 0.02
CA THR A 595 17.61 20.31 -0.01
C THR A 595 17.95 21.77 -0.30
N GLY A 596 19.23 22.10 -0.48
CA GLY A 596 19.60 23.45 -0.84
C GLY A 596 19.01 23.89 -2.17
N ALA A 597 18.89 22.96 -3.11
CA ALA A 597 18.19 23.22 -4.37
C ALA A 597 17.56 21.89 -4.82
N ALA A 598 16.31 21.68 -4.41
CA ALA A 598 15.64 20.42 -4.68
C ALA A 598 14.14 20.62 -4.61
N ILE A 599 13.42 19.76 -5.32
CA ILE A 599 11.97 19.79 -5.38
C ILE A 599 11.44 18.51 -4.75
N TYR A 600 10.52 18.65 -3.81
CA TYR A 600 9.96 17.51 -3.10
C TYR A 600 8.55 17.84 -2.66
N HIS A 601 7.79 16.80 -2.36
CA HIS A 601 6.41 16.98 -1.93
C HIS A 601 6.37 17.65 -0.57
N LYS A 602 5.36 18.49 -0.35
CA LYS A 602 5.29 19.24 0.90
C LYS A 602 4.88 18.38 2.08
N TYR A 603 4.49 17.13 1.85
CA TYR A 603 4.22 16.23 2.97
C TYR A 603 5.49 15.89 3.74
N TYR A 604 6.65 15.94 3.07
CA TYR A 604 7.89 15.68 3.77
C TYR A 604 8.21 16.76 4.79
N HIS A 605 7.68 17.97 4.62
CA HIS A 605 7.76 18.97 5.67
C HIS A 605 7.07 18.51 6.93
N TYR A 606 5.83 18.01 6.80
CA TYR A 606 5.12 17.50 7.95
C TYR A 606 5.84 16.30 8.55
N LEU A 607 6.37 15.43 7.70
CA LEU A 607 7.09 14.26 8.19
C LEU A 607 8.30 14.66 9.03
N TYR A 608 9.08 15.62 8.53
CA TYR A 608 10.24 16.09 9.29
C TYR A 608 9.80 16.75 10.59
N SER A 609 8.70 17.50 10.55
CA SER A 609 8.29 18.25 11.73
C SER A 609 7.77 17.32 12.83
N HIS A 610 7.10 16.23 12.45
CA HIS A 610 6.42 15.40 13.45
C HIS A 610 7.04 14.02 13.65
N TYR A 611 7.27 13.28 12.56
CA TYR A 611 7.67 11.88 12.68
C TYR A 611 9.03 11.74 13.37
N LEU A 612 9.99 12.57 13.01
CA LEU A 612 11.33 12.42 13.54
C LEU A 612 11.37 12.71 15.04
N PRO A 613 12.31 12.11 15.77
CA PRO A 613 12.38 12.33 17.21
C PRO A 613 12.86 13.73 17.54
N ALA A 614 12.53 14.17 18.75
CA ALA A 614 12.97 15.47 19.21
C ALA A 614 14.47 15.55 19.35
N SER A 615 15.14 14.42 19.66
CA SER A 615 16.58 14.45 19.87
C SER A 615 17.34 14.78 18.60
N LEU A 616 16.98 14.14 17.48
CA LEU A 616 17.67 14.39 16.23
C LEU A 616 17.46 15.83 15.77
N LYS A 617 16.23 16.32 15.85
CA LYS A 617 15.95 17.70 15.44
C LYS A 617 16.64 18.70 16.35
N ASN A 618 16.69 18.41 17.65
CA ASN A 618 17.41 19.29 18.57
C ASN A 618 18.90 19.33 18.27
N MET A 619 19.49 18.18 17.94
CA MET A 619 20.90 18.17 17.57
C MET A 619 21.12 18.94 16.28
N VAL A 620 20.21 18.80 15.32
CA VAL A 620 20.29 19.55 14.08
C VAL A 620 20.25 21.05 14.37
N ASP A 621 19.35 21.48 15.25
CA ASP A 621 19.27 22.88 15.62
C ASP A 621 20.55 23.34 16.30
N GLN A 622 21.10 22.51 17.19
CA GLN A 622 22.30 22.91 17.94
C GLN A 622 23.50 23.08 17.02
N LEU A 623 23.71 22.14 16.10
CA LEU A 623 24.87 22.25 15.22
C LEU A 623 24.62 23.18 14.03
N ALA A 624 23.38 23.59 13.78
CA ALA A 624 23.02 24.39 12.61
C ALA A 624 23.50 23.70 11.33
N ASN A 625 23.24 22.41 11.22
CA ASN A 625 23.65 21.62 10.07
C ASN A 625 22.79 20.37 10.00
N CYS A 626 23.01 19.57 8.95
CA CYS A 626 22.46 18.24 8.77
C CYS A 626 20.96 18.20 8.56
N GLU A 627 20.34 19.30 8.12
CA GLU A 627 18.92 19.26 7.82
C GLU A 627 18.65 18.53 6.51
N ASP A 628 19.46 18.79 5.49
CA ASP A 628 19.27 18.13 4.20
C ASP A 628 19.57 16.64 4.28
N ILE A 629 20.61 16.26 5.03
CA ILE A 629 20.93 14.85 5.19
C ILE A 629 19.78 14.13 5.87
N LEU A 630 19.21 14.73 6.90
CA LEU A 630 18.10 14.09 7.60
C LEU A 630 16.87 14.01 6.70
N MET A 631 16.64 15.03 5.88
CA MET A 631 15.51 14.98 4.96
C MET A 631 15.67 13.85 3.96
N ASN A 632 16.88 13.68 3.41
CA ASN A 632 17.12 12.58 2.49
C ASN A 632 17.00 11.24 3.17
N PHE A 633 17.49 11.13 4.42
CA PHE A 633 17.28 9.92 5.20
C PHE A 633 15.81 9.57 5.29
N LEU A 634 14.98 10.56 5.65
CA LEU A 634 13.56 10.31 5.81
C LEU A 634 12.91 9.93 4.47
N VAL A 635 13.29 10.60 3.39
CA VAL A 635 12.69 10.32 2.09
C VAL A 635 13.08 8.93 1.59
N SER A 636 14.35 8.56 1.73
CA SER A 636 14.79 7.23 1.33
C SER A 636 14.20 6.16 2.23
N ALA A 637 13.90 6.49 3.49
CA ALA A 637 13.26 5.52 4.36
C ALA A 637 11.81 5.32 3.99
N VAL A 638 11.09 6.41 3.69
CA VAL A 638 9.67 6.27 3.35
C VAL A 638 9.50 5.64 1.98
N THR A 639 10.32 6.02 1.01
CA THR A 639 10.13 5.56 -0.36
C THR A 639 10.89 4.28 -0.70
N LYS A 640 11.96 3.97 0.04
CA LYS A 640 12.80 2.81 -0.25
C LYS A 640 13.36 2.89 -1.66
N LEU A 641 13.52 4.09 -2.17
CA LEU A 641 14.01 4.33 -3.53
C LEU A 641 15.08 5.40 -3.47
N PRO A 642 16.05 5.36 -4.38
CA PRO A 642 17.09 6.38 -4.38
C PRO A 642 16.54 7.72 -4.84
N PRO A 643 17.17 8.82 -4.45
CA PRO A 643 16.71 10.13 -4.93
C PRO A 643 17.09 10.35 -6.39
N ILE A 644 16.43 11.33 -7.00
CA ILE A 644 16.67 11.67 -8.39
C ILE A 644 17.53 12.92 -8.45
N LYS A 645 18.64 12.84 -9.16
CA LYS A 645 19.45 14.00 -9.50
C LYS A 645 19.23 14.35 -10.96
N VAL A 646 19.07 15.63 -11.24
CA VAL A 646 18.78 16.10 -12.59
C VAL A 646 19.90 17.03 -13.04
N THR A 647 20.13 17.05 -14.35
CA THR A 647 21.14 17.88 -15.00
C THR A 647 22.54 17.58 -14.50
N GLN A 648 23.51 18.29 -15.05
CA GLN A 648 24.93 18.10 -14.75
C GLN A 648 25.45 19.11 -13.73
N LYS A 649 24.53 19.78 -13.04
CA LYS A 649 24.93 20.84 -12.08
C LYS A 649 25.77 20.23 -10.95
N LYS A 650 27.04 20.63 -10.85
CA LYS A 650 27.94 20.06 -9.83
C LYS A 650 28.04 20.99 -8.62
N GLN A 651 27.81 22.30 -8.81
CA GLN A 651 27.89 23.29 -7.70
C GLN A 651 26.70 24.25 -7.80
N TYR A 652 25.83 24.28 -6.79
CA TYR A 652 24.63 25.11 -6.82
C TYR A 652 24.75 26.37 -5.97
N LYS A 653 25.96 26.66 -5.47
CA LYS A 653 26.20 27.81 -4.61
C LYS A 653 27.06 28.83 -5.36
N GLU A 654 27.27 29.97 -4.71
CA GLU A 654 28.14 31.02 -5.24
C GLU A 654 27.69 31.49 -6.62
N PRO A 669 36.53 22.57 7.81
CA PRO A 669 36.67 21.15 8.14
C PRO A 669 35.65 20.69 9.18
N ASP A 670 35.18 21.62 10.00
CA ASP A 670 34.20 21.28 11.02
C ASP A 670 32.88 20.84 10.41
N HIS A 671 32.54 21.38 9.23
CA HIS A 671 31.29 21.02 8.57
C HIS A 671 31.23 19.52 8.27
N PHE A 672 32.32 18.99 7.71
CA PHE A 672 32.33 17.57 7.35
C PHE A 672 32.23 16.67 8.58
N ALA A 673 32.95 17.01 9.65
CA ALA A 673 32.91 16.18 10.84
C ALA A 673 31.52 16.14 11.45
N GLN A 674 30.85 17.30 11.51
CA GLN A 674 29.48 17.34 12.00
C GLN A 674 28.55 16.54 11.11
N ARG A 675 28.73 16.64 9.79
CA ARG A 675 27.89 15.86 8.88
C ARG A 675 28.08 14.36 9.09
N GLN A 676 29.33 13.92 9.27
CA GLN A 676 29.59 12.49 9.44
C GLN A 676 29.05 11.98 10.77
N SER A 677 29.22 12.77 11.84
CA SER A 677 28.62 12.39 13.11
C SER A 677 27.11 12.33 13.00
N CYS A 678 26.52 13.28 12.25
CA CYS A 678 25.08 13.24 12.00
C CYS A 678 24.68 11.96 11.30
N MET A 679 25.44 11.56 10.28
CA MET A 679 25.10 10.35 9.54
C MET A 679 25.13 9.14 10.44
N ASN A 680 26.17 9.03 11.27
CA ASN A 680 26.25 7.89 12.19
C ASN A 680 25.10 7.91 13.19
N THR A 681 24.76 9.09 13.72
CA THR A 681 23.67 9.20 14.67
C THR A 681 22.35 8.81 14.05
N PHE A 682 22.09 9.28 12.82
CA PHE A 682 20.84 8.95 12.14
C PHE A 682 20.78 7.46 11.84
N ALA A 683 21.90 6.86 11.45
CA ALA A 683 21.93 5.42 11.22
C ALA A 683 21.65 4.66 12.50
N SER A 684 22.19 5.12 13.62
CA SER A 684 21.93 4.47 14.90
C SER A 684 20.45 4.57 15.27
N TRP A 685 19.84 5.73 15.05
CA TRP A 685 18.43 5.88 15.39
C TRP A 685 17.54 5.05 14.48
N PHE A 686 17.78 5.10 13.18
CA PHE A 686 16.99 4.30 12.24
C PHE A 686 17.22 2.81 12.45
N GLY A 687 18.39 2.45 12.98
CA GLY A 687 18.77 1.06 13.07
C GLY A 687 19.48 0.51 11.86
N TYR A 688 19.59 1.31 10.80
CA TYR A 688 20.23 0.88 9.55
C TYR A 688 20.45 2.11 8.69
N MET A 689 20.94 1.89 7.48
CA MET A 689 21.14 2.97 6.53
C MET A 689 20.04 2.89 5.48
N PRO A 690 19.07 3.81 5.47
CA PRO A 690 18.01 3.75 4.47
C PRO A 690 18.39 4.36 3.13
N LEU A 691 19.53 5.03 3.05
CA LEU A 691 19.97 5.61 1.80
C LEU A 691 20.38 4.52 0.81
N ILE A 692 19.99 4.71 -0.45
CA ILE A 692 20.21 3.73 -1.51
C ILE A 692 20.97 4.40 -2.64
N HIS A 693 22.03 3.76 -3.09
CA HIS A 693 22.87 4.32 -4.15
C HIS A 693 22.14 4.30 -5.49
N SER A 694 22.60 5.17 -6.40
CA SER A 694 22.09 5.21 -7.76
C SER A 694 23.07 5.98 -8.63
N GLN A 695 23.40 5.43 -9.80
CA GLN A 695 24.40 6.02 -10.67
C GLN A 695 23.82 6.48 -12.00
N MET A 696 22.63 7.06 -11.97
CA MET A 696 21.99 7.65 -13.14
C MET A 696 21.46 9.04 -12.80
N ARG A 697 21.38 9.90 -13.81
CA ARG A 697 20.78 11.21 -13.68
C ARG A 697 19.82 11.44 -14.83
N LEU A 698 18.80 12.25 -14.60
CA LEU A 698 17.81 12.57 -15.62
C LEU A 698 18.18 13.88 -16.27
N ASP A 699 18.66 13.81 -17.50
CA ASP A 699 19.06 14.95 -18.31
C ASP A 699 18.05 15.16 -19.41
N PRO A 700 17.94 16.38 -19.95
CA PRO A 700 16.98 16.61 -21.03
C PRO A 700 17.37 15.83 -22.27
N VAL A 701 16.35 15.44 -23.03
CA VAL A 701 16.61 14.86 -24.35
C VAL A 701 17.30 15.91 -25.21
N LEU A 702 18.29 15.46 -25.99
CA LEU A 702 19.09 16.33 -26.84
C LEU A 702 19.95 17.28 -26.01
N PHE A 703 20.56 16.75 -24.95
CA PHE A 703 21.48 17.53 -24.12
C PHE A 703 22.90 17.28 -24.58
N LYS A 704 23.62 18.37 -24.90
CA LYS A 704 24.96 18.28 -25.47
C LYS A 704 24.98 17.40 -26.71
N ASP A 705 23.86 17.38 -27.44
CA ASP A 705 23.73 16.61 -28.65
C ASP A 705 23.88 17.52 -29.86
N GLN A 706 24.54 17.00 -30.90
CA GLN A 706 24.86 17.80 -32.08
C GLN A 706 23.60 18.02 -32.90
N VAL A 707 22.77 18.95 -32.43
CA VAL A 707 21.57 19.40 -33.12
C VAL A 707 21.61 20.92 -33.18
N SER A 708 20.93 21.49 -34.18
CA SER A 708 20.79 22.93 -34.25
C SER A 708 20.12 23.46 -33.00
N ILE A 709 20.68 24.54 -32.45
CA ILE A 709 20.23 25.10 -31.19
C ILE A 709 18.81 25.65 -31.26
N LEU A 710 18.25 25.77 -32.46
CA LEU A 710 16.88 26.26 -32.62
C LEU A 710 15.83 25.18 -32.38
N ARG A 711 16.24 23.94 -32.16
CA ARG A 711 15.31 22.84 -31.95
C ARG A 711 15.20 22.42 -30.50
N LYS A 712 16.26 22.60 -29.71
CA LYS A 712 16.22 22.24 -28.30
C LYS A 712 15.22 23.11 -27.55
N LYS A 713 14.69 22.56 -26.46
CA LYS A 713 13.79 23.31 -25.59
C LYS A 713 14.52 23.98 -24.44
N TYR A 714 15.36 23.24 -23.71
CA TYR A 714 16.11 23.81 -22.59
C TYR A 714 17.51 24.21 -23.05
N ARG A 715 17.54 25.29 -23.83
CA ARG A 715 18.81 25.78 -24.36
C ARG A 715 19.75 26.24 -23.27
N ASP A 716 19.25 26.96 -22.27
CA ASP A 716 20.10 27.68 -21.33
C ASP A 716 20.75 26.79 -20.29
N ILE A 717 20.38 25.51 -20.21
CA ILE A 717 20.98 24.63 -19.21
C ILE A 717 22.47 24.49 -19.45
N GLU A 718 22.88 24.32 -20.71
CA GLU A 718 24.30 24.24 -21.02
C GLU A 718 25.01 25.54 -20.69
N ARG A 719 24.37 26.67 -20.95
CA ARG A 719 24.94 27.98 -20.67
C ARG A 719 25.15 28.16 -19.16
N ASP B 38 -25.58 -16.76 19.27
CA ASP B 38 -24.42 -16.89 20.14
C ASP B 38 -23.26 -16.07 19.59
N LEU B 39 -22.78 -15.12 20.39
CA LEU B 39 -21.73 -14.22 19.92
C LEU B 39 -20.41 -14.95 19.69
N SER B 40 -20.13 -15.99 20.47
CA SER B 40 -18.91 -16.77 20.30
C SER B 40 -19.10 -17.82 19.20
N CYS B 41 -19.16 -17.34 17.97
CA CYS B 41 -19.47 -18.16 16.79
C CYS B 41 -18.73 -17.56 15.61
N ARG B 42 -17.54 -18.11 15.33
CA ARG B 42 -16.69 -17.68 14.23
C ARG B 42 -16.59 -18.78 13.19
N MET B 43 -15.98 -18.42 12.05
CA MET B 43 -15.94 -19.34 10.92
C MET B 43 -15.19 -20.63 11.27
N HIS B 44 -14.05 -20.50 11.95
CA HIS B 44 -13.20 -21.66 12.23
C HIS B 44 -13.85 -22.66 13.15
N THR B 45 -14.93 -22.30 13.85
CA THR B 45 -15.64 -23.22 14.71
C THR B 45 -17.09 -23.42 14.30
N CYS B 46 -17.82 -22.35 14.04
CA CYS B 46 -19.23 -22.45 13.70
C CYS B 46 -19.43 -23.01 12.29
N PHE B 47 -18.65 -22.55 11.32
CA PHE B 47 -18.89 -22.91 9.93
C PHE B 47 -18.45 -24.34 9.66
N ASP B 48 -19.17 -25.02 8.77
CA ASP B 48 -18.89 -26.40 8.40
C ASP B 48 -18.27 -26.40 7.01
N VAL B 49 -16.93 -26.47 6.96
CA VAL B 49 -16.21 -26.41 5.69
C VAL B 49 -16.10 -27.76 5.00
N TYR B 50 -16.80 -28.79 5.49
CA TYR B 50 -16.86 -30.04 4.77
C TYR B 50 -17.81 -29.97 3.58
N ARG B 51 -18.60 -28.92 3.48
CA ARG B 51 -19.58 -28.83 2.41
C ARG B 51 -19.00 -28.22 1.14
N CYS B 52 -18.13 -27.22 1.25
CA CYS B 52 -17.48 -26.63 0.08
C CYS B 52 -15.98 -26.62 0.35
N GLY B 53 -15.29 -27.67 -0.10
CA GLY B 53 -13.85 -27.76 0.07
C GLY B 53 -13.10 -26.98 -0.99
N PHE B 54 -13.30 -27.33 -2.25
CA PHE B 54 -12.56 -26.71 -3.33
C PHE B 54 -13.27 -26.99 -4.65
N ASN B 55 -13.33 -25.98 -5.50
CA ASN B 55 -13.92 -26.10 -6.83
C ASN B 55 -12.98 -25.45 -7.83
N PRO B 56 -12.96 -25.93 -9.08
CA PRO B 56 -12.12 -25.25 -10.08
C PRO B 56 -12.48 -23.80 -10.29
N LYS B 57 -13.78 -23.49 -10.26
CA LYS B 57 -14.23 -22.10 -10.19
C LYS B 57 -14.49 -21.77 -8.72
N ASN B 58 -13.76 -20.79 -8.20
CA ASN B 58 -13.81 -20.46 -6.78
C ASN B 58 -15.07 -19.66 -6.46
N LYS B 59 -16.21 -20.28 -6.72
CA LYS B 59 -17.52 -19.70 -6.44
C LYS B 59 -18.28 -20.67 -5.55
N ILE B 60 -18.68 -20.19 -4.38
CA ILE B 60 -19.44 -21.04 -3.47
C ILE B 60 -20.81 -21.32 -4.07
N LYS B 61 -21.43 -22.40 -3.61
CA LYS B 61 -22.74 -22.81 -4.06
C LYS B 61 -23.79 -22.42 -3.03
N VAL B 62 -24.91 -21.90 -3.49
CA VAL B 62 -26.01 -21.46 -2.62
C VAL B 62 -27.26 -22.24 -2.99
N TYR B 63 -27.92 -22.80 -1.97
CA TYR B 63 -29.18 -23.48 -2.14
C TYR B 63 -30.29 -22.69 -1.47
N ILE B 64 -31.45 -22.65 -2.12
CA ILE B 64 -32.60 -21.90 -1.63
C ILE B 64 -33.77 -22.85 -1.48
N TYR B 65 -34.36 -22.87 -0.29
CA TYR B 65 -35.56 -23.68 -0.06
C TYR B 65 -36.72 -23.10 -0.85
N ALA B 66 -37.64 -23.97 -1.27
CA ALA B 66 -38.82 -23.54 -2.01
C ALA B 66 -39.69 -22.63 -1.15
N ILE B 82 -44.57 -13.52 2.27
CA ILE B 82 -43.27 -13.23 1.69
C ILE B 82 -43.29 -11.85 1.05
N SER B 83 -42.48 -10.94 1.57
CA SER B 83 -42.42 -9.60 1.03
C SER B 83 -41.75 -9.59 -0.34
N ARG B 84 -42.06 -8.56 -1.13
CA ARG B 84 -41.51 -8.47 -2.47
C ARG B 84 -40.01 -8.24 -2.47
N GLU B 85 -39.49 -7.56 -1.44
CA GLU B 85 -38.05 -7.36 -1.37
C GLU B 85 -37.32 -8.69 -1.22
N TYR B 86 -37.83 -9.58 -0.37
CA TYR B 86 -37.20 -10.88 -0.22
C TYR B 86 -37.38 -11.74 -1.47
N ASN B 87 -38.51 -11.60 -2.16
CA ASN B 87 -38.68 -12.28 -3.43
C ASN B 87 -37.63 -11.82 -4.43
N GLU B 88 -37.38 -10.52 -4.48
CA GLU B 88 -36.34 -9.99 -5.37
C GLU B 88 -34.96 -10.50 -4.97
N LEU B 89 -34.69 -10.58 -3.67
CA LEU B 89 -33.42 -11.10 -3.20
C LEU B 89 -33.23 -12.55 -3.63
N LEU B 90 -34.27 -13.36 -3.47
CA LEU B 90 -34.19 -14.76 -3.88
C LEU B 90 -34.03 -14.89 -5.38
N MET B 91 -34.72 -14.06 -6.16
CA MET B 91 -34.55 -14.08 -7.60
C MET B 91 -33.13 -13.71 -8.00
N ALA B 92 -32.56 -12.71 -7.33
CA ALA B 92 -31.19 -12.30 -7.62
C ALA B 92 -30.20 -13.42 -7.29
N ILE B 93 -30.44 -14.14 -6.19
CA ILE B 93 -29.55 -15.24 -5.83
C ILE B 93 -29.71 -16.39 -6.82
N SER B 94 -30.94 -16.63 -7.28
CA SER B 94 -31.20 -17.76 -8.17
C SER B 94 -30.54 -17.59 -9.52
N ASP B 95 -30.53 -16.39 -10.07
CA ASP B 95 -29.96 -16.14 -11.38
C ASP B 95 -28.44 -16.01 -11.36
N SER B 96 -27.83 -16.03 -10.19
CA SER B 96 -26.39 -15.90 -10.08
C SER B 96 -25.71 -17.26 -10.25
N ASP B 97 -24.39 -17.22 -10.38
CA ASP B 97 -23.63 -18.46 -10.51
C ASP B 97 -23.60 -19.28 -9.23
N TYR B 98 -23.88 -18.66 -8.09
CA TYR B 98 -23.86 -19.37 -6.82
C TYR B 98 -25.01 -20.35 -6.67
N TYR B 99 -26.03 -20.25 -7.51
CA TYR B 99 -27.21 -21.08 -7.34
C TYR B 99 -26.94 -22.52 -7.75
N THR B 100 -27.36 -23.46 -6.89
CA THR B 100 -27.28 -24.89 -7.18
C THR B 100 -28.57 -25.55 -6.71
N ASP B 101 -28.86 -26.69 -7.31
CA ASP B 101 -30.08 -27.44 -6.99
C ASP B 101 -29.86 -28.60 -6.04
N ASP B 102 -28.67 -29.21 -6.05
CA ASP B 102 -28.40 -30.35 -5.19
C ASP B 102 -28.14 -29.86 -3.77
N ILE B 103 -28.93 -30.35 -2.82
CA ILE B 103 -28.76 -29.94 -1.43
C ILE B 103 -27.42 -30.42 -0.90
N ASN B 104 -26.98 -31.61 -1.31
CA ASN B 104 -25.75 -32.19 -0.79
C ASN B 104 -24.54 -31.35 -1.19
N ARG B 105 -24.51 -30.83 -2.41
CA ARG B 105 -23.34 -30.10 -2.89
C ARG B 105 -23.36 -28.63 -2.49
N ALA B 106 -24.42 -28.14 -1.87
CA ALA B 106 -24.50 -26.75 -1.47
C ALA B 106 -23.67 -26.49 -0.21
N CYS B 107 -23.23 -25.25 -0.05
CA CYS B 107 -22.51 -24.83 1.15
C CYS B 107 -23.24 -23.79 1.97
N LEU B 108 -24.10 -22.99 1.34
CA LEU B 108 -24.89 -22.00 2.05
C LEU B 108 -26.37 -22.23 1.78
N PHE B 109 -27.17 -22.11 2.84
CA PHE B 109 -28.62 -22.28 2.74
C PHE B 109 -29.29 -20.96 3.08
N VAL B 110 -30.12 -20.47 2.16
CA VAL B 110 -30.83 -19.21 2.35
C VAL B 110 -32.32 -19.52 2.43
N PRO B 111 -32.92 -19.48 3.61
CA PRO B 111 -34.34 -19.83 3.72
C PRO B 111 -35.22 -18.82 3.02
N SER B 112 -36.38 -19.30 2.55
CA SER B 112 -37.35 -18.46 1.88
C SER B 112 -38.37 -17.91 2.88
N ILE B 113 -37.85 -17.22 3.89
CA ILE B 113 -38.66 -16.62 4.94
C ILE B 113 -38.29 -15.16 5.08
N ASP B 114 -39.31 -14.31 5.27
CA ASP B 114 -39.09 -12.87 5.38
C ASP B 114 -38.56 -12.54 6.77
N VAL B 115 -37.30 -12.11 6.83
CA VAL B 115 -36.68 -11.66 8.06
C VAL B 115 -36.19 -10.23 7.98
N LEU B 116 -36.40 -9.55 6.85
CA LEU B 116 -35.95 -8.17 6.72
C LEU B 116 -36.71 -7.23 7.65
N ASN B 117 -38.02 -7.45 7.81
CA ASN B 117 -38.85 -6.59 8.63
C ASN B 117 -39.11 -7.27 9.96
N GLN B 118 -38.79 -6.58 11.06
CA GLN B 118 -39.00 -7.10 12.40
C GLN B 118 -40.20 -6.50 13.10
N ASN B 119 -40.76 -5.41 12.56
CA ASN B 119 -41.96 -4.82 13.17
C ASN B 119 -43.16 -5.77 13.06
N THR B 120 -43.20 -6.59 12.03
CA THR B 120 -44.27 -7.57 11.87
C THR B 120 -43.68 -8.98 11.72
N LEU B 121 -42.76 -9.33 12.62
CA LEU B 121 -42.01 -10.57 12.49
C LEU B 121 -42.70 -11.77 13.12
N ARG B 122 -43.30 -11.61 14.30
CA ARG B 122 -43.81 -12.73 15.10
C ARG B 122 -42.68 -13.72 15.39
N ILE B 123 -41.73 -13.23 16.20
CA ILE B 123 -40.42 -13.86 16.33
C ILE B 123 -40.54 -15.33 16.72
N LYS B 124 -41.50 -15.66 17.59
CA LYS B 124 -41.67 -17.05 17.99
C LYS B 124 -42.02 -17.93 16.80
N GLU B 125 -42.97 -17.49 15.97
CA GLU B 125 -43.37 -18.28 14.82
C GLU B 125 -42.23 -18.41 13.82
N THR B 126 -41.48 -17.33 13.59
CA THR B 126 -40.35 -17.40 12.66
C THR B 126 -39.28 -18.35 13.17
N ALA B 127 -38.99 -18.33 14.47
CA ALA B 127 -38.02 -19.27 15.02
C ALA B 127 -38.50 -20.70 14.88
N GLN B 128 -39.79 -20.94 15.13
CA GLN B 128 -40.34 -22.27 14.96
C GLN B 128 -40.23 -22.74 13.52
N ALA B 129 -40.49 -21.84 12.55
CA ALA B 129 -40.33 -22.18 11.14
C ALA B 129 -38.88 -22.48 10.80
N MET B 130 -37.95 -21.68 11.33
CA MET B 130 -36.53 -21.92 11.08
C MET B 130 -36.10 -23.28 11.58
N ALA B 131 -36.59 -23.67 12.76
CA ALA B 131 -36.34 -25.03 13.24
C ALA B 131 -37.01 -26.06 12.35
N GLN B 132 -38.23 -25.79 11.91
CA GLN B 132 -39.02 -26.71 11.10
C GLN B 132 -38.46 -26.88 9.70
N LEU B 133 -37.50 -26.05 9.28
CA LEU B 133 -36.92 -26.15 7.95
C LEU B 133 -36.35 -27.53 7.63
N SER B 134 -36.27 -28.43 8.61
CA SER B 134 -35.87 -29.83 8.48
C SER B 134 -34.41 -29.98 8.05
N ARG B 135 -33.71 -28.88 7.79
CA ARG B 135 -32.29 -28.91 7.46
C ARG B 135 -31.53 -27.87 8.27
N TRP B 136 -32.06 -27.45 9.42
CA TRP B 136 -31.44 -26.39 10.20
C TRP B 136 -30.07 -26.81 10.72
N ASP B 137 -29.98 -28.03 11.24
CA ASP B 137 -28.77 -28.59 11.86
C ASP B 137 -28.04 -27.55 12.71
N ARG B 138 -28.78 -26.92 13.61
CA ARG B 138 -28.24 -25.92 14.54
C ARG B 138 -27.70 -24.70 13.81
N GLY B 139 -28.20 -24.45 12.59
CA GLY B 139 -27.80 -23.27 11.84
C GLY B 139 -26.32 -23.20 11.54
N THR B 140 -25.73 -24.30 11.08
CA THR B 140 -24.29 -24.34 10.85
C THR B 140 -23.88 -23.40 9.72
N ASN B 141 -24.53 -23.50 8.56
CA ASN B 141 -24.11 -22.72 7.41
C ASN B 141 -25.29 -22.00 6.75
N HIS B 142 -26.31 -21.67 7.52
CA HIS B 142 -27.44 -20.92 6.99
C HIS B 142 -27.16 -19.43 7.07
N LEU B 143 -27.79 -18.68 6.16
CA LEU B 143 -27.63 -17.24 6.07
C LEU B 143 -28.99 -16.57 6.17
N LEU B 144 -29.07 -15.53 6.99
CA LEU B 144 -30.29 -14.76 7.18
C LEU B 144 -30.02 -13.31 6.81
N PHE B 145 -30.96 -12.70 6.07
CA PHE B 145 -30.89 -11.31 5.68
C PHE B 145 -31.85 -10.49 6.51
N ASN B 146 -31.39 -9.35 7.01
CA ASN B 146 -32.22 -8.46 7.81
C ASN B 146 -31.88 -7.02 7.46
N MET B 147 -32.86 -6.13 7.68
CA MET B 147 -32.62 -4.70 7.47
C MET B 147 -33.16 -3.82 8.58
N LEU B 148 -34.04 -4.32 9.45
CA LEU B 148 -34.60 -3.53 10.55
C LEU B 148 -34.48 -4.33 11.85
N PRO B 149 -33.28 -4.43 12.41
CA PRO B 149 -33.08 -5.17 13.67
C PRO B 149 -33.36 -4.34 14.93
N GLY B 150 -34.65 -4.23 15.27
CA GLY B 150 -35.04 -3.46 16.43
C GLY B 150 -36.36 -3.93 17.01
N GLY B 151 -36.62 -3.52 18.24
CA GLY B 151 -37.84 -3.87 18.93
C GLY B 151 -38.51 -2.68 19.59
N PRO B 152 -39.83 -2.66 19.58
CA PRO B 152 -40.58 -1.58 20.23
C PRO B 152 -40.24 -1.44 21.72
N PRO B 153 -40.03 -2.55 22.47
CA PRO B 153 -39.55 -2.38 23.85
C PRO B 153 -38.13 -1.84 23.92
N ASP B 154 -37.22 -2.46 23.19
CA ASP B 154 -35.82 -2.04 23.16
C ASP B 154 -35.19 -2.50 21.85
N TYR B 155 -34.26 -1.70 21.35
CA TYR B 155 -33.58 -1.98 20.09
C TYR B 155 -32.20 -2.55 20.41
N ASN B 156 -32.02 -3.84 20.12
CA ASN B 156 -30.79 -4.54 20.46
C ASN B 156 -29.72 -4.46 19.38
N THR B 157 -30.01 -3.77 18.27
CA THR B 157 -29.06 -3.63 17.15
C THR B 157 -28.63 -4.99 16.61
N ALA B 158 -29.58 -5.94 16.61
CA ALA B 158 -29.36 -7.27 16.07
C ALA B 158 -30.73 -7.95 15.98
N LEU B 159 -30.77 -9.08 15.29
CA LEU B 159 -32.02 -9.82 15.19
C LEU B 159 -32.32 -10.51 16.51
N ASP B 160 -33.60 -10.48 16.90
CA ASP B 160 -34.02 -11.02 18.19
C ASP B 160 -34.40 -12.49 18.13
N VAL B 161 -34.32 -13.12 16.96
CA VAL B 161 -34.58 -14.55 16.83
C VAL B 161 -33.42 -15.30 17.50
N PRO B 162 -33.60 -16.57 17.89
CA PRO B 162 -32.49 -17.30 18.54
C PRO B 162 -31.23 -17.34 17.71
N ARG B 163 -31.31 -17.82 16.47
CA ARG B 163 -30.19 -17.88 15.51
C ARG B 163 -28.89 -18.29 16.21
N ASP B 164 -28.90 -19.53 16.72
CA ASP B 164 -27.82 -19.97 17.59
C ASP B 164 -26.47 -19.90 16.89
N ARG B 165 -26.40 -20.31 15.63
CA ARG B 165 -25.14 -20.30 14.89
C ARG B 165 -25.24 -19.74 13.49
N ALA B 166 -26.43 -19.36 13.03
CA ALA B 166 -26.61 -18.98 11.64
C ALA B 166 -25.91 -17.66 11.32
N LEU B 167 -25.41 -17.57 10.09
CA LEU B 167 -24.90 -16.31 9.58
C LEU B 167 -26.03 -15.28 9.51
N LEU B 168 -25.72 -14.05 9.90
CA LEU B 168 -26.68 -12.96 9.89
C LEU B 168 -26.16 -11.85 8.99
N ALA B 169 -27.05 -11.30 8.17
CA ALA B 169 -26.74 -10.18 7.28
C ALA B 169 -27.79 -9.10 7.53
N GLY B 170 -27.53 -8.25 8.52
CA GLY B 170 -28.51 -7.29 8.99
C GLY B 170 -28.08 -5.85 8.77
N GLY B 171 -29.06 -4.96 8.65
CA GLY B 171 -28.76 -3.56 8.45
C GLY B 171 -28.11 -2.91 9.66
N GLY B 172 -28.65 -3.19 10.85
CA GLY B 172 -28.17 -2.51 12.05
C GLY B 172 -27.28 -3.38 12.92
N PHE B 173 -25.99 -3.03 12.96
CA PHE B 173 -25.01 -3.78 13.72
C PHE B 173 -24.21 -2.81 14.58
N SER B 174 -24.12 -3.10 15.87
CA SER B 174 -23.18 -2.43 16.75
C SER B 174 -21.93 -3.29 16.89
N THR B 175 -20.88 -2.69 17.42
CA THR B 175 -19.64 -3.44 17.58
C THR B 175 -19.74 -4.53 18.64
N TRP B 176 -20.81 -4.56 19.42
CA TRP B 176 -21.03 -5.61 20.40
C TRP B 176 -21.84 -6.76 19.84
N THR B 177 -22.79 -6.49 18.95
CA THR B 177 -23.61 -7.53 18.35
C THR B 177 -23.05 -8.02 17.02
N TYR B 178 -21.79 -7.70 16.72
CA TYR B 178 -21.18 -8.01 15.44
C TYR B 178 -20.09 -9.07 15.63
N ARG B 179 -20.18 -10.16 14.88
CA ARG B 179 -19.11 -11.13 14.79
C ARG B 179 -18.22 -10.74 13.61
N GLN B 180 -16.92 -10.64 13.86
CA GLN B 180 -16.02 -9.98 12.92
C GLN B 180 -16.00 -10.65 11.56
N GLY B 181 -15.52 -11.88 11.49
CA GLY B 181 -15.42 -12.59 10.24
C GLY B 181 -16.60 -13.48 9.92
N TYR B 182 -17.71 -13.33 10.63
CA TYR B 182 -18.86 -14.21 10.48
C TYR B 182 -20.07 -13.48 9.91
N ASP B 183 -20.55 -12.43 10.57
CA ASP B 183 -21.69 -11.69 10.05
C ASP B 183 -21.25 -10.70 8.97
N VAL B 184 -22.22 -10.26 8.18
CA VAL B 184 -22.00 -9.27 7.14
C VAL B 184 -22.99 -8.14 7.33
N SER B 185 -22.51 -6.91 7.28
CA SER B 185 -23.36 -5.73 7.46
C SER B 185 -23.85 -5.25 6.10
N ILE B 186 -25.16 -5.20 5.91
CA ILE B 186 -25.73 -4.85 4.62
C ILE B 186 -26.45 -3.50 4.71
N PRO B 187 -26.56 -2.76 3.61
CA PRO B 187 -27.27 -1.48 3.65
C PRO B 187 -28.76 -1.66 3.87
N VAL B 188 -29.37 -0.63 4.44
CA VAL B 188 -30.82 -0.59 4.57
C VAL B 188 -31.38 -0.10 3.24
N TYR B 189 -31.95 -1.01 2.46
CA TYR B 189 -32.40 -0.68 1.12
C TYR B 189 -33.52 0.33 1.14
N SER B 190 -33.35 1.41 0.38
CA SER B 190 -34.34 2.47 0.28
C SER B 190 -35.13 2.30 -0.99
N PRO B 191 -36.46 2.19 -0.93
CA PRO B 191 -37.24 2.16 -2.18
C PRO B 191 -37.07 3.41 -3.01
N LEU B 192 -36.68 4.53 -2.39
CA LEU B 192 -36.46 5.77 -3.13
C LEU B 192 -35.31 5.67 -4.12
N SER B 193 -34.42 4.68 -3.96
CA SER B 193 -33.29 4.53 -4.88
C SER B 193 -33.76 4.19 -6.28
N ALA B 194 -34.78 3.35 -6.40
CA ALA B 194 -35.32 2.96 -7.70
C ALA B 194 -36.64 3.62 -8.03
N GLU B 195 -37.41 4.05 -7.04
CA GLU B 195 -38.70 4.66 -7.31
C GLU B 195 -38.55 5.97 -8.07
N VAL B 196 -37.59 6.80 -7.68
CA VAL B 196 -37.31 8.06 -8.35
C VAL B 196 -35.87 8.05 -8.82
N ASP B 197 -35.66 8.28 -10.11
CA ASP B 197 -34.33 8.25 -10.71
C ASP B 197 -33.81 9.69 -10.74
N LEU B 198 -33.06 10.05 -9.70
CA LEU B 198 -32.51 11.40 -9.64
C LEU B 198 -31.52 11.61 -10.78
N PRO B 199 -31.50 12.80 -11.38
CA PRO B 199 -30.52 13.07 -12.44
C PRO B 199 -29.10 12.97 -11.90
N GLU B 200 -28.21 12.45 -12.73
CA GLU B 200 -26.81 12.31 -12.34
C GLU B 200 -26.13 13.67 -12.32
N LYS B 201 -26.13 14.33 -11.17
CA LYS B 201 -25.53 15.65 -11.05
C LYS B 201 -24.01 15.51 -10.93
N GLY B 202 -23.28 16.35 -11.67
CA GLY B 202 -21.85 16.32 -11.65
C GLY B 202 -21.30 16.90 -10.36
N PRO B 203 -20.16 16.40 -9.90
CA PRO B 203 -19.55 16.94 -8.68
C PRO B 203 -19.13 18.38 -8.88
N GLY B 204 -19.26 19.16 -7.80
CA GLY B 204 -18.93 20.56 -7.81
C GLY B 204 -19.49 21.32 -6.63
N PRO B 205 -19.33 22.63 -6.64
CA PRO B 205 -19.85 23.45 -5.53
C PRO B 205 -21.36 23.36 -5.44
N ARG B 206 -21.87 23.49 -4.22
CA ARG B 206 -23.29 23.39 -3.95
C ARG B 206 -23.76 24.62 -3.21
N GLN B 207 -25.07 24.84 -3.23
CA GLN B 207 -25.67 25.98 -2.55
C GLN B 207 -25.48 25.90 -1.03
N TYR B 208 -25.61 24.71 -0.46
CA TYR B 208 -25.48 24.50 0.97
C TYR B 208 -24.26 23.65 1.26
N PHE B 209 -23.65 23.90 2.43
CA PHE B 209 -22.46 23.18 2.86
C PHE B 209 -22.79 21.95 3.70
N LEU B 210 -23.54 22.13 4.78
CA LEU B 210 -23.98 21.04 5.62
C LEU B 210 -25.50 20.99 5.60
N LEU B 211 -26.04 19.78 5.63
CA LEU B 211 -27.49 19.61 5.59
C LEU B 211 -27.87 18.40 6.42
N SER B 212 -29.10 18.40 6.91
CA SER B 212 -29.65 17.28 7.67
C SER B 212 -31.12 17.13 7.29
N SER B 213 -31.46 15.99 6.69
CA SER B 213 -32.84 15.71 6.30
C SER B 213 -33.27 14.40 6.94
N GLN B 214 -33.75 14.47 8.18
CA GLN B 214 -34.30 13.32 8.86
C GLN B 214 -35.53 13.73 9.65
N VAL B 215 -36.47 12.80 9.79
CA VAL B 215 -37.75 13.04 10.44
C VAL B 215 -37.77 12.30 11.77
N GLY B 216 -38.23 12.96 12.81
CA GLY B 216 -38.32 12.34 14.13
C GLY B 216 -36.99 12.06 14.77
N LEU B 217 -36.03 12.97 14.66
CA LEU B 217 -34.79 12.83 15.39
C LEU B 217 -35.01 13.08 16.88
N HIS B 218 -34.06 12.64 17.69
CA HIS B 218 -34.13 12.89 19.12
C HIS B 218 -34.00 14.39 19.40
N PRO B 219 -34.68 14.89 20.43
CA PRO B 219 -34.63 16.34 20.71
C PRO B 219 -33.23 16.88 20.91
N GLU B 220 -32.32 16.09 21.48
CA GLU B 220 -30.95 16.56 21.64
C GLU B 220 -30.29 16.82 20.30
N TYR B 221 -30.51 15.92 19.34
CA TYR B 221 -29.99 16.12 17.99
C TYR B 221 -30.54 17.39 17.38
N ARG B 222 -31.86 17.58 17.50
CA ARG B 222 -32.49 18.77 16.94
C ARG B 222 -31.95 20.04 17.57
N GLU B 223 -31.75 20.02 18.89
CA GLU B 223 -31.20 21.19 19.58
C GLU B 223 -29.79 21.49 19.09
N ASP B 224 -28.95 20.46 18.95
CA ASP B 224 -27.59 20.68 18.48
C ASP B 224 -27.58 21.22 17.06
N LEU B 225 -28.43 20.67 16.19
CA LEU B 225 -28.46 21.11 14.80
C LEU B 225 -28.97 22.53 14.69
N GLU B 226 -30.00 22.89 15.46
CA GLU B 226 -30.48 24.26 15.45
C GLU B 226 -29.45 25.21 16.02
N ALA B 227 -28.70 24.79 17.03
CA ALA B 227 -27.61 25.62 17.52
C ALA B 227 -26.55 25.86 16.44
N LEU B 228 -26.20 24.81 15.70
CA LEU B 228 -25.26 24.99 14.59
C LEU B 228 -25.81 25.93 13.53
N GLN B 229 -27.12 25.79 13.22
CA GLN B 229 -27.73 26.63 12.20
C GLN B 229 -27.76 28.09 12.62
N VAL B 230 -28.05 28.38 13.89
CA VAL B 230 -28.06 29.76 14.33
C VAL B 230 -26.64 30.29 14.49
N LYS B 231 -25.67 29.41 14.75
CA LYS B 231 -24.29 29.87 14.87
C LYS B 231 -23.68 30.19 13.52
N HIS B 232 -24.09 29.48 12.46
CA HIS B 232 -23.49 29.67 11.15
C HIS B 232 -24.45 30.33 10.16
N GLY B 233 -25.61 29.74 9.93
CA GLY B 233 -26.62 30.37 9.10
C GLY B 233 -26.35 30.29 7.61
N GLU B 234 -27.40 30.07 6.83
CA GLU B 234 -27.39 30.04 5.37
C GLU B 234 -26.57 28.89 4.81
N SER B 235 -25.87 28.12 5.65
CA SER B 235 -25.12 26.95 5.20
C SER B 235 -25.68 25.66 5.77
N VAL B 236 -25.86 25.59 7.09
CA VAL B 236 -26.47 24.43 7.71
C VAL B 236 -27.98 24.50 7.49
N LEU B 237 -28.48 23.71 6.55
CA LEU B 237 -29.90 23.71 6.21
C LEU B 237 -30.56 22.50 6.89
N VAL B 238 -30.90 22.69 8.16
CA VAL B 238 -31.65 21.67 8.87
C VAL B 238 -33.10 21.69 8.42
N LEU B 239 -33.65 20.51 8.15
CA LEU B 239 -35.00 20.40 7.62
C LEU B 239 -35.84 19.51 8.54
N ASP B 240 -37.14 19.77 8.51
CA ASP B 240 -38.09 19.06 9.37
C ASP B 240 -39.27 18.60 8.51
N LYS B 241 -40.25 17.99 9.17
CA LYS B 241 -41.43 17.49 8.47
C LYS B 241 -42.25 18.63 7.89
N ARG B 253 -43.05 13.12 1.83
CA ARG B 253 -41.85 13.06 1.02
C ARG B 253 -41.40 14.45 0.60
N LYS B 254 -41.74 15.44 1.41
CA LYS B 254 -41.30 16.82 1.23
C LYS B 254 -40.76 17.35 2.54
N ARG B 255 -39.82 18.28 2.44
CA ARG B 255 -39.17 18.87 3.61
C ARG B 255 -39.37 20.38 3.61
N CYS B 256 -39.60 20.94 4.80
CA CYS B 256 -39.84 22.36 4.95
C CYS B 256 -38.96 22.91 6.05
N HIS B 257 -38.22 23.98 5.74
CA HIS B 257 -37.36 24.62 6.73
C HIS B 257 -38.15 25.61 7.58
N LYS B 258 -38.65 26.69 6.96
CA LYS B 258 -39.54 27.65 7.60
C LYS B 258 -40.42 28.23 6.49
N HIS B 259 -41.59 27.63 6.30
CA HIS B 259 -42.55 27.98 5.25
C HIS B 259 -41.99 27.79 3.86
N GLN B 260 -40.76 27.28 3.71
CA GLN B 260 -40.14 27.06 2.42
C GLN B 260 -39.97 25.57 2.21
N VAL B 261 -40.41 25.09 1.05
CA VAL B 261 -40.47 23.66 0.76
C VAL B 261 -39.37 23.28 -0.23
N PHE B 262 -38.68 22.19 0.06
CA PHE B 262 -37.71 21.59 -0.84
C PHE B 262 -38.18 20.18 -1.19
N ASP B 263 -37.87 19.74 -2.41
CA ASP B 263 -38.13 18.36 -2.78
C ASP B 263 -37.17 17.44 -2.04
N TYR B 264 -37.73 16.52 -1.24
CA TYR B 264 -36.89 15.76 -0.31
C TYR B 264 -35.81 14.94 -1.00
N PRO B 265 -36.08 14.12 -2.03
CA PRO B 265 -34.98 13.46 -2.72
C PRO B 265 -34.02 14.42 -3.37
N GLN B 266 -34.51 15.56 -3.87
CA GLN B 266 -33.70 16.47 -4.65
C GLN B 266 -33.04 17.58 -3.82
N VAL B 267 -33.53 17.84 -2.60
CA VAL B 267 -32.83 18.79 -1.75
C VAL B 267 -31.47 18.21 -1.35
N LEU B 268 -31.38 16.89 -1.17
CA LEU B 268 -30.12 16.25 -0.84
C LEU B 268 -29.07 16.48 -1.93
N GLN B 269 -29.49 16.78 -3.14
CA GLN B 269 -28.58 17.15 -4.22
C GLN B 269 -28.11 18.58 -4.13
N GLU B 270 -28.72 19.39 -3.26
CA GLU B 270 -28.37 20.80 -3.15
C GLU B 270 -27.34 21.07 -2.08
N ALA B 271 -26.79 20.04 -1.45
CA ALA B 271 -25.89 20.20 -0.31
C ALA B 271 -24.60 19.45 -0.55
N THR B 272 -23.56 19.89 0.15
CA THR B 272 -22.25 19.26 0.07
C THR B 272 -22.08 18.10 1.04
N PHE B 273 -22.42 18.29 2.31
CA PHE B 273 -22.38 17.23 3.31
C PHE B 273 -23.79 16.95 3.79
N CYS B 274 -24.04 15.71 4.17
CA CYS B 274 -25.35 15.26 4.60
C CYS B 274 -25.22 14.57 5.94
N VAL B 275 -26.16 14.83 6.85
CA VAL B 275 -26.06 14.31 8.21
C VAL B 275 -26.91 13.05 8.33
N VAL B 276 -26.28 11.97 8.81
CA VAL B 276 -26.95 10.72 9.11
C VAL B 276 -26.83 10.47 10.61
N LEU B 277 -27.96 10.29 11.28
CA LEU B 277 -28.00 10.06 12.71
C LEU B 277 -28.61 8.70 13.01
N ARG B 278 -28.67 8.37 14.29
CA ARG B 278 -29.23 7.12 14.76
C ARG B 278 -30.39 7.43 15.71
N GLY B 279 -31.59 7.05 15.31
CA GLY B 279 -32.73 7.19 16.19
C GLY B 279 -33.16 5.85 16.74
N ALA B 280 -33.15 4.84 15.88
CA ALA B 280 -33.50 3.48 16.25
C ALA B 280 -32.94 2.55 15.18
N ARG B 281 -32.70 1.30 15.59
CA ARG B 281 -32.16 0.26 14.71
C ARG B 281 -30.74 0.58 14.26
N LEU B 282 -30.23 1.75 14.65
CA LEU B 282 -28.82 2.12 14.50
C LEU B 282 -28.41 2.30 13.05
N GLY B 283 -29.33 2.00 12.13
CA GLY B 283 -29.07 2.14 10.71
C GLY B 283 -30.30 2.65 9.98
N GLN B 284 -30.18 3.78 9.32
CA GLN B 284 -31.32 4.44 8.69
C GLN B 284 -31.29 4.23 7.18
N ALA B 285 -32.48 4.23 6.58
CA ALA B 285 -32.59 4.12 5.14
C ALA B 285 -32.09 5.35 4.41
N VAL B 286 -31.83 6.45 5.13
CA VAL B 286 -31.39 7.69 4.47
C VAL B 286 -29.98 7.60 3.92
N LEU B 287 -29.20 6.60 4.32
CA LEU B 287 -27.84 6.50 3.82
C LEU B 287 -27.83 6.24 2.32
N SER B 288 -28.72 5.38 1.85
CA SER B 288 -28.80 5.10 0.42
C SER B 288 -29.20 6.35 -0.37
N ASP B 289 -30.16 7.12 0.16
CA ASP B 289 -30.56 8.36 -0.51
C ASP B 289 -29.43 9.37 -0.53
N VAL B 290 -28.67 9.47 0.56
CA VAL B 290 -27.53 10.38 0.60
C VAL B 290 -26.49 9.97 -0.42
N LEU B 291 -26.22 8.67 -0.52
CA LEU B 291 -25.26 8.20 -1.51
C LEU B 291 -25.75 8.47 -2.93
N GLN B 292 -27.04 8.28 -3.18
CA GLN B 292 -27.59 8.53 -4.52
C GLN B 292 -27.48 10.01 -4.88
N ALA B 293 -27.81 10.89 -3.94
CA ALA B 293 -27.71 12.32 -4.20
C ALA B 293 -26.28 12.80 -4.35
N GLY B 294 -25.31 12.01 -3.90
CA GLY B 294 -23.92 12.34 -4.07
C GLY B 294 -23.27 13.05 -2.90
N CYS B 295 -24.04 13.56 -1.94
CA CYS B 295 -23.45 14.28 -0.83
C CYS B 295 -22.70 13.34 0.10
N VAL B 296 -21.61 13.84 0.67
CA VAL B 296 -20.77 13.07 1.58
C VAL B 296 -21.54 12.85 2.87
N PRO B 297 -21.80 11.60 3.26
CA PRO B 297 -22.59 11.37 4.47
C PRO B 297 -21.76 11.56 5.74
N VAL B 298 -22.41 12.12 6.75
CA VAL B 298 -21.82 12.27 8.08
C VAL B 298 -22.63 11.42 9.03
N VAL B 299 -22.01 10.37 9.56
CA VAL B 299 -22.67 9.45 10.47
C VAL B 299 -22.24 9.81 11.89
N ILE B 300 -23.22 10.15 12.73
CA ILE B 300 -22.94 10.54 14.11
C ILE B 300 -23.53 9.51 15.06
N ALA B 301 -23.62 8.26 14.61
CA ALA B 301 -23.94 7.16 15.51
C ALA B 301 -22.67 6.72 16.22
N ASP B 302 -22.74 6.61 17.55
CA ASP B 302 -21.54 6.38 18.35
C ASP B 302 -20.91 5.04 18.04
N SER B 303 -21.70 3.97 18.09
CA SER B 303 -21.20 2.60 17.91
C SER B 303 -22.00 1.94 16.80
N TYR B 304 -21.54 2.13 15.57
CA TYR B 304 -22.22 1.56 14.40
C TYR B 304 -21.20 1.37 13.30
N ILE B 305 -21.28 0.20 12.65
CA ILE B 305 -20.37 -0.16 11.56
C ILE B 305 -21.12 0.04 10.25
N LEU B 306 -20.48 0.75 9.32
CA LEU B 306 -21.12 1.05 8.05
C LEU B 306 -21.25 -0.22 7.20
N PRO B 307 -22.30 -0.31 6.38
CA PRO B 307 -22.52 -1.54 5.62
C PRO B 307 -21.36 -1.88 4.70
N PHE B 308 -21.07 -3.17 4.60
CA PHE B 308 -19.95 -3.69 3.80
C PHE B 308 -18.64 -3.05 4.21
N SER B 309 -18.47 -2.77 5.50
CA SER B 309 -17.22 -2.21 5.99
C SER B 309 -16.06 -3.20 5.87
N GLU B 310 -16.35 -4.48 5.68
CA GLU B 310 -15.30 -5.48 5.55
C GLU B 310 -14.46 -5.24 4.30
N VAL B 311 -15.12 -4.90 3.19
CA VAL B 311 -14.43 -4.75 1.92
C VAL B 311 -14.43 -3.32 1.39
N LEU B 312 -15.33 -2.47 1.85
CA LEU B 312 -15.43 -1.10 1.36
C LEU B 312 -14.68 -0.15 2.29
N ASP B 313 -14.02 0.84 1.69
CA ASP B 313 -13.20 1.80 2.42
C ASP B 313 -14.05 3.05 2.65
N TRP B 314 -14.77 3.08 3.75
CA TRP B 314 -15.64 4.21 4.06
C TRP B 314 -14.89 5.45 4.51
N LYS B 315 -13.61 5.33 4.85
CA LYS B 315 -12.82 6.50 5.18
C LYS B 315 -12.67 7.44 3.99
N ARG B 316 -12.84 6.94 2.78
CA ARG B 316 -12.73 7.73 1.56
C ARG B 316 -14.10 8.16 1.03
N ALA B 317 -15.18 7.83 1.72
CA ALA B 317 -16.51 8.14 1.22
C ALA B 317 -17.45 8.69 2.28
N SER B 318 -16.98 8.93 3.50
CA SER B 318 -17.84 9.39 4.58
C SER B 318 -16.99 10.07 5.64
N VAL B 319 -17.66 10.75 6.55
CA VAL B 319 -17.04 11.33 7.74
C VAL B 319 -17.83 10.84 8.95
N VAL B 320 -17.13 10.29 9.93
CA VAL B 320 -17.75 9.77 11.14
C VAL B 320 -17.29 10.61 12.32
N VAL B 321 -18.25 11.17 13.05
CA VAL B 321 -17.96 11.93 14.25
C VAL B 321 -18.77 11.36 15.40
N PRO B 322 -18.26 11.37 16.62
CA PRO B 322 -19.02 10.80 17.75
C PRO B 322 -20.20 11.66 18.11
N GLU B 323 -21.19 11.03 18.76
CA GLU B 323 -22.40 11.73 19.16
C GLU B 323 -22.11 12.82 20.17
N GLU B 324 -21.21 12.56 21.11
CA GLU B 324 -20.85 13.57 22.10
C GLU B 324 -20.18 14.77 21.45
N LYS B 325 -19.33 14.55 20.46
CA LYS B 325 -18.63 15.63 19.76
C LYS B 325 -19.41 16.08 18.53
N MET B 326 -20.68 16.42 18.74
CA MET B 326 -21.52 16.89 17.64
C MET B 326 -21.50 18.39 17.47
N SER B 327 -21.31 19.14 18.57
CA SER B 327 -21.31 20.59 18.50
C SER B 327 -20.12 21.13 17.71
N ASP B 328 -19.08 20.33 17.51
CA ASP B 328 -17.91 20.74 16.76
C ASP B 328 -17.85 20.14 15.38
N VAL B 329 -19.01 19.75 14.82
CA VAL B 329 -19.01 19.08 13.52
C VAL B 329 -18.59 20.05 12.42
N TYR B 330 -18.99 21.32 12.54
CA TYR B 330 -18.68 22.28 11.50
C TYR B 330 -17.18 22.52 11.37
N SER B 331 -16.48 22.61 12.51
CA SER B 331 -15.04 22.78 12.47
C SER B 331 -14.36 21.54 11.89
N ILE B 332 -14.90 20.36 12.15
CA ILE B 332 -14.35 19.14 11.57
C ILE B 332 -14.52 19.16 10.05
N LEU B 333 -15.72 19.52 9.59
CA LEU B 333 -16.01 19.47 8.16
C LEU B 333 -15.24 20.54 7.39
N GLN B 334 -15.00 21.71 8.01
CA GLN B 334 -14.23 22.74 7.33
C GLN B 334 -12.77 22.36 7.16
N SER B 335 -12.29 21.33 7.85
CA SER B 335 -10.93 20.86 7.68
C SER B 335 -10.76 19.94 6.48
N ILE B 336 -11.86 19.56 5.83
CA ILE B 336 -11.82 18.68 4.68
C ILE B 336 -11.65 19.54 3.43
N PRO B 337 -10.56 19.39 2.68
CA PRO B 337 -10.38 20.19 1.46
C PRO B 337 -11.40 19.82 0.39
N GLN B 338 -11.58 20.75 -0.55
CA GLN B 338 -12.62 20.60 -1.56
C GLN B 338 -12.35 19.41 -2.47
N ARG B 339 -11.09 19.15 -2.78
CA ARG B 339 -10.74 18.01 -3.62
C ARG B 339 -11.16 16.70 -2.93
N GLN B 340 -10.92 16.60 -1.62
CA GLN B 340 -11.39 15.43 -0.89
C GLN B 340 -12.90 15.36 -0.90
N ILE B 341 -13.57 16.50 -0.88
CA ILE B 341 -15.03 16.51 -0.94
C ILE B 341 -15.51 15.93 -2.25
N GLU B 342 -14.89 16.34 -3.36
CA GLU B 342 -15.27 15.80 -4.66
C GLU B 342 -15.01 14.30 -4.73
N GLU B 343 -13.86 13.86 -4.22
CA GLU B 343 -13.57 12.42 -4.24
C GLU B 343 -14.57 11.64 -3.40
N MET B 344 -14.93 12.16 -2.23
CA MET B 344 -15.91 11.50 -1.39
C MET B 344 -17.27 11.45 -2.07
N GLN B 345 -17.67 12.53 -2.76
CA GLN B 345 -18.92 12.51 -3.48
C GLN B 345 -18.91 11.45 -4.58
N ARG B 346 -17.81 11.36 -5.33
CA ARG B 346 -17.70 10.35 -6.36
C ARG B 346 -17.78 8.96 -5.78
N GLN B 347 -17.12 8.73 -4.65
CA GLN B 347 -17.15 7.41 -4.01
C GLN B 347 -18.54 7.08 -3.51
N ALA B 348 -19.26 8.08 -2.99
CA ALA B 348 -20.62 7.85 -2.53
C ALA B 348 -21.53 7.46 -3.68
N ARG B 349 -21.42 8.17 -4.80
CA ARG B 349 -22.20 7.81 -5.98
C ARG B 349 -21.83 6.42 -6.50
N TRP B 350 -20.54 6.10 -6.50
CA TRP B 350 -20.10 4.78 -6.92
C TRP B 350 -20.64 3.69 -6.02
N PHE B 351 -20.61 3.92 -4.71
CA PHE B 351 -21.15 2.94 -3.78
C PHE B 351 -22.64 2.75 -3.99
N TRP B 352 -23.36 3.84 -4.28
CA TRP B 352 -24.79 3.68 -4.53
C TRP B 352 -25.03 2.86 -5.79
N GLU B 353 -24.35 3.16 -6.88
CA GLU B 353 -24.66 2.48 -8.16
C GLU B 353 -24.13 1.06 -8.17
N ALA B 354 -23.23 0.71 -7.26
CA ALA B 354 -22.58 -0.61 -7.31
C ALA B 354 -23.07 -1.54 -6.20
N TYR B 355 -23.52 -1.00 -5.08
CA TYR B 355 -23.87 -1.84 -3.92
C TYR B 355 -25.23 -1.44 -3.33
N PHE B 356 -25.60 -0.15 -3.32
CA PHE B 356 -26.83 0.31 -2.69
C PHE B 356 -28.00 0.42 -3.67
N GLN B 357 -27.76 0.20 -4.96
CA GLN B 357 -28.76 0.52 -5.97
C GLN B 357 -30.00 -0.35 -5.83
N SER B 358 -29.82 -1.66 -5.78
CA SER B 358 -30.94 -2.59 -5.82
C SER B 358 -30.66 -3.75 -4.88
N ILE B 359 -31.73 -4.48 -4.56
CA ILE B 359 -31.60 -5.65 -3.70
C ILE B 359 -30.70 -6.68 -4.35
N LYS B 360 -30.66 -6.71 -5.68
CA LYS B 360 -29.77 -7.61 -6.39
C LYS B 360 -28.31 -7.28 -6.09
N ALA B 361 -27.96 -5.99 -6.10
CA ALA B 361 -26.58 -5.59 -5.84
C ALA B 361 -26.17 -5.93 -4.41
N ILE B 362 -27.06 -5.68 -3.44
CA ILE B 362 -26.75 -6.00 -2.06
C ILE B 362 -26.58 -7.50 -1.87
N ALA B 363 -27.47 -8.30 -2.47
CA ALA B 363 -27.36 -9.75 -2.35
C ALA B 363 -26.07 -10.26 -2.97
N LEU B 364 -25.72 -9.74 -4.15
CA LEU B 364 -24.48 -10.15 -4.81
C LEU B 364 -23.27 -9.76 -3.98
N ALA B 365 -23.28 -8.55 -3.39
CA ALA B 365 -22.16 -8.13 -2.56
C ALA B 365 -22.02 -9.02 -1.32
N THR B 366 -23.15 -9.37 -0.70
CA THR B 366 -23.08 -10.25 0.47
C THR B 366 -22.54 -11.62 0.10
N LEU B 367 -23.02 -12.19 -1.01
CA LEU B 367 -22.53 -13.49 -1.44
C LEU B 367 -21.05 -13.43 -1.78
N GLN B 368 -20.60 -12.34 -2.40
CA GLN B 368 -19.20 -12.19 -2.72
C GLN B 368 -18.34 -12.09 -1.47
N ILE B 369 -18.81 -11.36 -0.45
CA ILE B 369 -18.05 -11.25 0.80
C ILE B 369 -17.94 -12.61 1.47
N ILE B 370 -19.06 -13.35 1.53
CA ILE B 370 -19.04 -14.66 2.19
C ILE B 370 -18.14 -15.62 1.42
N ASN B 371 -18.18 -15.55 0.09
CA ASN B 371 -17.30 -16.38 -0.73
C ASN B 371 -15.83 -16.03 -0.49
N ASP B 372 -15.54 -14.74 -0.33
CA ASP B 372 -14.16 -14.33 -0.04
C ASP B 372 -13.73 -14.86 1.32
N ARG B 373 -14.64 -14.90 2.29
CA ARG B 373 -14.32 -15.52 3.57
C ARG B 373 -14.03 -17.01 3.43
N ILE B 374 -14.84 -17.71 2.63
CA ILE B 374 -14.66 -19.15 2.48
C ILE B 374 -13.40 -19.48 1.70
N TYR B 375 -13.09 -18.71 0.64
CA TYR B 375 -11.94 -18.94 -0.22
C TYR B 375 -11.07 -17.70 -0.21
N PRO B 376 -10.30 -17.48 0.87
CA PRO B 376 -9.54 -16.22 0.97
C PRO B 376 -8.53 -16.02 -0.14
N TYR B 377 -7.96 -17.11 -0.66
CA TYR B 377 -6.91 -16.98 -1.67
C TYR B 377 -7.45 -16.48 -3.00
N ALA B 378 -8.76 -16.55 -3.20
CA ALA B 378 -9.39 -16.16 -4.46
C ALA B 378 -10.28 -14.93 -4.31
N ALA B 379 -10.15 -14.20 -3.21
CA ALA B 379 -10.98 -13.02 -2.98
C ALA B 379 -10.64 -11.93 -3.99
N ILE B 380 -11.66 -11.18 -4.41
CA ILE B 380 -11.43 -10.09 -5.34
C ILE B 380 -10.76 -8.92 -4.62
N SER B 381 -10.11 -8.07 -5.39
CA SER B 381 -9.21 -7.06 -4.86
C SER B 381 -9.99 -5.90 -4.24
N TYR B 382 -9.24 -5.06 -3.51
CA TYR B 382 -9.78 -3.84 -2.94
C TYR B 382 -10.24 -2.88 -4.03
N GLU B 383 -9.46 -2.76 -5.11
CA GLU B 383 -9.83 -1.90 -6.22
C GLU B 383 -11.08 -2.41 -6.92
N GLU B 384 -11.22 -3.73 -7.04
CA GLU B 384 -12.42 -4.32 -7.61
C GLU B 384 -13.64 -4.09 -6.73
N TRP B 385 -13.45 -3.66 -5.48
CA TRP B 385 -14.54 -3.38 -4.57
C TRP B 385 -14.93 -1.90 -4.53
N ASN B 386 -13.95 -1.01 -4.39
CA ASN B 386 -14.24 0.40 -4.16
C ASN B 386 -13.38 1.30 -5.04
N ASP B 387 -13.42 1.06 -6.35
CA ASP B 387 -12.90 2.01 -7.34
C ASP B 387 -13.99 2.24 -8.37
N PRO B 388 -14.41 3.47 -8.60
CA PRO B 388 -15.44 3.74 -9.60
C PRO B 388 -14.93 3.41 -11.00
N PRO B 389 -15.82 3.14 -11.95
CA PRO B 389 -15.35 2.74 -13.28
C PRO B 389 -14.46 3.76 -13.95
N ALA B 390 -14.70 5.06 -13.75
CA ALA B 390 -13.78 6.06 -14.29
C ALA B 390 -12.40 5.90 -13.69
N VAL B 391 -12.33 5.71 -12.38
CA VAL B 391 -11.05 5.44 -11.72
C VAL B 391 -10.45 4.13 -12.19
N LYS B 392 -11.28 3.10 -12.41
CA LYS B 392 -10.76 1.83 -12.90
C LYS B 392 -10.11 1.98 -14.26
N TRP B 393 -10.74 2.74 -15.16
CA TRP B 393 -10.12 3.06 -16.43
C TRP B 393 -8.85 3.88 -16.25
N GLY B 394 -8.82 4.74 -15.23
CA GLY B 394 -7.64 5.53 -14.97
C GLY B 394 -6.63 4.90 -14.04
N SER B 395 -7.03 3.85 -13.33
CA SER B 395 -6.15 3.21 -12.36
C SER B 395 -5.00 2.50 -13.04
N VAL B 396 -4.08 1.97 -12.23
CA VAL B 396 -2.90 1.30 -12.75
C VAL B 396 -2.79 -0.12 -12.21
N SER B 397 -2.65 -0.24 -10.88
CA SER B 397 -2.45 -1.53 -10.22
C SER B 397 -1.20 -2.23 -10.75
N ASN B 398 -0.07 -1.62 -10.48
CA ASN B 398 1.21 -2.09 -11.01
C ASN B 398 1.55 -3.46 -10.46
N PRO B 399 1.86 -4.44 -11.32
CA PRO B 399 2.16 -5.79 -10.83
C PRO B 399 3.53 -5.91 -10.18
N LEU B 400 4.53 -5.22 -10.72
CA LEU B 400 5.88 -5.25 -10.17
C LEU B 400 6.13 -3.98 -9.35
N PHE B 401 5.55 -3.97 -8.15
CA PHE B 401 5.53 -2.75 -7.34
C PHE B 401 6.57 -2.74 -6.23
N LEU B 402 7.14 -3.87 -5.86
CA LEU B 402 8.02 -3.92 -4.69
C LEU B 402 9.31 -3.15 -4.96
N PRO B 403 9.64 -2.14 -4.18
CA PRO B 403 10.87 -1.39 -4.42
C PRO B 403 12.12 -2.19 -4.06
N LEU B 404 12.49 -3.14 -4.91
CA LEU B 404 13.68 -3.95 -4.72
C LEU B 404 14.70 -3.62 -5.81
N ILE B 405 15.97 -3.59 -5.43
CA ILE B 405 17.06 -3.35 -6.36
C ILE B 405 17.79 -4.66 -6.58
N PRO B 406 17.59 -5.33 -7.72
CA PRO B 406 18.27 -6.60 -7.95
C PRO B 406 19.77 -6.43 -7.93
N PRO B 407 20.50 -7.40 -7.38
CA PRO B 407 21.95 -7.26 -7.30
C PRO B 407 22.61 -7.42 -8.66
N GLN B 408 23.76 -6.77 -8.81
CA GLN B 408 24.54 -6.88 -10.04
C GLN B 408 25.19 -8.25 -10.18
N SER B 409 25.14 -9.08 -9.13
CA SER B 409 25.68 -10.44 -9.25
C SER B 409 24.92 -11.24 -10.30
N GLN B 410 23.60 -11.06 -10.37
CA GLN B 410 22.82 -11.64 -11.45
C GLN B 410 23.02 -10.83 -12.72
N GLY B 411 22.42 -11.29 -13.81
CA GLY B 411 22.56 -10.61 -15.09
C GLY B 411 21.28 -10.60 -15.90
N PHE B 412 21.40 -10.48 -17.21
CA PHE B 412 20.25 -10.39 -18.09
C PHE B 412 20.41 -11.37 -19.25
N THR B 413 19.27 -11.73 -19.84
CA THR B 413 19.22 -12.63 -20.98
C THR B 413 18.90 -11.84 -22.25
N ALA B 414 19.72 -12.02 -23.28
CA ALA B 414 19.58 -11.27 -24.53
C ALA B 414 18.84 -12.13 -25.53
N ILE B 415 17.65 -11.70 -25.93
CA ILE B 415 16.89 -12.35 -26.99
C ILE B 415 17.16 -11.60 -28.29
N VAL B 416 17.72 -12.29 -29.28
CA VAL B 416 18.04 -11.71 -30.58
C VAL B 416 17.17 -12.39 -31.62
N LEU B 417 16.40 -11.61 -32.36
CA LEU B 417 15.54 -12.11 -33.41
C LEU B 417 16.24 -11.87 -34.75
N THR B 418 16.54 -12.95 -35.47
CA THR B 418 17.32 -12.88 -36.69
C THR B 418 16.51 -13.41 -37.86
N TYR B 419 16.73 -12.80 -39.03
CA TYR B 419 16.07 -13.22 -40.26
C TYR B 419 16.96 -12.79 -41.43
N ASP B 420 17.78 -13.72 -41.90
CA ASP B 420 18.65 -13.49 -43.06
C ASP B 420 19.62 -12.34 -42.84
N ARG B 421 20.31 -12.38 -41.70
CA ARG B 421 21.41 -11.45 -41.42
C ARG B 421 22.55 -12.19 -40.70
N VAL B 422 22.91 -13.35 -41.23
CA VAL B 422 23.89 -14.21 -40.56
C VAL B 422 25.21 -13.49 -40.36
N GLU B 423 25.65 -12.73 -41.36
CA GLU B 423 26.91 -12.00 -41.24
C GLU B 423 26.83 -10.97 -40.12
N SER B 424 25.71 -10.27 -40.02
CA SER B 424 25.55 -9.26 -38.97
C SER B 424 25.13 -9.87 -37.64
N LEU B 425 24.54 -11.06 -37.66
CA LEU B 425 24.11 -11.70 -36.42
C LEU B 425 25.29 -12.04 -35.53
N PHE B 426 26.37 -12.57 -36.11
CA PHE B 426 27.55 -12.89 -35.31
C PHE B 426 28.16 -11.62 -34.75
N ARG B 427 28.02 -10.51 -35.47
CA ARG B 427 28.44 -9.23 -34.92
C ARG B 427 27.62 -8.85 -33.69
N VAL B 428 26.31 -9.11 -33.73
CA VAL B 428 25.48 -8.91 -32.56
C VAL B 428 25.93 -9.79 -31.41
N ILE B 429 26.27 -11.05 -31.69
CA ILE B 429 26.67 -11.97 -30.63
C ILE B 429 27.96 -11.49 -29.99
N THR B 430 28.96 -11.14 -30.79
CA THR B 430 30.23 -10.70 -30.24
C THR B 430 30.17 -9.30 -29.66
N GLU B 431 29.12 -8.54 -29.94
CA GLU B 431 28.97 -7.24 -29.28
C GLU B 431 28.25 -7.37 -27.95
N VAL B 432 27.19 -8.17 -27.90
CA VAL B 432 26.44 -8.36 -26.66
C VAL B 432 27.27 -9.15 -25.66
N SER B 433 28.04 -10.14 -26.14
CA SER B 433 28.78 -11.02 -25.24
C SER B 433 29.94 -10.32 -24.53
N LYS B 434 30.32 -9.11 -24.95
CA LYS B 434 31.42 -8.42 -24.31
C LYS B 434 31.01 -7.74 -23.02
N VAL B 435 29.73 -7.60 -22.74
CA VAL B 435 29.31 -6.89 -21.52
C VAL B 435 29.61 -7.77 -20.31
N PRO B 436 29.97 -7.19 -19.17
CA PRO B 436 30.34 -8.02 -18.02
C PRO B 436 29.17 -8.74 -17.38
N SER B 437 27.94 -8.24 -17.53
CA SER B 437 26.80 -8.74 -16.78
C SER B 437 25.86 -9.61 -17.61
N LEU B 438 26.29 -10.06 -18.78
CA LEU B 438 25.46 -10.98 -19.57
C LEU B 438 25.41 -12.34 -18.89
N SER B 439 24.21 -12.89 -18.76
CA SER B 439 24.02 -14.21 -18.18
C SER B 439 23.86 -15.28 -19.25
N LYS B 440 22.89 -15.11 -20.14
CA LYS B 440 22.57 -16.08 -21.16
C LYS B 440 22.17 -15.35 -22.43
N LEU B 441 22.59 -15.88 -23.58
CA LEU B 441 22.22 -15.33 -24.87
C LEU B 441 21.25 -16.29 -25.54
N LEU B 442 20.14 -15.75 -26.05
CA LEU B 442 19.12 -16.54 -26.69
C LEU B 442 18.81 -15.95 -28.05
N VAL B 443 18.90 -16.78 -29.09
CA VAL B 443 18.66 -16.36 -30.46
C VAL B 443 17.42 -17.06 -30.97
N VAL B 444 16.47 -16.28 -31.47
CA VAL B 444 15.19 -16.80 -31.96
C VAL B 444 15.28 -16.79 -33.48
N TRP B 445 15.55 -17.95 -34.06
CA TRP B 445 15.62 -18.09 -35.51
C TRP B 445 14.20 -18.15 -36.06
N ASN B 446 13.74 -17.05 -36.67
CA ASN B 446 12.35 -16.96 -37.10
C ASN B 446 12.15 -17.32 -38.56
N ASN B 447 13.20 -17.72 -39.27
CA ASN B 447 13.11 -18.05 -40.69
C ASN B 447 12.97 -19.56 -40.85
N GLN B 448 11.88 -19.99 -41.48
CA GLN B 448 11.61 -21.41 -41.64
C GLN B 448 12.19 -22.00 -42.93
N ASN B 449 12.87 -21.20 -43.74
CA ASN B 449 13.43 -21.68 -45.00
C ASN B 449 14.94 -21.84 -44.98
N LYS B 450 15.63 -21.27 -43.99
CA LYS B 450 17.07 -21.40 -43.87
C LYS B 450 17.40 -21.87 -42.46
N ASN B 451 18.25 -22.89 -42.37
CA ASN B 451 18.62 -23.44 -41.08
C ASN B 451 19.72 -22.61 -40.43
N PRO B 452 19.83 -22.67 -39.11
CA PRO B 452 20.93 -21.98 -38.44
C PRO B 452 22.27 -22.55 -38.90
N PRO B 453 23.30 -21.71 -38.93
CA PRO B 453 24.62 -22.20 -39.37
C PRO B 453 25.15 -23.30 -38.46
N GLU B 454 26.26 -23.89 -38.90
CA GLU B 454 26.88 -24.97 -38.14
C GLU B 454 27.40 -24.45 -36.81
N ASP B 455 27.33 -25.32 -35.80
CA ASP B 455 27.75 -24.94 -34.46
C ASP B 455 29.21 -24.54 -34.39
N SER B 456 30.03 -24.99 -35.35
CA SER B 456 31.39 -24.48 -35.44
C SER B 456 31.41 -23.04 -35.94
N LEU B 457 30.39 -22.63 -36.70
CA LEU B 457 30.32 -21.27 -37.19
C LEU B 457 29.91 -20.28 -36.11
N TRP B 458 29.18 -20.72 -35.10
CA TRP B 458 28.83 -19.83 -34.00
C TRP B 458 30.07 -19.41 -33.23
N PRO B 459 30.14 -18.17 -32.75
CA PRO B 459 31.36 -17.69 -32.10
C PRO B 459 31.47 -18.18 -30.67
N LYS B 460 32.70 -18.16 -30.16
CA LYS B 460 32.99 -18.61 -28.81
C LYS B 460 32.77 -17.45 -27.84
N ILE B 461 31.90 -17.67 -26.85
CA ILE B 461 31.53 -16.63 -25.90
C ILE B 461 31.59 -17.18 -24.50
N ARG B 462 31.64 -16.26 -23.53
CA ARG B 462 31.78 -16.61 -22.12
C ARG B 462 30.48 -17.13 -21.51
N VAL B 463 29.35 -16.85 -22.11
CA VAL B 463 28.05 -17.21 -21.55
C VAL B 463 27.38 -18.26 -22.42
N PRO B 464 26.40 -19.00 -21.91
CA PRO B 464 25.68 -19.94 -22.77
C PRO B 464 25.01 -19.23 -23.94
N LEU B 465 25.00 -19.90 -25.09
CA LEU B 465 24.25 -19.47 -26.25
C LEU B 465 23.43 -20.64 -26.76
N LYS B 466 22.15 -20.41 -26.99
CA LYS B 466 21.29 -21.43 -27.56
C LYS B 466 20.37 -20.80 -28.58
N VAL B 467 19.97 -21.61 -29.56
CA VAL B 467 19.13 -21.18 -30.66
C VAL B 467 17.81 -21.93 -30.59
N VAL B 468 16.71 -21.22 -30.81
CA VAL B 468 15.38 -21.79 -30.73
C VAL B 468 14.71 -21.67 -32.09
N ARG B 469 14.24 -22.80 -32.61
CA ARG B 469 13.49 -22.83 -33.86
C ARG B 469 12.04 -22.47 -33.60
N THR B 470 11.46 -21.71 -34.52
CA THR B 470 10.06 -21.29 -34.43
C THR B 470 9.24 -21.98 -35.51
N ALA B 471 8.14 -22.61 -35.10
CA ALA B 471 7.27 -23.30 -36.04
C ALA B 471 6.49 -22.34 -36.93
N GLU B 472 6.33 -21.09 -36.50
CA GLU B 472 5.64 -20.07 -37.28
C GLU B 472 6.50 -18.84 -37.36
N ASN B 473 6.31 -18.07 -38.42
CA ASN B 473 7.01 -16.79 -38.61
C ASN B 473 6.13 -15.69 -38.05
N LYS B 474 6.44 -15.24 -36.85
CA LYS B 474 5.71 -14.17 -36.19
C LYS B 474 6.70 -13.22 -35.55
N LEU B 475 6.32 -11.95 -35.45
CA LEU B 475 7.12 -11.01 -34.67
C LEU B 475 6.88 -11.17 -33.18
N SER B 476 5.88 -11.93 -32.78
CA SER B 476 5.63 -12.21 -31.38
C SER B 476 6.56 -13.28 -30.81
N ASN B 477 7.32 -13.97 -31.66
CA ASN B 477 8.28 -14.96 -31.18
C ASN B 477 9.41 -14.34 -30.37
N ARG B 478 9.62 -13.02 -30.49
CA ARG B 478 10.60 -12.36 -29.65
C ARG B 478 10.12 -12.25 -28.21
N PHE B 479 8.80 -12.13 -28.02
CA PHE B 479 8.22 -11.89 -26.71
C PHE B 479 7.55 -13.14 -26.13
N PHE B 480 8.18 -14.30 -26.28
CA PHE B 480 7.61 -15.46 -25.63
C PHE B 480 8.33 -15.73 -24.31
N PRO B 481 7.60 -16.10 -23.24
CA PRO B 481 8.27 -16.40 -21.96
C PRO B 481 8.97 -17.77 -21.98
N TYR B 482 10.17 -17.77 -22.55
CA TYR B 482 10.94 -19.00 -22.64
C TYR B 482 11.39 -19.47 -21.27
N ASP B 483 11.18 -20.75 -20.98
CA ASP B 483 11.62 -21.32 -19.71
C ASP B 483 13.14 -21.34 -19.59
N GLU B 484 13.85 -21.21 -20.70
CA GLU B 484 15.30 -21.19 -20.68
C GLU B 484 15.88 -19.90 -20.13
N ILE B 485 15.06 -18.88 -19.93
CA ILE B 485 15.51 -17.63 -19.35
C ILE B 485 15.37 -17.72 -17.83
N GLU B 486 16.49 -17.61 -17.13
CA GLU B 486 16.51 -17.76 -15.69
C GLU B 486 16.58 -16.43 -14.93
N THR B 487 16.92 -15.34 -15.63
CA THR B 487 17.07 -14.05 -14.98
C THR B 487 15.79 -13.25 -15.07
N GLU B 488 15.82 -12.05 -14.47
CA GLU B 488 14.66 -11.17 -14.47
C GLU B 488 14.66 -10.25 -15.67
N ALA B 489 15.82 -9.73 -16.06
CA ALA B 489 15.93 -8.75 -17.12
C ALA B 489 16.07 -9.42 -18.49
N VAL B 490 15.55 -8.76 -19.51
CA VAL B 490 15.60 -9.23 -20.89
C VAL B 490 16.09 -8.09 -21.77
N LEU B 491 17.12 -8.35 -22.55
CA LEU B 491 17.65 -7.38 -23.50
C LEU B 491 17.24 -7.83 -24.90
N ALA B 492 16.09 -7.35 -25.36
CA ALA B 492 15.59 -7.68 -26.68
C ALA B 492 16.26 -6.76 -27.68
N ILE B 493 17.14 -7.32 -28.51
CA ILE B 493 17.95 -6.55 -29.44
C ILE B 493 17.82 -7.15 -30.84
N ASP B 494 17.61 -6.28 -31.83
CA ASP B 494 17.49 -6.72 -33.21
C ASP B 494 18.85 -7.17 -33.76
N ASP B 495 18.81 -7.86 -34.89
CA ASP B 495 20.00 -8.42 -35.50
C ASP B 495 20.89 -7.40 -36.17
N ASP B 496 20.45 -6.15 -36.32
CA ASP B 496 21.23 -5.12 -36.99
C ASP B 496 21.68 -4.01 -36.03
N ILE B 497 21.87 -4.36 -34.76
CA ILE B 497 22.24 -3.40 -33.72
C ILE B 497 23.69 -3.69 -33.36
N ILE B 498 24.60 -2.87 -33.86
CA ILE B 498 26.03 -3.09 -33.65
C ILE B 498 26.65 -1.89 -32.96
N MET B 499 26.06 -0.71 -33.17
CA MET B 499 26.66 0.52 -32.69
C MET B 499 26.67 0.65 -31.17
N LEU B 500 25.92 -0.19 -30.46
CA LEU B 500 25.92 -0.15 -29.01
C LEU B 500 27.22 -0.75 -28.47
N THR B 501 27.94 0.02 -27.68
CA THR B 501 29.16 -0.49 -27.08
C THR B 501 28.83 -1.33 -25.85
N SER B 502 29.85 -2.01 -25.33
CA SER B 502 29.67 -2.80 -24.12
C SER B 502 29.28 -1.93 -22.94
N ASP B 503 29.92 -0.75 -22.82
CA ASP B 503 29.61 0.14 -21.71
C ASP B 503 28.19 0.67 -21.80
N GLU B 504 27.70 0.96 -23.02
CA GLU B 504 26.33 1.42 -23.16
C GLU B 504 25.34 0.36 -22.70
N LEU B 505 25.56 -0.89 -23.08
CA LEU B 505 24.66 -1.96 -22.66
C LEU B 505 24.74 -2.17 -21.15
N GLN B 506 25.94 -2.09 -20.58
CA GLN B 506 26.08 -2.22 -19.14
C GLN B 506 25.36 -1.10 -18.41
N PHE B 507 25.46 0.13 -18.93
CA PHE B 507 24.75 1.26 -18.35
C PHE B 507 23.25 1.07 -18.45
N GLY B 508 22.77 0.54 -19.58
CA GLY B 508 21.35 0.26 -19.70
C GLY B 508 20.89 -0.75 -18.68
N TYR B 509 21.67 -1.80 -18.46
CA TYR B 509 21.33 -2.78 -17.43
C TYR B 509 21.32 -2.14 -16.05
N GLU B 510 22.33 -1.32 -15.76
CA GLU B 510 22.43 -0.68 -14.45
C GLU B 510 21.23 0.23 -14.21
N VAL B 511 20.82 0.99 -15.22
CA VAL B 511 19.64 1.83 -15.10
C VAL B 511 18.40 0.97 -14.93
N TRP B 512 18.36 -0.18 -15.60
CA TRP B 512 17.22 -1.07 -15.41
C TRP B 512 17.15 -1.61 -13.99
N ARG B 513 18.30 -1.82 -13.35
CA ARG B 513 18.28 -2.28 -11.97
C ARG B 513 17.58 -1.28 -11.06
N GLU B 514 17.85 0.02 -11.28
CA GLU B 514 17.19 1.05 -10.50
C GLU B 514 15.73 1.24 -10.90
N PHE B 515 15.38 0.87 -12.14
CA PHE B 515 14.01 0.96 -12.63
C PHE B 515 13.61 -0.36 -13.27
N PRO B 516 13.42 -1.41 -12.47
CA PRO B 516 13.06 -2.72 -13.00
C PRO B 516 11.58 -2.92 -13.27
N ASP B 517 10.76 -1.88 -13.36
CA ASP B 517 9.32 -2.17 -13.63
C ASP B 517 8.86 -1.41 -14.88
N ARG B 518 9.81 -0.97 -15.70
CA ARG B 518 9.52 -0.10 -16.86
C ARG B 518 10.03 -0.67 -18.18
N LEU B 519 10.25 0.19 -19.16
CA LEU B 519 10.86 -0.24 -20.44
C LEU B 519 12.03 0.67 -20.72
N VAL B 520 13.20 0.19 -20.41
CA VAL B 520 14.41 1.01 -20.64
C VAL B 520 14.92 0.74 -22.05
N GLY B 521 14.61 1.61 -23.01
CA GLY B 521 15.01 1.42 -24.40
C GLY B 521 16.04 2.43 -24.83
N TYR B 522 16.83 2.13 -25.86
CA TYR B 522 17.82 3.10 -26.42
C TYR B 522 17.21 3.90 -27.59
N PRO B 523 16.37 3.35 -28.50
CA PRO B 523 15.69 4.18 -29.51
C PRO B 523 14.79 5.22 -28.87
N GLY B 524 14.82 6.44 -29.43
CA GLY B 524 14.00 7.52 -28.96
C GLY B 524 12.93 7.86 -29.98
N ARG B 525 11.68 7.75 -29.57
CA ARG B 525 10.55 8.03 -30.44
C ARG B 525 9.62 9.02 -29.76
N LEU B 526 8.52 9.34 -30.44
CA LEU B 526 7.50 10.22 -29.91
C LEU B 526 6.22 10.02 -30.71
N HIS B 527 5.10 10.45 -30.13
CA HIS B 527 3.84 10.52 -30.86
C HIS B 527 3.19 11.87 -30.60
N LEU B 528 2.60 12.44 -31.65
CA LEU B 528 1.97 13.75 -31.57
C LEU B 528 0.55 13.67 -32.09
N TRP B 529 -0.24 14.69 -31.78
CA TRP B 529 -1.64 14.75 -32.18
C TRP B 529 -1.78 15.67 -33.39
N ASP B 530 -2.36 15.15 -34.47
CA ASP B 530 -2.58 15.92 -35.69
C ASP B 530 -3.96 16.55 -35.60
N HIS B 531 -3.99 17.85 -35.30
CA HIS B 531 -5.27 18.55 -35.15
C HIS B 531 -6.03 18.58 -36.47
N GLU B 532 -5.32 18.76 -37.58
CA GLU B 532 -5.97 18.90 -38.88
C GLU B 532 -6.75 17.63 -39.25
N MET B 533 -6.14 16.47 -39.05
CA MET B 533 -6.76 15.21 -39.40
C MET B 533 -7.49 14.56 -38.23
N ASN B 534 -7.43 15.14 -37.03
CA ASN B 534 -8.06 14.59 -35.83
C ASN B 534 -7.64 13.15 -35.59
N LYS B 535 -6.34 12.91 -35.67
CA LYS B 535 -5.81 11.55 -35.47
C LYS B 535 -4.41 11.63 -34.91
N TRP B 536 -3.98 10.53 -34.29
CA TRP B 536 -2.63 10.41 -33.79
C TRP B 536 -1.64 10.28 -34.93
N LYS B 537 -0.46 10.87 -34.76
CA LYS B 537 0.59 10.81 -35.76
C LYS B 537 1.86 10.26 -35.14
N TYR B 538 2.38 9.20 -35.73
CA TYR B 538 3.68 8.66 -35.33
C TYR B 538 4.77 9.67 -35.61
N GLU B 539 5.74 9.76 -34.71
CA GLU B 539 6.85 10.68 -34.85
C GLU B 539 8.15 9.94 -34.64
N SER B 540 9.17 10.33 -35.40
CA SER B 540 10.49 9.73 -35.25
C SER B 540 11.61 10.74 -35.36
N GLU B 541 11.32 12.02 -35.59
CA GLU B 541 12.37 13.02 -35.69
C GLU B 541 12.92 13.32 -34.30
N TRP B 542 14.16 13.81 -34.28
CA TRP B 542 14.81 14.12 -33.02
C TRP B 542 14.11 15.30 -32.36
N THR B 543 13.32 15.02 -31.32
CA THR B 543 12.53 16.03 -30.63
C THR B 543 12.85 15.99 -29.15
N ASN B 544 12.46 17.05 -28.45
CA ASN B 544 12.67 17.15 -27.01
C ASN B 544 11.47 16.58 -26.23
N GLU B 545 11.06 15.36 -26.61
CA GLU B 545 9.95 14.67 -25.97
C GLU B 545 9.93 13.20 -26.40
N VAL B 546 9.76 12.28 -25.45
CA VAL B 546 9.78 10.85 -25.72
C VAL B 546 8.50 10.23 -25.19
N SER B 547 7.90 9.35 -25.97
CA SER B 547 6.72 8.61 -25.54
C SER B 547 6.90 7.12 -25.78
N MET B 548 7.83 6.77 -26.68
CA MET B 548 8.12 5.38 -27.01
C MET B 548 9.62 5.15 -27.00
N VAL B 549 10.01 3.95 -26.58
CA VAL B 549 11.34 3.43 -26.79
C VAL B 549 11.19 2.10 -27.52
N LEU B 550 11.86 1.96 -28.65
CA LEU B 550 11.64 0.79 -29.48
C LEU B 550 12.37 -0.42 -28.91
N THR B 551 11.88 -1.61 -29.27
CA THR B 551 12.47 -2.86 -28.83
C THR B 551 13.70 -3.25 -29.64
N GLY B 552 14.25 -2.30 -30.41
CA GLY B 552 15.54 -2.55 -31.03
C GLY B 552 16.63 -2.76 -30.00
N ALA B 553 16.53 -2.08 -28.86
CA ALA B 553 17.39 -2.35 -27.71
C ALA B 553 16.59 -1.94 -26.47
N ALA B 554 15.96 -2.91 -25.83
CA ALA B 554 15.06 -2.64 -24.72
C ALA B 554 15.34 -3.59 -23.56
N PHE B 555 15.57 -3.03 -22.38
CA PHE B 555 15.55 -3.79 -21.15
C PHE B 555 14.16 -3.78 -20.56
N TYR B 556 13.65 -4.95 -20.22
CA TYR B 556 12.33 -5.03 -19.63
C TYR B 556 12.22 -6.34 -18.86
N HIS B 557 11.25 -6.39 -17.97
CA HIS B 557 11.02 -7.58 -17.16
C HIS B 557 10.48 -8.70 -18.04
N LYS B 558 10.85 -9.94 -17.71
CA LYS B 558 10.27 -11.08 -18.41
C LYS B 558 8.77 -11.19 -18.18
N TYR B 559 8.26 -10.59 -17.11
CA TYR B 559 6.84 -10.50 -16.91
C TYR B 559 6.16 -9.75 -18.06
N PHE B 560 6.89 -8.84 -18.69
CA PHE B 560 6.35 -8.15 -19.86
C PHE B 560 6.25 -9.10 -21.05
N ASN B 561 7.21 -10.01 -21.20
CA ASN B 561 7.06 -11.06 -22.21
C ASN B 561 5.84 -11.92 -21.92
N TYR B 562 5.65 -12.30 -20.67
CA TYR B 562 4.46 -13.07 -20.30
C TYR B 562 3.19 -12.30 -20.62
N LEU B 563 3.18 -11.00 -20.34
CA LEU B 563 2.00 -10.18 -20.62
C LEU B 563 1.73 -10.09 -22.11
N TYR B 564 2.76 -9.88 -22.93
CA TYR B 564 2.56 -9.84 -24.37
C TYR B 564 2.00 -11.16 -24.86
N THR B 565 2.53 -12.27 -24.35
CA THR B 565 2.14 -13.57 -24.90
C THR B 565 0.74 -13.99 -24.46
N TYR B 566 0.32 -13.63 -23.25
CA TYR B 566 -0.92 -14.18 -22.72
C TYR B 566 -1.98 -13.18 -22.29
N LYS B 567 -1.71 -11.87 -22.33
CA LYS B 567 -2.64 -10.89 -21.79
C LYS B 567 -2.81 -9.63 -22.64
N MET B 568 -2.19 -9.55 -23.81
CA MET B 568 -2.33 -8.35 -24.63
C MET B 568 -3.77 -8.20 -25.09
N PRO B 569 -4.37 -7.03 -24.91
CA PRO B 569 -5.81 -6.88 -25.22
C PRO B 569 -6.10 -6.95 -26.70
N GLY B 570 -7.28 -7.46 -27.01
CA GLY B 570 -7.75 -7.53 -28.38
C GLY B 570 -6.90 -8.46 -29.23
N ASP B 571 -6.93 -8.19 -30.54
CA ASP B 571 -6.15 -8.95 -31.51
C ASP B 571 -4.89 -8.22 -31.92
N ILE B 572 -4.28 -7.47 -30.99
CA ILE B 572 -3.07 -6.71 -31.30
C ILE B 572 -1.94 -7.65 -31.69
N LYS B 573 -1.79 -8.75 -30.95
CA LYS B 573 -0.77 -9.74 -31.30
C LYS B 573 -1.04 -10.32 -32.69
N ASN B 574 -2.28 -10.71 -32.94
CA ASN B 574 -2.64 -11.26 -34.25
C ASN B 574 -2.44 -10.23 -35.35
N TRP B 575 -2.85 -8.99 -35.11
CA TRP B 575 -2.74 -7.96 -36.14
C TRP B 575 -1.28 -7.64 -36.45
N VAL B 576 -0.44 -7.53 -35.42
CA VAL B 576 0.97 -7.25 -35.64
C VAL B 576 1.64 -8.40 -36.36
N ASP B 577 1.27 -9.64 -36.02
CA ASP B 577 1.80 -10.79 -36.75
C ASP B 577 1.36 -10.76 -38.20
N ALA B 578 0.10 -10.39 -38.46
CA ALA B 578 -0.40 -10.35 -39.82
C ALA B 578 0.32 -9.29 -40.65
N HIS B 579 0.51 -8.09 -40.10
CA HIS B 579 1.12 -7.00 -40.84
C HIS B 579 2.63 -6.97 -40.69
N MET B 580 3.20 -7.85 -39.86
CA MET B 580 4.65 -7.98 -39.72
C MET B 580 5.30 -6.64 -39.40
N ASN B 581 4.59 -5.81 -38.64
CA ASN B 581 5.10 -4.50 -38.27
C ASN B 581 4.45 -4.06 -36.96
N CYS B 582 5.14 -3.14 -36.29
CA CYS B 582 4.62 -2.46 -35.09
C CYS B 582 4.51 -3.40 -33.89
N GLU B 583 5.58 -4.13 -33.60
CA GLU B 583 5.60 -4.93 -32.38
C GLU B 583 6.15 -4.12 -31.21
N ASP B 584 7.13 -3.25 -31.46
CA ASP B 584 7.69 -2.41 -30.41
C ASP B 584 6.65 -1.43 -29.88
N ILE B 585 5.83 -0.88 -30.76
CA ILE B 585 4.78 0.04 -30.33
C ILE B 585 3.79 -0.69 -29.41
N ALA B 586 3.40 -1.91 -29.79
CA ALA B 586 2.49 -2.68 -28.95
C ALA B 586 3.11 -2.99 -27.60
N MET B 587 4.40 -3.34 -27.59
CA MET B 587 5.06 -3.62 -26.31
C MET B 587 5.09 -2.39 -25.42
N ASN B 588 5.43 -1.23 -25.98
CA ASN B 588 5.45 -0.01 -25.18
C ASN B 588 4.06 0.33 -24.68
N PHE B 589 3.04 0.15 -25.51
CA PHE B 589 1.68 0.38 -25.09
C PHE B 589 1.30 -0.51 -23.92
N LEU B 590 1.63 -1.80 -24.01
CA LEU B 590 1.30 -2.72 -22.92
C LEU B 590 2.05 -2.35 -21.65
N VAL B 591 3.33 -2.00 -21.77
CA VAL B 591 4.12 -1.65 -20.59
C VAL B 591 3.55 -0.41 -19.91
N ALA B 592 3.21 0.61 -20.69
CA ALA B 592 2.64 1.82 -20.12
C ALA B 592 1.25 1.58 -19.55
N ASN B 593 0.48 0.65 -20.12
CA ASN B 593 -0.84 0.37 -19.61
C ASN B 593 -0.79 -0.38 -18.28
N VAL B 594 0.14 -1.34 -18.16
CA VAL B 594 0.15 -2.18 -16.97
C VAL B 594 0.97 -1.56 -15.85
N THR B 595 2.05 -0.86 -16.19
CA THR B 595 2.92 -0.27 -15.19
C THR B 595 2.44 1.09 -14.74
N GLY B 596 1.79 1.84 -15.63
CA GLY B 596 1.24 3.12 -15.27
C GLY B 596 2.21 4.28 -15.35
N LYS B 597 3.48 4.03 -15.61
CA LYS B 597 4.44 5.10 -15.71
C LYS B 597 5.21 4.96 -17.01
N ALA B 598 5.69 6.09 -17.51
CA ALA B 598 6.28 6.16 -18.83
C ALA B 598 7.58 5.38 -18.87
N VAL B 599 8.06 5.15 -20.08
CA VAL B 599 9.32 4.46 -20.33
C VAL B 599 10.47 5.35 -19.88
N ILE B 600 11.66 4.78 -19.81
CA ILE B 600 12.86 5.55 -19.52
C ILE B 600 13.85 5.32 -20.64
N LYS B 601 14.09 6.35 -21.44
CA LYS B 601 15.07 6.28 -22.51
C LYS B 601 16.46 6.57 -21.94
N VAL B 602 17.43 5.79 -22.38
CA VAL B 602 18.80 5.93 -21.91
C VAL B 602 19.69 6.35 -23.07
N THR B 603 20.76 7.07 -22.74
CA THR B 603 21.82 7.49 -23.64
C THR B 603 21.34 8.48 -24.70
N PRO B 604 22.21 9.35 -25.20
CA PRO B 604 21.83 10.27 -26.28
C PRO B 604 21.87 9.64 -27.66
N ARG B 605 22.25 8.37 -27.77
CA ARG B 605 22.37 7.73 -29.07
C ARG B 605 21.00 7.62 -29.74
N LYS B 606 20.95 7.95 -31.04
CA LYS B 606 19.71 7.95 -31.79
C LYS B 606 19.77 7.16 -33.09
N LYS B 607 20.95 6.91 -33.65
CA LYS B 607 21.09 6.26 -34.94
C LYS B 607 21.34 4.78 -34.75
N PHE B 608 20.72 3.96 -35.61
CA PHE B 608 20.78 2.51 -35.47
C PHE B 608 21.03 1.76 -36.77
N LYS B 609 21.31 2.46 -37.88
CA LYS B 609 21.66 1.82 -39.14
C LYS B 609 22.95 2.44 -39.63
N CYS B 610 24.07 1.73 -39.47
CA CYS B 610 25.34 2.24 -39.97
C CYS B 610 25.34 2.43 -41.48
N PRO B 611 24.91 1.45 -42.30
CA PRO B 611 24.82 1.76 -43.73
C PRO B 611 23.72 2.76 -44.05
N THR B 624 5.61 3.93 -47.34
CA THR B 624 4.41 3.19 -46.93
C THR B 624 4.61 2.58 -45.55
N HIS B 625 5.87 2.60 -45.08
CA HIS B 625 6.17 2.05 -43.76
C HIS B 625 5.69 2.98 -42.65
N MET B 626 5.90 4.28 -42.80
CA MET B 626 5.56 5.23 -41.75
C MET B 626 4.05 5.42 -41.61
N VAL B 627 3.32 5.46 -42.73
CA VAL B 627 1.87 5.52 -42.64
C VAL B 627 1.33 4.26 -41.99
N GLU B 628 2.00 3.13 -42.20
CA GLU B 628 1.63 1.92 -41.48
C GLU B 628 1.82 2.10 -39.98
N ARG B 629 2.90 2.76 -39.56
CA ARG B 629 3.12 3.00 -38.14
C ARG B 629 2.06 3.92 -37.56
N SER B 630 1.67 4.96 -38.31
CA SER B 630 0.61 5.84 -37.85
C SER B 630 -0.70 5.08 -37.70
N GLU B 631 -1.01 4.22 -38.67
CA GLU B 631 -2.20 3.38 -38.57
C GLU B 631 -2.11 2.46 -37.38
N CYS B 632 -0.91 1.94 -37.09
CA CYS B 632 -0.70 1.10 -35.93
C CYS B 632 -1.03 1.85 -34.65
N ILE B 633 -0.51 3.07 -34.52
CA ILE B 633 -0.78 3.85 -33.31
C ILE B 633 -2.27 4.13 -33.19
N ASN B 634 -2.92 4.49 -34.29
CA ASN B 634 -4.35 4.79 -34.24
C ASN B 634 -5.15 3.56 -33.82
N LYS B 635 -4.83 2.40 -34.40
CA LYS B 635 -5.55 1.18 -34.05
C LYS B 635 -5.30 0.80 -32.60
N PHE B 636 -4.07 0.91 -32.13
CA PHE B 636 -3.77 0.54 -30.75
C PHE B 636 -4.48 1.46 -29.77
N ALA B 637 -4.50 2.76 -30.07
CA ALA B 637 -5.26 3.68 -29.23
C ALA B 637 -6.75 3.36 -29.26
N SER B 638 -7.26 2.92 -30.40
CA SER B 638 -8.66 2.51 -30.49
C SER B 638 -8.92 1.29 -29.60
N VAL B 639 -8.00 0.31 -29.61
CA VAL B 639 -8.19 -0.91 -28.85
C VAL B 639 -8.20 -0.62 -27.36
N PHE B 640 -7.23 0.17 -26.88
CA PHE B 640 -7.17 0.50 -25.47
C PHE B 640 -8.24 1.51 -25.06
N GLY B 641 -8.78 2.26 -26.02
CA GLY B 641 -9.75 3.29 -25.71
C GLY B 641 -9.17 4.59 -25.23
N THR B 642 -7.86 4.68 -25.10
CA THR B 642 -7.17 5.90 -24.66
C THR B 642 -5.72 5.78 -25.10
N MET B 643 -4.92 6.76 -24.72
CA MET B 643 -3.49 6.69 -24.96
C MET B 643 -2.78 6.39 -23.65
N PRO B 644 -2.48 5.12 -23.36
CA PRO B 644 -1.77 4.79 -22.12
C PRO B 644 -0.37 5.36 -22.06
N LEU B 645 0.21 5.71 -23.20
CA LEU B 645 1.55 6.26 -23.22
C LEU B 645 1.59 7.62 -22.55
N LYS B 646 2.75 7.94 -21.98
CA LYS B 646 2.98 9.21 -21.31
C LYS B 646 4.21 9.86 -21.92
N VAL B 647 4.23 11.19 -21.93
CA VAL B 647 5.32 11.96 -22.52
C VAL B 647 6.25 12.41 -21.41
N VAL B 648 7.54 12.16 -21.59
CA VAL B 648 8.57 12.56 -20.65
C VAL B 648 9.74 13.14 -21.44
N GLU B 649 10.71 13.70 -20.71
CA GLU B 649 11.93 14.21 -21.29
C GLU B 649 13.13 13.61 -20.56
N HIS B 650 13.05 12.32 -20.28
CA HIS B 650 14.01 11.61 -19.44
C HIS B 650 15.01 10.86 -20.32
N ARG B 651 16.20 11.41 -20.44
CA ARG B 651 17.32 10.74 -21.10
C ARG B 651 18.30 10.39 -19.99
N ALA B 652 18.10 9.23 -19.37
CA ALA B 652 18.98 8.81 -18.28
C ALA B 652 20.40 8.67 -18.80
N ASP B 653 21.32 9.36 -18.14
CA ASP B 653 22.72 9.37 -18.52
C ASP B 653 23.56 8.92 -17.34
N PRO B 654 24.77 8.42 -17.59
CA PRO B 654 25.69 8.19 -16.47
C PRO B 654 25.97 9.50 -15.75
N VAL B 655 26.10 9.42 -14.44
CA VAL B 655 26.58 10.58 -13.70
C VAL B 655 28.04 10.82 -14.07
N LEU B 656 28.49 12.05 -13.84
CA LEU B 656 29.80 12.51 -14.31
C LEU B 656 29.91 12.41 -15.83
N TYR B 657 28.81 12.69 -16.53
CA TYR B 657 28.79 12.57 -17.99
C TYR B 657 29.41 13.80 -18.63
N LYS B 658 30.35 13.58 -19.53
CA LYS B 658 31.04 14.65 -20.25
C LYS B 658 31.65 15.68 -19.30
N ASP B 659 32.29 15.21 -18.24
CA ASP B 659 32.96 16.10 -17.30
C ASP B 659 34.47 16.04 -17.48
N ASP B 660 35.16 16.99 -16.85
CA ASP B 660 36.62 17.06 -16.89
C ASP B 660 37.21 16.13 -15.83
N PHE B 661 36.89 14.85 -15.97
CA PHE B 661 37.27 13.80 -15.04
C PHE B 661 38.12 12.76 -15.76
N PRO B 662 39.02 12.09 -15.03
CA PRO B 662 39.79 11.00 -15.67
C PRO B 662 38.88 9.91 -16.19
N GLU B 663 39.27 9.34 -17.33
CA GLU B 663 38.44 8.33 -17.98
C GLU B 663 38.42 7.01 -17.21
N LYS B 664 39.53 6.67 -16.55
CA LYS B 664 39.61 5.39 -15.85
C LYS B 664 38.59 5.31 -14.72
N LEU B 665 38.44 6.39 -13.96
CA LEU B 665 37.56 6.37 -12.80
C LEU B 665 36.08 6.38 -13.19
N LYS B 666 35.75 6.80 -14.40
CA LYS B 666 34.37 6.83 -14.84
C LYS B 666 33.80 5.42 -14.91
N SER B 667 32.52 5.29 -14.55
CA SER B 667 31.87 3.98 -14.61
C SER B 667 31.70 3.52 -16.06
N PHE B 668 31.23 4.43 -16.92
CA PHE B 668 30.95 4.10 -18.33
C PHE B 668 31.58 5.16 -19.23
N PRO B 669 32.90 5.16 -19.36
CA PRO B 669 33.55 6.17 -20.21
C PRO B 669 33.59 5.78 -21.67
N ASN B 670 32.47 5.24 -22.18
CA ASN B 670 32.39 4.86 -23.59
C ASN B 670 31.00 5.12 -24.13
N ILE B 671 30.40 6.25 -23.76
CA ILE B 671 29.09 6.65 -24.26
C ILE B 671 29.25 7.97 -25.01
N GLY B 672 28.89 7.97 -26.29
CA GLY B 672 28.97 9.17 -27.10
C GLY B 672 28.42 8.96 -28.50
N SER B 673 27.56 9.86 -28.94
CA SER B 673 26.95 9.74 -30.27
C SER B 673 26.46 11.10 -30.77
C1 NAG C . -5.28 0.13 -20.16
C2 NAG C . -5.93 1.49 -19.99
C3 NAG C . -7.42 1.33 -19.69
C4 NAG C . -8.08 0.47 -20.75
C5 NAG C . -7.35 -0.85 -20.88
C6 NAG C . -7.88 -1.73 -21.99
C7 NAG C . -4.50 3.31 -19.16
C8 NAG C . -3.91 3.95 -17.95
N2 NAG C . -5.27 2.23 -18.92
O3 NAG C . -8.02 2.62 -19.65
O4 NAG C . -9.44 0.20 -20.38
O5 NAG C . -5.96 -0.60 -21.18
O6 NAG C . -7.11 -2.91 -22.14
O7 NAG C . -4.31 3.74 -20.29
C1 NAG C . -10.31 0.90 -21.28
C2 NAG C . -11.72 0.40 -21.03
C3 NAG C . -12.71 1.15 -21.91
C4 NAG C . -12.56 2.65 -21.73
C5 NAG C . -11.10 3.07 -21.92
C6 NAG C . -10.85 4.52 -21.60
C7 NAG C . -12.20 -1.89 -20.30
C8 NAG C . -12.25 -3.33 -20.71
N2 NAG C . -11.82 -1.03 -21.25
O3 NAG C . -14.03 0.74 -21.59
O4 NAG C . -13.36 3.35 -22.67
O5 NAG C . -10.24 2.30 -21.06
O6 NAG C . -11.60 4.94 -20.47
O7 NAG C . -12.51 -1.53 -19.18
C1 BMA C . -14.62 3.74 -22.10
C2 BMA C . -15.04 5.10 -22.71
C3 BMA C . -16.47 5.44 -22.30
C4 BMA C . -17.42 4.28 -22.52
C5 BMA C . -16.89 3.03 -21.79
C6 BMA C . -17.77 1.83 -21.98
O2 BMA C . -15.02 5.04 -24.12
O3 BMA C . -16.95 6.60 -22.99
O4 BMA C . -18.71 4.58 -22.04
O5 BMA C . -15.60 2.73 -22.33
O6 BMA C . -17.06 0.69 -21.54
C1 NDG D . 23.03 15.86 -37.49
C2 NDG D . 21.72 16.46 -38.05
C3 NDG D . 20.59 15.44 -37.89
C4 NDG D . 20.95 14.13 -38.57
C5 NDG D . 22.32 13.64 -38.06
C6 NDG D . 22.87 12.44 -38.84
C7 NDG D . 22.02 18.88 -37.58
C8 NDG D . 21.42 20.08 -36.83
O5 NDG D . 23.32 14.66 -38.18
O3 NDG D . 19.40 16.01 -38.43
O4 NDG D . 19.92 13.20 -38.22
O6 NDG D . 24.30 12.40 -38.80
O7 NDG D . 23.04 18.98 -38.26
N2 NDG D . 21.32 17.72 -37.43
O1 NDG D . 22.85 15.65 -36.10
C1 BDP D . 19.01 12.97 -39.31
C2 BDP D . 19.34 11.61 -39.91
C3 BDP D . 18.24 10.97 -40.64
C4 BDP D . 16.96 11.00 -39.89
C5 BDP D . 16.60 12.44 -39.60
C6 BDP D . 15.32 12.46 -38.85
O2 BDP D . 20.47 11.75 -40.83
O3 BDP D . 18.66 9.54 -40.92
O4 BDP D . 15.90 10.42 -40.66
O5 BDP D . 17.62 13.12 -38.81
O6A BDP D . 14.27 12.73 -39.42
O6B BDP D . 15.32 12.21 -37.63
C1 NDG D . 15.66 9.05 -40.27
C2 NDG D . 14.13 8.80 -40.20
C3 NDG D . 13.76 7.88 -39.04
C4 NDG D . 14.78 6.76 -38.86
C5 NDG D . 16.18 7.35 -38.62
C6 NDG D . 17.28 6.65 -39.42
C7 NDG D . 12.11 10.14 -40.73
C8 NDG D . 11.41 11.48 -40.52
O5 NDG D . 16.25 8.74 -39.01
O3 NDG D . 12.46 7.36 -39.29
O4 NDG D . 14.35 6.01 -37.74
O6 NDG D . 17.29 5.24 -39.18
O7 NDG D . 11.60 9.24 -41.38
N2 NDG D . 13.32 10.02 -40.12
C1 BDP D . 13.86 4.72 -38.13
C2 BDP D . 14.66 3.67 -37.37
C3 BDP D . 14.08 2.33 -37.45
C4 BDP D . 12.66 2.33 -37.04
C5 BDP D . 11.85 3.27 -37.90
C6 BDP D . 10.48 3.32 -37.37
O2 BDP D . 16.02 3.61 -37.90
O3 BDP D . 14.86 1.41 -36.53
O4 BDP D . 12.13 1.01 -37.18
O5 BDP D . 12.40 4.63 -37.91
O6A BDP D . 9.75 4.29 -37.64
O6B BDP D . 10.06 2.41 -36.66
N1 UDP E . 12.97 -24.09 14.11
C2 UDP E . 14.24 -24.09 13.58
N3 UDP E . 14.62 -25.28 13.00
C4 UDP E . 13.88 -26.44 12.92
C5 UDP E . 12.57 -26.35 13.50
C6 UDP E . 12.17 -25.20 14.06
O2 UDP E . 14.98 -23.12 13.60
O4 UDP E . 14.35 -27.45 12.38
C1' UDP E . 12.50 -22.84 14.73
C2' UDP E . 11.65 -21.99 13.80
O2' UDP E . 12.50 -21.13 13.04
C3' UDP E . 10.81 -21.21 14.80
C4' UDP E . 10.58 -22.22 15.92
O4' UDP E . 11.65 -23.18 15.81
O3' UDP E . 11.50 -20.07 15.29
C5' UDP E . 9.26 -22.95 15.89
O5' UDP E . 9.54 -24.35 15.69
PA UDP E . 9.28 -25.41 16.84
O1A UDP E . 10.51 -25.47 17.65
O2A UDP E . 8.75 -26.71 16.27
O3A UDP E . 8.10 -24.78 17.68
PB UDP E . 6.57 -25.07 17.37
O1B UDP E . 6.50 -24.87 15.85
O2B UDP E . 6.42 -26.55 17.70
O3B UDP E . 5.67 -24.17 18.14
C1 NAG F . 18.05 -24.26 -1.33
C2 NAG F . 18.74 -25.52 -1.83
C3 NAG F . 20.25 -25.34 -1.78
C4 NAG F . 20.67 -24.08 -2.53
C5 NAG F . 19.89 -22.89 -2.00
C6 NAG F . 20.16 -21.61 -2.78
C7 NAG F . 18.21 -27.91 -1.59
C8 NAG F . 17.78 -28.99 -0.65
N2 NAG F . 18.33 -26.68 -1.06
O3 NAG F . 20.87 -26.49 -2.37
O4 NAG F . 22.07 -23.86 -2.35
O5 NAG F . 18.48 -23.14 -2.09
O6 NAG F . 20.31 -20.50 -1.92
O7 NAG F . 18.45 -28.13 -2.77
N1 UDP G . 12.05 -9.78 -38.94
C2 UDP G . 11.19 -10.78 -38.52
N3 UDP G . 10.39 -11.31 -39.50
C4 UDP G . 10.37 -10.95 -40.84
C5 UDP G . 11.29 -9.91 -41.19
C6 UDP G . 12.07 -9.37 -40.25
O2 UDP G . 11.12 -11.16 -37.36
O4 UDP G . 9.60 -11.53 -41.62
C1' UDP G . 12.91 -9.15 -37.93
C2' UDP G . 14.29 -8.79 -38.45
O2' UDP G . 15.17 -9.89 -38.31
C3' UDP G . 14.67 -7.63 -37.52
C4' UDP G . 13.33 -6.98 -37.20
O4' UDP G . 12.31 -7.94 -37.52
O3' UDP G . 15.30 -8.10 -36.34
C5' UDP G . 13.03 -5.67 -37.89
O5' UDP G . 13.55 -5.68 -39.24
PA UDP G . 14.44 -4.50 -39.80
O1A UDP G . 15.81 -5.04 -39.97
O2A UDP G . 14.29 -3.24 -38.95
O3A UDP G . 13.81 -4.17 -41.21
PB UDP G . 12.30 -3.77 -41.45
O1B UDP G . 12.15 -2.71 -42.49
O2B UDP G . 11.65 -5.10 -41.84
O3B UDP G . 11.83 -3.34 -40.07
MN MN H . 15.94 -2.75 -38.69
#